data_8THG
#
_entry.id   8THG
#
_cell.length_a   1.00
_cell.length_b   1.00
_cell.length_c   1.00
_cell.angle_alpha   90.00
_cell.angle_beta   90.00
_cell.angle_gamma   90.00
#
_symmetry.space_group_name_H-M   'P 1'
#
loop_
_entity.id
_entity.type
_entity.pdbx_description
1 polymer 'Sodium channel protein type 9 subunit alpha'
2 polymer 'Sodium channel subunit beta-1'
3 polymer 'Sodium channel subunit beta-2'
4 branched 2-acetamido-2-deoxy-beta-D-glucopyranose-(1-4)-2-acetamido-2-deoxy-beta-D-glucopyranose
5 non-polymer 2-acetamido-2-deoxy-beta-D-glucopyranose
6 non-polymer 6-(trifluoromethoxy)-1,3-benzothiazol-2-amine
7 non-polymer 'CHOLESTEROL HEMISUCCINATE'
8 non-polymer 1-O-OCTADECYL-SN-GLYCERO-3-PHOSPHOCHOLINE
9 non-polymer 1,2-DIOLEOYL-SN-GLYCERO-3-PHOSPHOCHOLINE
10 non-polymer O-[(R)-{[(2R)-2,3-bis(octadecanoyloxy)propyl]oxy}(hydroxy)phosphoryl]-L-serine
11 water water
#
loop_
_entity_poly.entity_id
_entity_poly.type
_entity_poly.pdbx_seq_one_letter_code
_entity_poly.pdbx_strand_id
1 'polypeptide(L)'
;MAMLPPPGPQSFVHFTKQSLALIEQRIAERKSKEPKEEKKDDDEEAPKPSSDLEAGKQLPFIYGDIPPGMVSEPLEDLDP
YYADKKTFIVLNKGKTIFRFNATPALYMLSPFSPLRRISIKILVHSLFSMLIMCTILTNCIFMTMNNPPDWTKNVEYTFT
GIYTFESLVKILARGFCVGEFTFLRDPWNWLDFVVIVFAYLTEFVNLGNVSALRTFRVLRALKTISVIPGLKTIVGALIQ
SVKKLSDVMILTVFCLSVFALIGLQLFMGNLKHKCFRNSLENNETLESIMNTLESEEDFRKYFYYLEGSKDALLCGFSTD
SGQCPEGYTCVKIGRNPDYGYTSFDTFSWAFLALFRLMTQDYWENLYQQTLRAAGKTYMIFFVVVIFLGSFYLINLILAV
VAMAYEEQNQANIEEAKQKELEFQQMLDRLKKEQEEAEAIAAAAAEYTSIRRSRIMGLSESSSETSKLSSKSAKERRNRR
KKKNQKKLSSGEEKGDAEKLSKSESEDSIRRKSFHLGVEGHRRAHEKRLSTPNQSPLSIRGSLFSARRSSRTSLFSFKGR
GRDIGSETEFADDEHSIFGDNESRRGSLFVPHRPQERRSSNISQASRSPPMLPVNGKMHSAVDCNGVVSLVDGRSALMLP
NGQLLPEVIIDKATSDDSGTTNQIHKKRRCSSYLLSEDMLNDPNLRQRAMSRASILTNTVEELEESRQKCPPWWYRFAHK
FLIWNCSPYWIKFKKCIYFIVMDPFVDLAITICIVLNTLFMAMEHHPMTEEFKNVLAIGNLVFTGIFAAEMVLKLIAMDP
YEYFQVGWNIFDSLIVTLSLVELFLADVEGLSVLRSFRLLRVFKLAKSWPTLNMLIKIIGNSVGALGNLTLVLAIIVFIF
AVVGMQLFGKSYKECVCKINDDCTLPRWHMNDFFHSFLIVFRVLCGEWIETMWDCMEVAGQAMCLIVYMMVMVIGNLVVL
NLFLALLLSSFSSDNLTAIEEDPDANNLQIAVTRIKKGINYVKQTLREFILKAFSKKPKISREIRQAEDLNTKKENYISN
HTLAEMSKGHNFLKEKDKISGFGSSVDKHLMEDSDGQSFIHNPSLTVTVPIAPGESDLENMNAEELSSDSDSEYSKVRLN
RSSSSECSTVDNPLPGEGEEAEAEPMNSDEPEACFTDGCVWRFSCCQVNIESGKGKIWWNIRKTCYKIVEHSWFESFIVL
MILLSSGALAFEDIYIERKKTIKIILEYADKIFTYIFILEMLLKWIAYGYKTYFTNAWCWLDFLIVDVSLVTLVANTLGY
SDLGPIKSLRTLRALRPLRALSRFEGMRVVVNALIGAIPSIMNVLLVCLIFWLIFSIMGVNLFAGKFYECINTTDGSRFP
ASQVPNRSECFALMNVSQNVRWKNLKVNFDNVGLGYLSLLQVATFKGWTIIMYAAVDSVNVDKQPKYEYSLYMYIYFVVF
IIFGSFFTLNLFIGVIIDNFNQQKKKLGGQDIFMTEEQKKYYNAMKKLGSKKPQKPIPRPGNKIQGCIFDLVTNQAFDIS
IMVLICLNMVTMMVEKEGQSQHMTEVLYWINVVFIILFTGECVLKLISLRHYYFTVGWNIFDFVVVIISIVGMFLADLIE
TYFVSPTLFRVIRLARIGRILRLVKGAKGIRTLLFALMMSLPALFNIGLLLFLVMFIYAIFGMSNFAYVKKEDGINDMFN
FETFGNSMICLFQITTSAGWDGLLAPILNSKPPDCDPKKVHPGSSVEGDCGNPSVGIFYFVSYIIISFLVVVNMYIAVIL
ENFSVATEESTEPLSEDDFEMFYEVWEKFDPDATQFIEFSKLSDFAAALDPPLLIAKPNKVQLIAMDLPMVSGDRIHCLD
ILFAFTKRVLGESGEMDSLRSQMEERFMSANPSKVSYEPITTTLKRKQEDVSATVIQRAYRRYRLRQNVKNISSIYIKDG
DRDDDLLNKKDMAFDNVNENSSPEKTDATSSTTSPPSYDSVTKPDKEKYEQDRTEKEDKGKDSKESKK
;
A
2 'polypeptide(L)'
;MGRLLALVVGAALVSSACGGCVEVDSETEAVYGMTFKILCISCKRRSETNAETFTEWTFRQKGTEEFVKILRYENEVLQL
EEDERFEGRVVWNGSRGTKDLQDLSIFITNVTYNHSGDYECHVYRLLFFENYEHNTSVVKKIHIEVVDKANRDMASIVSE
IMMYVLIVVLTIWLVAEMIYCYKKIAAATETAAQENASEYLAITSESKENCTGVQVAE
;
B
3 'polypeptide(L)'
;MHRDAWLPRPAFSLTGLSLFFSLVPPGRSMEVTVPATLNVLNGSDARLPCTFNSCYTVNHKQFSLNWTYQECNNCSEEMF
LQFRMKIINLKLERFQDRVEFSGNPSKYDVSVMLRNVQPEDEGIYNCYIMNPPDRHRGHGKIHLQVLMEEPPERDSTVAV
IVGASVGGFLAVVILVLMVVKCVRRKKEQKLSTDDLKTEEEGKTDGEGNPDDGAK
;
C
#
# COMPACT_ATOMS: atom_id res chain seq x y z
N GLY A 8 -43.52 40.94 -10.90
CA GLY A 8 -44.86 41.00 -11.54
C GLY A 8 -44.81 40.71 -13.02
N PRO A 9 -45.84 40.05 -13.57
CA PRO A 9 -45.83 39.76 -15.01
C PRO A 9 -45.67 41.00 -15.87
N GLN A 10 -46.25 42.13 -15.46
CA GLN A 10 -46.15 43.34 -16.26
C GLN A 10 -44.70 43.79 -16.42
N SER A 11 -43.83 43.40 -15.49
CA SER A 11 -42.42 43.80 -15.52
C SER A 11 -41.67 42.96 -16.55
N PHE A 12 -42.03 43.18 -17.82
CA PHE A 12 -41.38 42.52 -18.94
C PHE A 12 -41.15 43.49 -20.09
N VAL A 13 -41.03 44.78 -19.79
CA VAL A 13 -40.87 45.79 -20.83
C VAL A 13 -39.58 45.54 -21.60
N HIS A 14 -39.55 46.02 -22.84
CA HIS A 14 -38.40 45.81 -23.70
C HIS A 14 -37.27 46.79 -23.33
N PHE A 15 -36.10 46.54 -23.90
CA PHE A 15 -34.96 47.44 -23.79
C PHE A 15 -34.92 48.27 -25.07
N THR A 16 -35.43 49.50 -25.00
CA THR A 16 -35.55 50.36 -26.17
C THR A 16 -34.93 51.73 -25.92
N LYS A 17 -35.17 52.66 -26.86
CA LYS A 17 -34.57 54.01 -26.75
C LYS A 17 -34.96 54.63 -25.40
N GLN A 18 -36.26 54.61 -25.08
CA GLN A 18 -36.74 55.19 -23.80
C GLN A 18 -36.08 54.46 -22.63
N SER A 19 -35.99 53.13 -22.72
CA SER A 19 -35.36 52.33 -21.63
C SER A 19 -33.90 52.76 -21.46
N LEU A 20 -33.17 52.91 -22.56
CA LEU A 20 -31.74 53.32 -22.50
C LEU A 20 -31.65 54.72 -21.87
N ALA A 21 -32.56 55.62 -22.24
CA ALA A 21 -32.56 56.99 -21.69
C ALA A 21 -32.77 56.93 -20.17
N LEU A 22 -33.72 56.10 -19.73
CA LEU A 22 -33.99 55.95 -18.27
C LEU A 22 -32.72 55.43 -17.59
N ILE A 23 -32.07 54.44 -18.22
CA ILE A 23 -30.83 53.85 -17.63
C ILE A 23 -29.78 54.95 -17.48
N GLU A 24 -29.62 55.79 -18.50
CA GLU A 24 -28.59 56.87 -18.46
C GLU A 24 -28.95 57.87 -17.36
N GLN A 25 -30.25 58.17 -17.21
CA GLN A 25 -30.70 59.11 -16.15
C GLN A 25 -30.35 58.52 -14.79
N ARG A 26 -30.56 57.21 -14.62
CA ARG A 26 -30.27 56.53 -13.33
C ARG A 26 -28.75 56.55 -13.09
N ILE A 27 -27.96 56.40 -14.15
CA ILE A 27 -26.47 56.47 -14.00
C ILE A 27 -26.12 57.87 -13.52
N ALA A 28 -26.75 58.89 -14.10
CA ALA A 28 -26.48 60.29 -13.69
C ALA A 28 -26.85 60.44 -12.20
N GLU A 29 -27.98 59.83 -11.79
CA GLU A 29 -28.41 59.92 -10.37
C GLU A 29 -27.35 59.26 -9.49
N ARG A 30 -26.80 58.13 -9.92
CA ARG A 30 -25.77 57.40 -9.13
C ARG A 30 -24.51 58.28 -9.04
N LYS A 31 -24.16 58.95 -10.14
CA LYS A 31 -22.99 59.85 -10.15
C LYS A 31 -23.21 60.97 -9.14
N SER A 32 -24.42 61.53 -9.11
CA SER A 32 -24.76 62.61 -8.14
C SER A 32 -24.62 62.06 -6.71
N LYS A 33 -25.10 60.83 -6.48
CA LYS A 33 -25.02 60.21 -5.14
C LYS A 33 -23.55 60.07 -4.75
N GLU A 34 -22.70 59.67 -5.68
CA GLU A 34 -21.24 59.51 -5.41
C GLU A 34 -20.73 60.75 -4.69
N PRO A 47 -23.90 47.65 -0.92
CA PRO A 47 -25.11 47.09 -1.52
C PRO A 47 -24.83 45.81 -2.29
N LYS A 48 -25.88 45.05 -2.61
CA LYS A 48 -25.76 43.79 -3.31
C LYS A 48 -26.87 43.66 -4.33
N PRO A 49 -26.60 43.08 -5.51
CA PRO A 49 -27.67 42.84 -6.48
C PRO A 49 -28.58 41.70 -6.04
N SER A 50 -29.78 41.70 -6.61
CA SER A 50 -30.77 40.68 -6.28
C SER A 50 -30.21 39.29 -6.57
N SER A 51 -30.09 38.47 -5.54
CA SER A 51 -29.62 37.10 -5.74
C SER A 51 -30.63 36.28 -6.54
N ASP A 52 -31.92 36.54 -6.36
CA ASP A 52 -32.95 35.80 -7.09
C ASP A 52 -32.83 35.98 -8.59
N LEU A 53 -32.23 37.08 -9.05
CA LEU A 53 -32.07 37.35 -10.47
C LEU A 53 -30.62 37.25 -10.92
N GLU A 54 -29.78 36.52 -10.17
CA GLU A 54 -28.41 36.32 -10.60
C GLU A 54 -28.37 35.49 -11.87
N ALA A 55 -27.46 35.85 -12.77
CA ALA A 55 -27.37 35.16 -14.05
C ALA A 55 -27.08 33.68 -13.84
N GLY A 56 -27.71 32.84 -14.67
CA GLY A 56 -27.55 31.40 -14.58
C GLY A 56 -28.55 30.72 -13.66
N LYS A 57 -29.46 31.45 -13.05
CA LYS A 57 -30.48 30.88 -12.17
C LYS A 57 -31.85 30.95 -12.82
N GLN A 58 -32.77 30.15 -12.29
CA GLN A 58 -34.13 30.12 -12.81
C GLN A 58 -34.89 31.39 -12.43
N LEU A 59 -35.84 31.76 -13.27
CA LEU A 59 -36.63 32.95 -13.02
C LEU A 59 -37.57 32.70 -11.84
N PRO A 60 -37.72 33.66 -10.92
CA PRO A 60 -38.65 33.47 -9.80
C PRO A 60 -40.07 33.23 -10.28
N PHE A 61 -40.81 32.43 -9.50
CA PHE A 61 -42.18 32.09 -9.85
C PHE A 61 -43.12 33.29 -9.86
N ILE A 62 -42.73 34.41 -9.23
CA ILE A 62 -43.60 35.58 -9.19
C ILE A 62 -43.88 36.07 -10.61
N TYR A 63 -42.87 36.00 -11.49
CA TYR A 63 -43.01 36.59 -12.82
C TYR A 63 -43.91 35.76 -13.73
N GLY A 64 -44.21 34.52 -13.38
CA GLY A 64 -45.11 33.73 -14.17
C GLY A 64 -44.54 33.31 -15.52
N ASP A 65 -45.46 33.05 -16.45
CA ASP A 65 -45.09 32.57 -17.77
C ASP A 65 -44.60 33.71 -18.65
N ILE A 66 -43.57 33.43 -19.44
CA ILE A 66 -43.00 34.41 -20.35
C ILE A 66 -44.01 34.67 -21.48
N PRO A 67 -44.26 35.92 -21.86
CA PRO A 67 -45.14 36.16 -22.99
C PRO A 67 -44.59 35.53 -24.25
N PRO A 68 -45.46 35.16 -25.20
CA PRO A 68 -45.04 34.38 -26.37
C PRO A 68 -43.92 35.01 -27.19
N GLY A 69 -44.10 36.26 -27.60
CA GLY A 69 -43.19 36.91 -28.51
C GLY A 69 -41.94 37.51 -27.91
N MET A 70 -41.76 37.42 -26.59
CA MET A 70 -40.64 38.07 -25.92
C MET A 70 -39.57 37.09 -25.46
N VAL A 71 -39.47 35.91 -26.07
CA VAL A 71 -38.45 34.95 -25.71
C VAL A 71 -37.19 35.22 -26.51
N SER A 72 -36.07 35.39 -25.81
CA SER A 72 -34.76 35.62 -26.41
C SER A 72 -34.60 37.03 -26.96
N GLU A 73 -35.41 37.98 -26.50
CA GLU A 73 -35.30 39.35 -26.98
C GLU A 73 -34.58 40.22 -25.95
N PRO A 74 -33.81 41.23 -26.36
CA PRO A 74 -33.20 42.12 -25.37
C PRO A 74 -34.26 42.84 -24.54
N LEU A 75 -34.30 42.53 -23.24
CA LEU A 75 -35.31 43.05 -22.34
C LEU A 75 -34.70 44.03 -21.36
N GLU A 76 -35.52 44.97 -20.88
CA GLU A 76 -35.08 45.88 -19.85
C GLU A 76 -34.69 45.10 -18.60
N ASP A 77 -33.66 45.57 -17.91
CA ASP A 77 -33.10 44.85 -16.78
C ASP A 77 -34.19 44.54 -15.76
N LEU A 78 -34.26 43.27 -15.33
CA LEU A 78 -35.30 42.83 -14.42
C LEU A 78 -34.93 43.07 -12.96
N ASP A 79 -33.69 43.45 -12.67
CA ASP A 79 -33.25 43.70 -11.30
C ASP A 79 -33.08 45.20 -11.11
N PRO A 80 -33.81 45.84 -10.20
CA PRO A 80 -33.66 47.30 -10.02
C PRO A 80 -32.26 47.71 -9.57
N TYR A 81 -31.46 46.79 -9.01
CA TYR A 81 -30.10 47.14 -8.63
C TYR A 81 -29.32 47.66 -9.83
N TYR A 82 -29.57 47.12 -11.01
CA TYR A 82 -28.86 47.50 -12.22
C TYR A 82 -29.56 48.64 -12.98
N ALA A 83 -30.64 49.19 -12.43
CA ALA A 83 -31.32 50.30 -13.07
C ALA A 83 -30.40 51.52 -13.24
N ASP A 84 -29.33 51.61 -12.46
CA ASP A 84 -28.39 52.72 -12.62
C ASP A 84 -27.49 52.52 -13.84
N LYS A 85 -27.06 51.28 -14.09
CA LYS A 85 -26.06 50.98 -15.09
C LYS A 85 -26.71 50.48 -16.38
N LYS A 86 -25.94 50.55 -17.47
CA LYS A 86 -26.40 50.13 -18.79
C LYS A 86 -26.17 48.63 -18.95
N THR A 87 -27.19 47.85 -18.60
CA THR A 87 -27.18 46.41 -18.82
C THR A 87 -28.61 45.95 -19.09
N PHE A 88 -28.75 44.97 -19.98
CA PHE A 88 -30.05 44.44 -20.35
C PHE A 88 -30.08 42.94 -20.13
N ILE A 89 -31.30 42.40 -20.10
CA ILE A 89 -31.54 40.99 -19.80
C ILE A 89 -32.17 40.33 -21.02
N VAL A 90 -31.71 39.12 -21.34
CA VAL A 90 -32.34 38.28 -22.34
C VAL A 90 -32.77 36.98 -21.67
N LEU A 91 -34.01 36.60 -21.90
CA LEU A 91 -34.61 35.44 -21.25
C LEU A 91 -34.66 34.28 -22.24
N ASN A 92 -34.22 33.11 -21.80
CA ASN A 92 -34.14 31.92 -22.63
C ASN A 92 -35.18 30.90 -22.18
N LYS A 93 -35.64 30.10 -23.13
CA LYS A 93 -36.57 29.02 -22.81
C LYS A 93 -35.99 28.16 -21.70
N GLY A 94 -36.81 27.90 -20.68
CA GLY A 94 -36.34 27.29 -19.46
C GLY A 94 -36.14 28.25 -18.31
N LYS A 95 -36.45 29.54 -18.50
CA LYS A 95 -36.44 30.55 -17.44
C LYS A 95 -35.03 30.84 -16.93
N THR A 96 -34.01 30.68 -17.78
CA THR A 96 -32.64 31.01 -17.41
C THR A 96 -32.34 32.45 -17.79
N ILE A 97 -31.76 33.20 -16.85
CA ILE A 97 -31.52 34.62 -17.03
C ILE A 97 -30.09 34.81 -17.52
N PHE A 98 -29.93 35.43 -18.67
CA PHE A 98 -28.63 35.77 -19.23
C PHE A 98 -28.47 37.29 -19.17
N ARG A 99 -27.41 37.74 -18.51
CA ARG A 99 -27.21 39.17 -18.25
C ARG A 99 -26.12 39.67 -19.18
N PHE A 100 -26.55 40.33 -20.26
CA PHE A 100 -25.63 40.91 -21.23
C PHE A 100 -25.21 42.30 -20.77
N ASN A 101 -24.52 43.04 -21.64
CA ASN A 101 -24.06 44.39 -21.34
C ASN A 101 -24.57 45.32 -22.43
N ALA A 102 -25.11 46.47 -22.02
CA ALA A 102 -25.70 47.41 -22.97
C ALA A 102 -24.68 48.35 -23.59
N THR A 103 -23.45 48.38 -23.07
CA THR A 103 -22.44 49.23 -23.68
C THR A 103 -22.13 48.74 -25.09
N PRO A 104 -21.86 49.63 -26.04
CA PRO A 104 -21.55 49.17 -27.40
C PRO A 104 -20.51 48.07 -27.40
N ALA A 105 -20.88 46.94 -28.01
CA ALA A 105 -19.99 45.78 -28.07
C ALA A 105 -18.79 46.10 -28.96
N LEU A 106 -17.60 45.85 -28.43
CA LEU A 106 -16.34 46.18 -29.09
C LEU A 106 -16.14 47.68 -29.30
N TYR A 107 -17.09 48.50 -28.83
CA TYR A 107 -17.22 49.93 -29.08
C TYR A 107 -17.72 50.24 -30.49
N MET A 108 -17.80 49.26 -31.39
CA MET A 108 -18.39 49.43 -32.71
C MET A 108 -19.89 49.13 -32.73
N LEU A 109 -20.31 47.95 -32.28
CA LEU A 109 -21.70 47.56 -32.34
C LEU A 109 -22.45 48.10 -31.12
N SER A 110 -23.76 47.84 -31.07
CA SER A 110 -24.59 48.27 -29.96
C SER A 110 -25.72 47.25 -29.78
N PRO A 111 -26.42 47.26 -28.66
CA PRO A 111 -27.48 46.26 -28.44
C PRO A 111 -28.49 46.20 -29.58
N PHE A 112 -28.80 47.34 -30.18
CA PHE A 112 -29.72 47.38 -31.33
C PHE A 112 -28.89 47.24 -32.60
N SER A 113 -28.67 45.98 -33.01
CA SER A 113 -27.87 45.73 -34.20
C SER A 113 -28.33 44.44 -34.87
N PRO A 114 -28.34 44.37 -36.21
CA PRO A 114 -28.78 43.13 -36.86
C PRO A 114 -27.95 41.93 -36.49
N LEU A 115 -26.63 42.13 -36.29
CA LEU A 115 -25.73 40.99 -35.98
C LEU A 115 -25.71 40.72 -34.47
N ARG A 116 -25.66 41.78 -33.66
CA ARG A 116 -25.55 41.66 -32.17
C ARG A 116 -26.69 40.83 -31.61
N ARG A 117 -27.95 41.09 -31.99
CA ARG A 117 -29.13 40.35 -31.48
C ARG A 117 -29.03 38.89 -31.93
N ILE A 118 -28.67 38.67 -33.19
CA ILE A 118 -28.56 37.28 -33.73
C ILE A 118 -27.57 36.50 -32.88
N SER A 119 -26.36 37.03 -32.69
CA SER A 119 -25.32 36.31 -31.90
C SER A 119 -25.86 36.03 -30.50
N ILE A 120 -26.51 37.02 -29.88
CA ILE A 120 -27.05 36.86 -28.51
C ILE A 120 -28.01 35.66 -28.49
N LYS A 121 -29.00 35.64 -29.38
CA LYS A 121 -30.02 34.55 -29.37
C LYS A 121 -29.32 33.20 -29.62
N ILE A 122 -28.33 33.20 -30.53
CA ILE A 122 -27.60 31.94 -30.85
C ILE A 122 -26.96 31.42 -29.55
N LEU A 123 -26.21 32.27 -28.86
CA LEU A 123 -25.52 31.84 -27.61
C LEU A 123 -26.56 31.39 -26.58
N VAL A 124 -27.70 32.07 -26.49
CA VAL A 124 -28.70 31.73 -25.43
C VAL A 124 -29.40 30.39 -25.74
N HIS A 125 -29.52 30.03 -27.02
CA HIS A 125 -30.28 28.82 -27.42
C HIS A 125 -29.62 27.55 -26.87
N SER A 126 -30.35 26.42 -26.91
CA SER A 126 -29.82 25.14 -26.39
C SER A 126 -29.04 24.41 -27.50
N LEU A 127 -29.59 24.35 -28.72
CA LEU A 127 -28.93 23.61 -29.77
C LEU A 127 -27.47 24.02 -29.90
N PHE A 128 -27.15 25.30 -29.68
CA PHE A 128 -25.76 25.74 -29.63
C PHE A 128 -24.98 24.96 -28.59
N SER A 129 -25.51 24.88 -27.37
CA SER A 129 -24.82 24.17 -26.30
C SER A 129 -24.67 22.69 -26.63
N MET A 130 -25.73 22.08 -27.17
CA MET A 130 -25.65 20.66 -27.51
C MET A 130 -24.61 20.42 -28.60
N LEU A 131 -24.55 21.29 -29.60
CA LEU A 131 -23.56 21.16 -30.65
C LEU A 131 -22.14 21.27 -30.10
N ILE A 132 -21.92 22.26 -29.23
CA ILE A 132 -20.59 22.42 -28.65
C ILE A 132 -20.20 21.21 -27.81
N MET A 133 -21.15 20.69 -27.01
CA MET A 133 -20.84 19.52 -26.21
C MET A 133 -20.53 18.31 -27.07
N CYS A 134 -21.29 18.12 -28.15
CA CYS A 134 -21.01 17.00 -29.05
C CYS A 134 -19.63 17.13 -29.68
N THR A 135 -19.26 18.34 -30.13
CA THR A 135 -17.93 18.54 -30.68
C THR A 135 -16.85 18.23 -29.64
N ILE A 136 -17.05 18.70 -28.41
CA ILE A 136 -16.05 18.49 -27.37
C ILE A 136 -15.88 17.01 -27.10
N LEU A 137 -16.98 16.27 -26.99
CA LEU A 137 -16.89 14.85 -26.67
C LEU A 137 -16.41 14.01 -27.84
N THR A 138 -16.55 14.49 -29.08
CA THR A 138 -15.90 13.80 -30.19
C THR A 138 -14.40 14.07 -30.20
N ASN A 139 -14.00 15.30 -29.89
CA ASN A 139 -12.57 15.59 -29.76
C ASN A 139 -11.94 14.77 -28.64
N CYS A 140 -12.66 14.58 -27.54
CA CYS A 140 -12.16 13.76 -26.45
C CYS A 140 -12.01 12.29 -26.83
N ILE A 141 -12.74 11.82 -27.84
CA ILE A 141 -12.50 10.48 -28.36
C ILE A 141 -11.30 10.46 -29.29
N PHE A 142 -11.13 11.49 -30.11
CA PHE A 142 -9.98 11.55 -30.99
C PHE A 142 -8.67 11.83 -30.25
N MET A 143 -8.73 12.29 -29.00
CA MET A 143 -7.52 12.50 -28.23
C MET A 143 -6.86 11.21 -27.77
N THR A 144 -7.54 10.07 -27.89
CA THR A 144 -7.05 8.81 -27.38
C THR A 144 -6.27 8.00 -28.41
N MET A 145 -6.02 8.55 -29.60
CA MET A 145 -5.21 7.88 -30.60
C MET A 145 -3.75 8.27 -30.39
N ASN A 146 -2.91 7.30 -30.04
CA ASN A 146 -1.52 7.60 -29.76
C ASN A 146 -0.79 8.08 -31.02
N ASN A 147 -0.99 7.41 -32.15
CA ASN A 147 -0.55 7.89 -33.44
C ASN A 147 -1.76 7.95 -34.37
N PRO A 148 -2.19 9.11 -34.82
CA PRO A 148 -3.37 9.16 -35.69
C PRO A 148 -3.01 8.91 -37.14
N PRO A 149 -3.96 8.47 -37.95
CA PRO A 149 -3.73 8.41 -39.40
C PRO A 149 -3.58 9.81 -39.98
N ASP A 150 -3.12 9.85 -41.23
CA ASP A 150 -2.90 11.14 -41.87
C ASP A 150 -4.21 11.89 -42.11
N TRP A 151 -5.30 11.17 -42.31
CA TRP A 151 -6.59 11.83 -42.56
C TRP A 151 -7.15 12.51 -41.32
N THR A 152 -6.55 12.29 -40.14
CA THR A 152 -7.00 12.96 -38.92
C THR A 152 -6.39 14.36 -38.85
N LYS A 153 -6.58 15.09 -39.92
CA LYS A 153 -6.24 16.50 -40.01
C LYS A 153 -7.43 17.33 -40.47
N ASN A 154 -8.25 16.80 -41.37
CA ASN A 154 -9.51 17.46 -41.70
C ASN A 154 -10.43 17.53 -40.50
N VAL A 155 -10.47 16.49 -39.67
CA VAL A 155 -11.30 16.51 -38.49
C VAL A 155 -10.82 17.55 -37.49
N GLU A 156 -9.50 17.66 -37.30
CA GLU A 156 -8.98 18.68 -36.40
C GLU A 156 -9.23 20.08 -36.94
N TYR A 157 -9.14 20.25 -38.26
CA TYR A 157 -9.50 21.53 -38.86
C TYR A 157 -10.98 21.84 -38.62
N THR A 158 -11.83 20.82 -38.73
CA THR A 158 -13.25 21.02 -38.44
C THR A 158 -13.46 21.45 -37.00
N PHE A 159 -12.75 20.80 -36.07
CA PHE A 159 -12.88 21.17 -34.66
C PHE A 159 -12.43 22.60 -34.42
N THR A 160 -11.30 23.00 -35.00
CA THR A 160 -10.84 24.38 -34.80
C THR A 160 -11.81 25.37 -35.42
N GLY A 161 -12.41 25.00 -36.55
CA GLY A 161 -13.43 25.86 -37.15
C GLY A 161 -14.65 26.02 -36.25
N ILE A 162 -15.12 24.91 -35.67
CA ILE A 162 -16.28 24.99 -34.78
C ILE A 162 -15.96 25.84 -33.56
N TYR A 163 -14.78 25.65 -32.97
CA TYR A 163 -14.41 26.44 -31.80
C TYR A 163 -14.28 27.91 -32.15
N THR A 164 -13.71 28.23 -33.31
CA THR A 164 -13.63 29.63 -33.73
C THR A 164 -15.01 30.23 -33.96
N PHE A 165 -15.93 29.46 -34.54
CA PHE A 165 -17.29 29.95 -34.73
C PHE A 165 -17.95 30.24 -33.39
N GLU A 166 -17.78 29.33 -32.42
CA GLU A 166 -18.35 29.58 -31.10
C GLU A 166 -17.73 30.83 -30.46
N SER A 167 -16.42 30.98 -30.58
CA SER A 167 -15.75 32.14 -29.99
C SER A 167 -16.24 33.44 -30.60
N LEU A 168 -16.38 33.48 -31.94
CA LEU A 168 -16.85 34.70 -32.57
C LEU A 168 -18.32 34.97 -32.23
N VAL A 169 -19.13 33.93 -32.11
CA VAL A 169 -20.52 34.13 -31.71
C VAL A 169 -20.57 34.78 -30.33
N LYS A 170 -19.78 34.26 -29.39
CA LYS A 170 -19.74 34.86 -28.05
C LYS A 170 -19.23 36.30 -28.10
N ILE A 171 -18.22 36.55 -28.94
CA ILE A 171 -17.67 37.90 -29.08
C ILE A 171 -18.78 38.85 -29.51
N LEU A 172 -19.48 38.51 -30.58
CA LEU A 172 -20.50 39.40 -31.10
C LEU A 172 -21.68 39.52 -30.15
N ALA A 173 -21.96 38.47 -29.38
CA ALA A 173 -23.08 38.50 -28.45
C ALA A 173 -22.83 39.44 -27.28
N ARG A 174 -21.65 39.33 -26.65
CA ARG A 174 -21.43 40.01 -25.38
C ARG A 174 -20.16 40.85 -25.31
N GLY A 175 -19.64 41.31 -26.45
CA GLY A 175 -18.50 42.20 -26.42
C GLY A 175 -17.23 41.51 -25.93
N PHE A 176 -16.07 42.04 -26.32
CA PHE A 176 -14.80 41.40 -25.95
C PHE A 176 -14.38 41.81 -24.53
N CYS A 177 -13.94 43.07 -24.37
CA CYS A 177 -13.55 43.56 -23.04
C CYS A 177 -14.02 44.98 -22.79
N VAL A 178 -15.09 45.45 -23.45
CA VAL A 178 -15.44 46.86 -23.39
C VAL A 178 -15.84 47.25 -21.97
N GLY A 179 -16.71 46.47 -21.33
CA GLY A 179 -17.24 46.82 -20.03
C GLY A 179 -16.96 45.79 -18.95
N GLU A 180 -17.98 45.48 -18.14
CA GLU A 180 -17.85 44.53 -17.05
C GLU A 180 -18.51 43.19 -17.35
N PHE A 181 -19.60 43.18 -18.11
CA PHE A 181 -20.28 41.94 -18.50
C PHE A 181 -19.88 41.64 -19.94
N THR A 182 -18.78 40.89 -20.09
CA THR A 182 -18.19 40.71 -21.41
C THR A 182 -17.63 39.30 -21.62
N PHE A 183 -16.94 39.11 -22.76
CA PHE A 183 -16.28 37.85 -23.05
C PHE A 183 -15.29 37.46 -21.96
N LEU A 184 -14.36 38.36 -21.64
CA LEU A 184 -13.20 38.00 -20.84
C LEU A 184 -13.48 38.05 -19.34
N ARG A 185 -14.70 38.39 -18.92
CA ARG A 185 -15.03 38.37 -17.51
C ARG A 185 -15.00 36.94 -16.96
N ASP A 186 -15.52 35.98 -17.72
CA ASP A 186 -15.66 34.62 -17.22
C ASP A 186 -14.32 33.91 -17.22
N PRO A 187 -13.88 33.34 -16.09
CA PRO A 187 -12.58 32.65 -16.08
C PRO A 187 -12.45 31.53 -17.10
N TRP A 188 -13.56 30.85 -17.41
CA TRP A 188 -13.58 29.73 -18.37
C TRP A 188 -13.33 30.27 -19.79
N ASN A 189 -13.51 31.57 -20.03
CA ASN A 189 -13.20 32.21 -21.33
C ASN A 189 -11.69 32.36 -21.47
N TRP A 190 -10.99 32.67 -20.37
CA TRP A 190 -9.51 32.78 -20.41
C TRP A 190 -8.92 31.45 -20.91
N LEU A 191 -9.44 30.30 -20.46
CA LEU A 191 -8.95 28.98 -20.94
C LEU A 191 -9.32 28.83 -22.41
N ASP A 192 -10.56 29.06 -22.78
CA ASP A 192 -11.00 28.83 -24.18
C ASP A 192 -10.17 29.68 -25.15
N PHE A 193 -10.03 30.98 -24.88
CA PHE A 193 -9.30 31.88 -25.80
C PHE A 193 -7.82 31.46 -25.83
N VAL A 194 -7.25 31.10 -24.67
CA VAL A 194 -5.81 30.73 -24.58
C VAL A 194 -5.58 29.48 -25.42
N VAL A 195 -6.57 28.61 -25.52
CA VAL A 195 -6.46 27.41 -26.41
C VAL A 195 -6.57 27.85 -27.87
N ILE A 196 -7.70 28.47 -28.25
CA ILE A 196 -7.94 28.89 -29.67
C ILE A 196 -6.68 29.57 -30.21
N VAL A 197 -6.09 30.48 -29.43
CA VAL A 197 -4.91 31.25 -29.95
C VAL A 197 -3.75 30.28 -30.18
N PHE A 198 -3.52 29.34 -29.25
CA PHE A 198 -2.41 28.35 -29.39
C PHE A 198 -2.63 27.49 -30.63
N ALA A 199 -3.86 27.08 -30.89
CA ALA A 199 -4.15 26.20 -32.04
C ALA A 199 -3.70 26.89 -33.33
N TYR A 200 -4.25 28.08 -33.62
CA TYR A 200 -3.90 28.79 -34.87
C TYR A 200 -2.43 29.22 -34.84
N LEU A 201 -1.96 29.66 -33.67
CA LEU A 201 -0.52 30.04 -33.53
C LEU A 201 0.36 28.85 -33.90
N THR A 202 0.03 27.67 -33.38
CA THR A 202 0.83 26.45 -33.67
C THR A 202 0.76 26.15 -35.17
N GLU A 203 -0.44 26.22 -35.75
CA GLU A 203 -0.60 25.94 -37.20
C GLU A 203 0.30 26.91 -37.98
N PHE A 204 0.41 28.15 -37.54
CA PHE A 204 1.32 29.12 -38.20
C PHE A 204 2.77 28.65 -38.01
N VAL A 205 3.09 28.19 -36.79
CA VAL A 205 4.47 27.69 -36.50
C VAL A 205 4.76 26.53 -37.47
N ASN A 206 3.80 25.62 -37.65
CA ASN A 206 3.98 24.47 -38.58
C ASN A 206 4.22 25.01 -39.99
N ASN A 209 8.45 21.49 -30.07
CA ASN A 209 8.24 20.16 -29.50
C ASN A 209 6.80 19.72 -29.71
N VAL A 210 6.62 18.72 -30.57
CA VAL A 210 5.27 18.28 -30.93
C VAL A 210 4.51 17.83 -29.69
N SER A 211 5.20 17.18 -28.74
CA SER A 211 4.53 16.67 -27.56
C SER A 211 3.86 17.78 -26.76
N ALA A 212 4.57 18.90 -26.55
CA ALA A 212 3.99 20.00 -25.79
C ALA A 212 2.82 20.64 -26.52
N LEU A 213 2.96 20.85 -27.84
CA LEU A 213 1.87 21.44 -28.61
C LEU A 213 0.63 20.56 -28.58
N ARG A 214 0.81 19.24 -28.62
CA ARG A 214 -0.33 18.34 -28.56
C ARG A 214 -0.88 18.26 -27.14
N THR A 215 -0.03 18.39 -26.13
CA THR A 215 -0.51 18.43 -24.75
C THR A 215 -1.40 19.64 -24.52
N PHE A 216 -1.02 20.79 -25.07
CA PHE A 216 -1.85 21.98 -24.92
C PHE A 216 -3.22 21.79 -25.54
N ARG A 217 -3.39 20.80 -26.44
CA ARG A 217 -4.72 20.49 -26.96
C ARG A 217 -5.60 19.83 -25.91
N VAL A 218 -5.00 19.15 -24.93
CA VAL A 218 -5.78 18.47 -23.91
C VAL A 218 -6.63 19.45 -23.11
N LEU A 219 -6.28 20.74 -23.12
CA LEU A 219 -7.09 21.73 -22.43
C LEU A 219 -8.48 21.83 -23.02
N ARG A 220 -8.67 21.38 -24.26
CA ARG A 220 -10.01 21.35 -24.85
C ARG A 220 -10.95 20.41 -24.08
N ALA A 221 -10.39 19.44 -23.36
CA ALA A 221 -11.23 18.54 -22.57
C ALA A 221 -11.84 19.26 -21.37
N LEU A 222 -11.12 20.21 -20.78
CA LEU A 222 -11.63 20.91 -19.61
C LEU A 222 -12.87 21.74 -19.92
N LYS A 223 -13.10 22.07 -21.20
CA LYS A 223 -14.32 22.80 -21.55
C LYS A 223 -15.57 22.00 -21.22
N THR A 224 -15.44 20.69 -21.04
CA THR A 224 -16.58 19.88 -20.61
C THR A 224 -17.16 20.42 -19.30
N ILE A 225 -16.30 20.85 -18.38
CA ILE A 225 -16.80 21.39 -17.12
C ILE A 225 -17.62 22.65 -17.38
N SER A 226 -17.22 23.45 -18.36
CA SER A 226 -17.97 24.66 -18.67
C SER A 226 -19.32 24.34 -19.31
N VAL A 227 -19.35 23.36 -20.22
CA VAL A 227 -20.58 23.16 -20.99
C VAL A 227 -21.58 22.32 -20.21
N ILE A 228 -21.14 21.21 -19.63
CA ILE A 228 -22.04 20.29 -18.95
C ILE A 228 -22.60 20.98 -17.71
N PRO A 229 -23.93 21.09 -17.57
CA PRO A 229 -24.48 21.79 -16.41
C PRO A 229 -24.08 21.13 -15.10
N GLY A 230 -23.80 21.95 -14.09
CA GLY A 230 -23.62 21.49 -12.74
C GLY A 230 -22.21 21.10 -12.36
N LEU A 231 -21.33 20.88 -13.34
CA LEU A 231 -19.95 20.52 -13.02
C LEU A 231 -19.16 21.71 -12.50
N LYS A 232 -19.49 22.91 -12.98
CA LYS A 232 -18.79 24.11 -12.55
C LYS A 232 -18.94 24.33 -11.06
N THR A 233 -20.15 24.15 -10.53
CA THR A 233 -20.40 24.39 -9.12
C THR A 233 -19.62 23.42 -8.24
N ILE A 234 -19.54 22.14 -8.60
CA ILE A 234 -18.80 21.19 -7.77
C ILE A 234 -17.30 21.28 -7.96
N VAL A 235 -16.82 21.73 -9.12
CA VAL A 235 -15.40 22.08 -9.22
C VAL A 235 -15.08 23.24 -8.28
N GLY A 236 -15.93 24.27 -8.26
CA GLY A 236 -15.75 25.34 -7.30
C GLY A 236 -15.80 24.84 -5.86
N ALA A 237 -16.70 23.89 -5.60
CA ALA A 237 -16.79 23.32 -4.26
C ALA A 237 -15.50 22.61 -3.87
N LEU A 238 -14.90 21.85 -4.79
CA LEU A 238 -13.63 21.20 -4.50
C LEU A 238 -12.54 22.24 -4.23
N ILE A 239 -12.49 23.30 -5.03
CA ILE A 239 -11.49 24.34 -4.83
C ILE A 239 -11.69 25.03 -3.49
N GLN A 240 -12.94 25.20 -3.06
CA GLN A 240 -13.21 25.80 -1.76
C GLN A 240 -12.86 24.85 -0.63
N SER A 241 -13.05 23.54 -0.83
CA SER A 241 -12.73 22.56 0.20
C SER A 241 -11.23 22.41 0.41
N VAL A 242 -10.44 22.54 -0.66
CA VAL A 242 -8.99 22.40 -0.48
C VAL A 242 -8.44 23.51 0.39
N LYS A 243 -9.08 24.68 0.39
CA LYS A 243 -8.56 25.80 1.17
C LYS A 243 -8.58 25.54 2.67
N LYS A 244 -9.36 24.56 3.13
CA LYS A 244 -9.33 24.20 4.54
C LYS A 244 -8.07 23.44 4.90
N LEU A 245 -7.48 22.73 3.94
CA LEU A 245 -6.25 21.96 4.18
C LEU A 245 -5.04 22.86 3.97
N SER A 246 -4.84 23.76 4.94
CA SER A 246 -3.65 24.60 5.00
C SER A 246 -2.82 24.31 6.24
N ASP A 247 -3.45 24.35 7.42
CA ASP A 247 -2.78 23.96 8.64
C ASP A 247 -2.31 22.52 8.57
N VAL A 248 -3.16 21.63 8.05
CA VAL A 248 -2.80 20.21 7.96
C VAL A 248 -1.62 20.02 7.02
N MET A 249 -1.62 20.72 5.89
CA MET A 249 -0.52 20.57 4.94
C MET A 249 0.78 21.14 5.50
N ILE A 250 0.71 22.25 6.23
CA ILE A 250 1.91 22.80 6.85
C ILE A 250 2.46 21.82 7.87
N LEU A 251 1.58 21.25 8.70
CA LEU A 251 2.03 20.26 9.68
C LEU A 251 2.63 19.03 8.99
N THR A 252 2.00 18.58 7.91
CA THR A 252 2.50 17.41 7.20
C THR A 252 3.89 17.66 6.62
N VAL A 253 4.08 18.82 5.99
CA VAL A 253 5.38 19.14 5.42
C VAL A 253 6.43 19.25 6.51
N PHE A 254 6.10 19.90 7.63
CA PHE A 254 7.06 20.04 8.71
C PHE A 254 7.43 18.69 9.31
N CYS A 255 6.43 17.83 9.54
CA CYS A 255 6.71 16.52 10.13
C CYS A 255 7.54 15.66 9.18
N LEU A 256 7.21 15.67 7.89
CA LEU A 256 8.01 14.92 6.93
C LEU A 256 9.42 15.47 6.84
N SER A 257 9.59 16.79 6.95
CA SER A 257 10.93 17.36 6.95
C SER A 257 11.74 16.90 8.16
N VAL A 258 11.12 16.91 9.34
CA VAL A 258 11.83 16.48 10.54
C VAL A 258 12.21 15.00 10.43
N PHE A 259 11.27 14.15 10.01
CA PHE A 259 11.57 12.73 9.88
C PHE A 259 12.60 12.49 8.78
N ALA A 260 12.56 13.28 7.71
CA ALA A 260 13.56 13.16 6.65
C ALA A 260 14.94 13.53 7.16
N LEU A 261 15.03 14.55 8.01
CA LEU A 261 16.32 14.88 8.61
C LEU A 261 16.80 13.74 9.52
N ILE A 262 15.90 13.15 10.31
CA ILE A 262 16.29 12.02 11.15
C ILE A 262 16.82 10.87 10.28
N GLY A 263 16.10 10.56 9.21
CA GLY A 263 16.53 9.47 8.34
C GLY A 263 17.83 9.78 7.62
N LEU A 264 18.00 11.01 7.15
CA LEU A 264 19.23 11.40 6.47
C LEU A 264 20.41 11.33 7.42
N GLN A 265 20.19 11.59 8.71
CA GLN A 265 21.27 11.43 9.67
C GLN A 265 21.57 9.97 9.94
N LEU A 266 20.52 9.15 10.11
CA LEU A 266 20.72 7.77 10.55
C LEU A 266 21.27 6.88 9.43
N PHE A 267 20.72 7.00 8.23
CA PHE A 267 20.98 6.06 7.14
C PHE A 267 21.64 6.74 5.94
N MET A 268 22.58 7.64 6.19
CA MET A 268 23.25 8.35 5.10
C MET A 268 24.25 7.40 4.45
N GLY A 269 23.97 7.01 3.20
CA GLY A 269 24.86 6.15 2.45
C GLY A 269 24.80 4.69 2.82
N ASN A 270 23.92 4.29 3.73
CA ASN A 270 23.84 2.89 4.14
C ASN A 270 23.33 1.98 3.03
N LEU A 271 22.60 2.52 2.06
CA LEU A 271 22.04 1.73 0.98
C LEU A 271 23.02 1.50 -0.16
N LYS A 272 24.25 2.02 -0.04
CA LYS A 272 25.31 1.77 -1.01
C LYS A 272 26.21 0.62 -0.59
N HIS A 273 25.83 -0.13 0.44
CA HIS A 273 26.62 -1.27 0.88
C HIS A 273 26.51 -2.40 -0.13
N LYS A 274 27.65 -3.06 -0.39
CA LYS A 274 27.68 -4.15 -1.36
C LYS A 274 28.72 -5.17 -0.92
N CYS A 275 28.54 -6.41 -1.37
CA CYS A 275 29.48 -7.48 -1.09
C CYS A 275 30.53 -7.51 -2.21
N PHE A 276 31.78 -7.30 -1.86
CA PHE A 276 32.86 -7.20 -2.83
C PHE A 276 33.80 -8.41 -2.71
N ARG A 277 34.36 -8.81 -3.85
CA ARG A 277 35.24 -9.97 -3.89
C ARG A 277 36.41 -9.81 -2.93
N ASN A 278 36.73 -10.88 -2.21
CA ASN A 278 37.87 -10.86 -1.31
C ASN A 278 39.19 -10.96 -2.06
N SER A 279 39.24 -11.76 -3.12
CA SER A 279 40.47 -12.02 -3.85
C SER A 279 40.34 -11.45 -5.26
N LEU A 280 41.27 -10.57 -5.62
CA LEU A 280 41.36 -10.00 -6.96
C LEU A 280 42.63 -10.48 -7.64
N GLU A 281 42.77 -10.15 -8.92
CA GLU A 281 43.90 -10.60 -9.72
C GLU A 281 44.33 -9.49 -10.67
N ASN A 282 45.60 -9.56 -11.09
CA ASN A 282 46.17 -8.58 -12.01
C ASN A 282 46.36 -7.22 -11.34
N ASN A 283 46.69 -7.25 -10.06
CA ASN A 283 46.94 -6.02 -9.29
C ASN A 283 45.78 -5.03 -9.43
N GLU A 284 44.57 -5.56 -9.34
CA GLU A 284 43.36 -4.74 -9.42
C GLU A 284 42.91 -4.36 -8.02
N THR A 285 42.65 -3.08 -7.80
CA THR A 285 42.10 -2.58 -6.55
C THR A 285 40.65 -2.19 -6.76
N LEU A 286 40.00 -1.78 -5.66
CA LEU A 286 38.57 -1.48 -5.72
C LEU A 286 38.30 -0.33 -6.69
N GLU A 287 39.09 0.75 -6.59
CA GLU A 287 38.89 1.89 -7.47
C GLU A 287 39.16 1.54 -8.93
N SER A 288 40.22 0.77 -9.18
CA SER A 288 40.53 0.37 -10.54
C SER A 288 39.41 -0.48 -11.13
N ILE A 289 38.86 -1.40 -10.34
CA ILE A 289 37.74 -2.20 -10.80
C ILE A 289 36.53 -1.31 -11.07
N MET A 290 36.28 -0.35 -10.18
CA MET A 290 35.09 0.49 -10.31
C MET A 290 35.15 1.36 -11.56
N ASN A 291 36.31 1.93 -11.88
CA ASN A 291 36.40 2.87 -12.99
C ASN A 291 36.45 2.19 -14.35
N THR A 292 36.10 0.91 -14.44
CA THR A 292 36.03 0.20 -15.72
C THR A 292 34.65 -0.39 -15.99
N LEU A 293 33.99 -0.94 -14.98
CA LEU A 293 32.72 -1.62 -15.19
C LEU A 293 31.64 -0.63 -15.63
N GLU A 294 30.83 -1.03 -16.60
CA GLU A 294 29.71 -0.21 -17.04
C GLU A 294 28.41 -1.01 -17.13
N SER A 295 28.50 -2.32 -17.35
CA SER A 295 27.33 -3.15 -17.57
C SER A 295 27.11 -4.12 -16.42
N GLU A 296 25.86 -4.58 -16.29
CA GLU A 296 25.50 -5.45 -15.18
C GLU A 296 26.18 -6.80 -15.26
N GLU A 297 26.45 -7.30 -16.47
CA GLU A 297 27.15 -8.57 -16.60
C GLU A 297 28.60 -8.48 -16.12
N ASP A 298 29.19 -7.29 -16.11
CA ASP A 298 30.50 -7.10 -15.52
C ASP A 298 30.42 -6.78 -14.03
N PHE A 299 29.39 -6.06 -13.61
CA PHE A 299 29.21 -5.81 -12.18
C PHE A 299 28.97 -7.12 -11.43
N ARG A 300 28.27 -8.06 -12.06
CA ARG A 300 27.99 -9.35 -11.43
C ARG A 300 29.25 -10.17 -11.18
N LYS A 301 30.36 -9.84 -11.84
CA LYS A 301 31.59 -10.60 -11.68
C LYS A 301 32.35 -10.22 -10.42
N TYR A 302 32.09 -9.04 -9.84
CA TYR A 302 32.80 -8.59 -8.65
C TYR A 302 31.91 -8.38 -7.44
N PHE A 303 30.60 -8.29 -7.61
CA PHE A 303 29.68 -8.13 -6.50
C PHE A 303 28.70 -9.30 -6.46
N TYR A 304 28.11 -9.54 -5.30
CA TYR A 304 27.19 -10.65 -5.12
C TYR A 304 25.79 -10.20 -5.52
N TYR A 305 25.28 -10.75 -6.61
CA TYR A 305 23.92 -10.51 -7.07
C TYR A 305 23.11 -11.79 -6.88
N LEU A 306 21.96 -11.66 -6.23
CA LEU A 306 21.05 -12.80 -6.16
C LEU A 306 20.50 -13.11 -7.56
N GLU A 307 20.20 -14.38 -7.79
CA GLU A 307 19.73 -14.79 -9.09
C GLU A 307 18.49 -13.99 -9.49
N GLY A 308 18.48 -13.47 -10.70
CA GLY A 308 17.38 -12.66 -11.18
C GLY A 308 17.18 -11.38 -10.39
N SER A 309 18.27 -10.69 -10.05
CA SER A 309 18.21 -9.43 -9.33
C SER A 309 19.00 -8.37 -10.09
N LYS A 310 18.45 -7.15 -10.12
CA LYS A 310 19.12 -6.04 -10.80
C LYS A 310 20.01 -5.24 -9.87
N ASP A 311 19.97 -5.49 -8.57
CA ASP A 311 20.73 -4.72 -7.58
C ASP A 311 21.58 -5.67 -6.76
N ALA A 312 22.82 -5.24 -6.49
CA ALA A 312 23.73 -6.06 -5.69
C ALA A 312 23.17 -6.25 -4.29
N LEU A 313 23.38 -7.43 -3.74
CA LEU A 313 22.84 -7.75 -2.43
C LEU A 313 23.40 -6.81 -1.38
N LEU A 314 22.52 -6.23 -0.57
CA LEU A 314 22.93 -5.33 0.49
C LEU A 314 23.58 -6.11 1.62
N CYS A 315 24.46 -5.43 2.36
CA CYS A 315 25.13 -6.01 3.52
C CYS A 315 25.30 -4.92 4.58
N GLY A 316 25.69 -5.35 5.77
CA GLY A 316 25.91 -4.41 6.86
C GLY A 316 27.10 -4.83 7.70
N PHE A 317 27.61 -3.87 8.47
CA PHE A 317 28.77 -4.07 9.30
C PHE A 317 28.42 -4.50 10.73
N SER A 318 27.14 -4.61 11.05
CA SER A 318 26.69 -4.95 12.40
C SER A 318 26.47 -6.44 12.52
N THR A 319 26.16 -6.88 13.74
CA THR A 319 25.87 -8.28 13.99
C THR A 319 24.48 -8.68 13.54
N ASP A 320 23.57 -7.71 13.42
CA ASP A 320 22.19 -7.97 13.02
C ASP A 320 21.86 -7.40 11.64
N SER A 321 22.81 -7.46 10.71
CA SER A 321 22.60 -7.00 9.34
C SER A 321 22.71 -8.18 8.38
N GLY A 322 22.64 -7.89 7.09
CA GLY A 322 22.82 -8.92 6.09
C GLY A 322 24.27 -9.36 6.03
N GLN A 323 24.46 -10.66 5.84
CA GLN A 323 25.80 -11.27 5.82
C GLN A 323 26.15 -11.68 4.40
N CYS A 324 27.34 -11.27 3.95
CA CYS A 324 27.82 -11.65 2.64
C CYS A 324 28.30 -13.10 2.66
N PRO A 325 28.37 -13.74 1.48
CA PRO A 325 28.91 -15.10 1.43
C PRO A 325 30.36 -15.13 1.89
N GLU A 326 30.89 -16.34 2.04
CA GLU A 326 32.32 -16.49 2.28
C GLU A 326 33.08 -16.11 1.02
N GLY A 327 34.17 -15.38 1.20
CA GLY A 327 34.92 -14.85 0.08
C GLY A 327 34.43 -13.51 -0.42
N TYR A 328 33.43 -12.92 0.24
CA TYR A 328 32.94 -11.58 -0.08
C TYR A 328 32.97 -10.73 1.18
N THR A 329 33.38 -9.47 1.04
CA THR A 329 33.47 -8.55 2.15
C THR A 329 32.60 -7.33 1.89
N CYS A 330 31.97 -6.83 2.95
CA CYS A 330 31.01 -5.74 2.84
C CYS A 330 31.74 -4.41 2.70
N VAL A 331 31.45 -3.68 1.62
CA VAL A 331 32.05 -2.38 1.35
C VAL A 331 30.95 -1.42 0.91
N LYS A 332 31.22 -0.13 1.07
CA LYS A 332 30.29 0.93 0.70
C LYS A 332 30.80 1.58 -0.58
N ILE A 333 30.21 1.20 -1.71
CA ILE A 333 30.60 1.74 -3.01
C ILE A 333 29.50 1.42 -4.01
N GLY A 334 29.41 2.22 -5.07
CA GLY A 334 28.46 1.97 -6.13
C GLY A 334 27.25 2.90 -6.09
N ARG A 335 26.11 2.41 -6.57
CA ARG A 335 24.89 3.20 -6.67
C ARG A 335 23.80 2.60 -5.78
N ASN A 336 22.85 3.45 -5.41
CA ASN A 336 21.74 3.02 -4.56
C ASN A 336 20.77 2.17 -5.37
N PRO A 337 19.96 1.35 -4.70
CA PRO A 337 19.06 0.45 -5.42
C PRO A 337 17.94 1.22 -6.12
N ASP A 338 17.25 0.50 -7.00
CA ASP A 338 16.10 1.05 -7.74
C ASP A 338 16.54 2.20 -8.64
N TYR A 339 17.52 1.90 -9.50
CA TYR A 339 18.06 2.88 -10.44
C TYR A 339 18.78 4.03 -9.72
N GLY A 340 18.88 3.94 -8.39
CA GLY A 340 19.47 5.00 -7.60
C GLY A 340 18.47 5.91 -6.93
N TYR A 341 17.17 5.69 -7.11
CA TYR A 341 16.15 6.56 -6.54
C TYR A 341 15.80 6.21 -5.10
N THR A 342 16.23 5.06 -4.60
CA THR A 342 15.96 4.65 -3.21
C THR A 342 17.21 4.90 -2.40
N SER A 343 17.28 6.06 -1.75
CA SER A 343 18.45 6.44 -0.98
C SER A 343 18.06 7.46 0.07
N PHE A 344 18.91 7.56 1.10
CA PHE A 344 18.79 8.60 2.12
C PHE A 344 19.94 9.59 2.04
N ASP A 345 20.71 9.57 0.95
CA ASP A 345 21.95 10.34 0.89
C ASP A 345 21.72 11.83 0.99
N THR A 346 20.71 12.36 0.29
CA THR A 346 20.45 13.79 0.25
C THR A 346 19.07 14.05 0.84
N PHE A 347 18.83 15.33 1.18
CA PHE A 347 17.56 15.68 1.81
C PHE A 347 16.39 15.43 0.86
N SER A 348 16.58 15.68 -0.43
CA SER A 348 15.49 15.47 -1.39
C SER A 348 15.10 13.99 -1.45
N TRP A 349 16.10 13.11 -1.54
CA TRP A 349 15.81 11.67 -1.57
C TRP A 349 15.22 11.20 -0.25
N ALA A 350 15.71 11.75 0.87
CA ALA A 350 15.14 11.41 2.16
C ALA A 350 13.69 11.83 2.26
N PHE A 351 13.37 13.03 1.76
CA PHE A 351 11.98 13.50 1.76
C PHE A 351 11.11 12.63 0.88
N LEU A 352 11.61 12.22 -0.28
CA LEU A 352 10.84 11.31 -1.14
C LEU A 352 10.58 9.99 -0.42
N ALA A 353 11.61 9.45 0.25
CA ALA A 353 11.44 8.19 0.96
C ALA A 353 10.45 8.34 2.11
N LEU A 354 10.48 9.47 2.81
CA LEU A 354 9.57 9.67 3.93
C LEU A 354 8.14 9.87 3.44
N PHE A 355 7.96 10.55 2.31
CA PHE A 355 6.62 10.65 1.73
C PHE A 355 6.11 9.28 1.31
N ARG A 356 6.99 8.45 0.74
CA ARG A 356 6.59 7.08 0.40
C ARG A 356 6.21 6.28 1.64
N LEU A 357 6.95 6.46 2.73
CA LEU A 357 6.61 5.79 3.98
C LEU A 357 5.27 6.28 4.52
N MET A 358 5.03 7.59 4.45
CA MET A 358 3.76 8.14 4.94
C MET A 358 2.59 7.59 4.16
N THR A 359 2.71 7.54 2.83
CA THR A 359 1.65 7.00 2.00
C THR A 359 1.61 5.47 2.00
N GLN A 360 2.61 4.82 2.60
CA GLN A 360 2.62 3.36 2.74
C GLN A 360 2.51 2.67 1.39
N ASP A 361 3.30 3.17 0.43
CA ASP A 361 3.34 2.62 -0.94
C ASP A 361 4.62 1.81 -1.09
N TYR A 362 4.53 0.49 -1.17
CA TYR A 362 5.72 -0.35 -1.32
C TYR A 362 6.73 -0.07 -0.22
N TRP A 363 6.22 0.28 0.97
CA TRP A 363 7.11 0.66 2.06
C TRP A 363 7.83 -0.54 2.67
N GLU A 364 7.30 -1.75 2.50
CA GLU A 364 7.97 -2.91 3.06
C GLU A 364 9.31 -3.17 2.37
N ASN A 365 9.43 -2.82 1.09
CA ASN A 365 10.71 -2.97 0.42
C ASN A 365 11.76 -2.04 1.02
N LEU A 366 11.41 -0.78 1.26
CA LEU A 366 12.33 0.14 1.92
C LEU A 366 12.64 -0.34 3.33
N TYR A 367 11.63 -0.85 4.03
CA TYR A 367 11.82 -1.41 5.37
C TYR A 367 12.87 -2.50 5.35
N GLN A 368 12.71 -3.48 4.45
CA GLN A 368 13.64 -4.60 4.38
C GLN A 368 15.03 -4.13 3.95
N GLN A 369 15.11 -3.25 2.96
CA GLN A 369 16.42 -2.77 2.51
C GLN A 369 17.15 -2.05 3.64
N THR A 370 16.45 -1.16 4.34
CA THR A 370 17.09 -0.40 5.42
C THR A 370 17.53 -1.32 6.55
N LEU A 371 16.69 -2.29 6.93
CA LEU A 371 17.10 -3.21 8.00
C LEU A 371 18.30 -4.05 7.57
N ARG A 372 18.29 -4.57 6.34
CA ARG A 372 19.43 -5.37 5.87
C ARG A 372 20.70 -4.53 5.85
N ALA A 373 20.62 -3.28 5.42
CA ALA A 373 21.81 -2.46 5.28
C ALA A 373 22.33 -1.96 6.63
N ALA A 374 21.44 -1.64 7.57
CA ALA A 374 21.82 -1.00 8.82
C ALA A 374 21.82 -1.95 10.01
N GLY A 375 20.71 -2.62 10.26
CA GLY A 375 20.58 -3.49 11.41
C GLY A 375 19.11 -3.60 11.80
N LYS A 376 18.74 -4.75 12.37
CA LYS A 376 17.35 -5.00 12.70
C LYS A 376 16.87 -4.18 13.89
N THR A 377 17.79 -3.66 14.71
CA THR A 377 17.37 -2.79 15.81
C THR A 377 16.88 -1.43 15.32
N TYR A 378 16.90 -1.18 14.01
CA TYR A 378 16.44 0.07 13.45
C TYR A 378 14.98 0.01 13.03
N MET A 379 14.27 -1.08 13.36
CA MET A 379 12.84 -1.14 13.11
C MET A 379 12.05 -0.21 14.02
N ILE A 380 12.68 0.31 15.07
CA ILE A 380 12.00 1.28 15.93
C ILE A 380 11.72 2.57 15.16
N PHE A 381 12.66 2.99 14.31
CA PHE A 381 12.43 4.16 13.48
C PHE A 381 11.21 3.96 12.59
N PHE A 382 11.10 2.78 11.97
CA PHE A 382 9.97 2.53 11.08
C PHE A 382 8.67 2.42 11.86
N VAL A 383 8.72 1.83 13.06
CA VAL A 383 7.53 1.76 13.90
C VAL A 383 7.04 3.16 14.22
N VAL A 384 7.94 4.03 14.67
CA VAL A 384 7.55 5.39 15.03
C VAL A 384 7.01 6.13 13.81
N VAL A 385 7.70 6.01 12.68
CA VAL A 385 7.26 6.73 11.48
C VAL A 385 5.87 6.25 11.05
N ILE A 386 5.67 4.94 11.05
CA ILE A 386 4.40 4.39 10.56
C ILE A 386 3.25 4.73 11.50
N PHE A 387 3.49 4.72 12.81
CA PHE A 387 2.43 4.97 13.78
C PHE A 387 2.33 6.42 14.21
N LEU A 388 3.14 7.32 13.65
CA LEU A 388 3.03 8.74 14.00
C LEU A 388 2.78 9.60 12.77
N GLY A 389 3.32 9.22 11.62
CA GLY A 389 3.13 10.01 10.41
C GLY A 389 2.21 9.37 9.40
N SER A 390 2.33 8.05 9.22
CA SER A 390 1.53 7.37 8.22
C SER A 390 0.09 7.15 8.65
N PHE A 391 -0.15 6.96 9.95
CA PHE A 391 -1.49 6.68 10.44
C PHE A 391 -2.16 7.85 11.14
N TYR A 392 -1.41 8.87 11.54
CA TYR A 392 -1.98 10.04 12.19
C TYR A 392 -2.15 11.22 11.24
N LEU A 393 -1.10 11.60 10.50
CA LEU A 393 -1.23 12.71 9.57
C LEU A 393 -2.26 12.41 8.48
N ILE A 394 -2.46 11.13 8.16
CA ILE A 394 -3.50 10.76 7.21
C ILE A 394 -4.87 11.02 7.82
N ASN A 395 -5.03 10.77 9.12
CA ASN A 395 -6.32 10.99 9.76
C ASN A 395 -6.65 12.47 9.89
N LEU A 396 -5.65 13.32 10.10
CA LEU A 396 -5.90 14.76 10.14
C LEU A 396 -6.45 15.25 8.81
N ILE A 397 -5.87 14.80 7.70
CA ILE A 397 -6.39 15.16 6.39
C ILE A 397 -7.80 14.61 6.22
N LEU A 398 -8.01 13.35 6.58
CA LEU A 398 -9.34 12.75 6.45
C LEU A 398 -10.36 13.44 7.35
N ALA A 399 -9.95 13.79 8.58
CA ALA A 399 -10.88 14.45 9.50
C ALA A 399 -11.22 15.86 9.04
N VAL A 400 -10.22 16.61 8.58
CA VAL A 400 -10.44 18.00 8.21
C VAL A 400 -11.41 18.10 7.04
N VAL A 401 -11.24 17.23 6.03
CA VAL A 401 -12.11 17.28 4.86
C VAL A 401 -13.54 16.96 5.25
N ALA A 402 -13.72 16.00 6.17
CA ALA A 402 -15.07 15.68 6.63
C ALA A 402 -15.70 16.87 7.32
N MET A 403 -14.95 17.57 8.17
CA MET A 403 -15.47 18.77 8.80
C MET A 403 -15.78 19.85 7.77
N ALA A 404 -14.91 20.01 6.78
CA ALA A 404 -15.17 20.99 5.74
C ALA A 404 -16.40 20.63 4.91
N TYR A 405 -16.54 19.35 4.56
CA TYR A 405 -17.72 18.92 3.83
C TYR A 405 -18.97 19.06 4.68
N GLU A 406 -18.91 18.62 5.94
CA GLU A 406 -20.09 18.65 6.80
C GLU A 406 -20.58 20.09 6.98
N GLU A 407 -19.66 21.04 7.11
CA GLU A 407 -20.06 22.44 7.19
C GLU A 407 -20.76 22.89 5.91
N GLN A 408 -20.23 22.49 4.75
CA GLN A 408 -20.88 22.83 3.49
C GLN A 408 -22.28 22.24 3.42
N ASN A 409 -22.42 20.98 3.84
CA ASN A 409 -23.72 20.31 3.76
C ASN A 409 -24.74 21.00 4.66
N GLN A 410 -24.32 21.40 5.86
CA GLN A 410 -25.24 22.11 6.75
C GLN A 410 -25.74 23.41 6.12
N ALA A 411 -24.84 24.17 5.49
CA ALA A 411 -25.25 25.41 4.85
C ALA A 411 -26.23 25.14 3.72
N ASN A 412 -25.99 24.10 2.93
CA ASN A 412 -26.92 23.75 1.86
C ASN A 412 -28.29 23.39 2.42
N ILE A 413 -28.32 22.61 3.50
CA ILE A 413 -29.60 22.26 4.13
C ILE A 413 -30.30 23.52 4.62
N GLU A 414 -29.56 24.42 5.28
CA GLU A 414 -30.17 25.64 5.78
C GLU A 414 -30.71 26.51 4.65
N GLU A 415 -29.95 26.65 3.56
CA GLU A 415 -30.42 27.43 2.43
C GLU A 415 -31.67 26.80 1.80
N ALA A 416 -31.71 25.48 1.69
CA ALA A 416 -32.92 24.82 1.19
C ALA A 416 -34.10 25.07 2.12
N LYS A 417 -33.87 25.05 3.43
CA LYS A 417 -34.93 25.36 4.38
C LYS A 417 -35.46 26.78 4.16
N GLN A 418 -34.56 27.71 3.88
CA GLN A 418 -34.95 29.08 3.56
C GLN A 418 -35.28 29.21 2.08
N PRO A 728 -64.24 -11.56 -22.27
CA PRO A 728 -65.18 -12.62 -21.88
C PRO A 728 -64.49 -13.76 -21.16
N TYR A 729 -63.45 -14.32 -21.79
CA TYR A 729 -62.71 -15.42 -21.22
C TYR A 729 -61.37 -15.00 -20.62
N TRP A 730 -60.90 -13.80 -20.93
CA TRP A 730 -59.59 -13.37 -20.44
C TRP A 730 -59.60 -13.17 -18.93
N ILE A 731 -60.66 -12.54 -18.41
CA ILE A 731 -60.71 -12.26 -16.98
C ILE A 731 -60.72 -13.54 -16.16
N LYS A 732 -61.33 -14.61 -16.69
CA LYS A 732 -61.36 -15.88 -15.98
C LYS A 732 -59.96 -16.36 -15.65
N PHE A 733 -59.06 -16.34 -16.65
CA PHE A 733 -57.68 -16.73 -16.41
C PHE A 733 -56.91 -15.67 -15.65
N LYS A 734 -57.23 -14.39 -15.87
CA LYS A 734 -56.50 -13.32 -15.20
C LYS A 734 -56.65 -13.42 -13.69
N LYS A 735 -57.89 -13.53 -13.20
CA LYS A 735 -58.09 -13.58 -11.76
C LYS A 735 -57.47 -14.85 -11.17
N CYS A 736 -57.61 -15.99 -11.85
CA CYS A 736 -57.04 -17.22 -11.35
C CYS A 736 -55.53 -17.11 -11.21
N ILE A 737 -54.86 -16.62 -12.26
CA ILE A 737 -53.41 -16.54 -12.22
C ILE A 737 -52.96 -15.51 -11.19
N TYR A 738 -53.69 -14.39 -11.08
CA TYR A 738 -53.33 -13.39 -10.07
C TYR A 738 -53.43 -13.98 -8.66
N PHE A 739 -54.50 -14.72 -8.38
CA PHE A 739 -54.61 -15.35 -7.08
C PHE A 739 -53.51 -16.39 -6.86
N ILE A 740 -53.11 -17.09 -7.92
CA ILE A 740 -52.10 -18.13 -7.79
C ILE A 740 -50.73 -17.52 -7.50
N VAL A 741 -50.35 -16.48 -8.22
CA VAL A 741 -48.96 -16.01 -8.21
C VAL A 741 -48.76 -14.94 -7.15
N MET A 742 -49.71 -14.03 -7.00
CA MET A 742 -49.58 -12.91 -6.05
C MET A 742 -50.00 -13.35 -4.66
N ASP A 743 -49.24 -14.31 -4.12
CA ASP A 743 -49.45 -14.86 -2.80
C ASP A 743 -48.11 -14.91 -2.08
N PRO A 744 -48.11 -14.77 -0.74
CA PRO A 744 -46.82 -14.75 -0.02
C PRO A 744 -45.95 -15.96 -0.26
N PHE A 745 -46.53 -17.16 -0.39
CA PHE A 745 -45.72 -18.36 -0.52
C PHE A 745 -44.83 -18.31 -1.76
N VAL A 746 -45.36 -17.79 -2.87
CA VAL A 746 -44.62 -17.82 -4.12
C VAL A 746 -43.36 -16.97 -4.04
N ASP A 747 -43.44 -15.82 -3.34
CA ASP A 747 -42.25 -14.98 -3.19
C ASP A 747 -41.15 -15.70 -2.43
N LEU A 748 -41.51 -16.40 -1.35
CA LEU A 748 -40.51 -17.15 -0.59
C LEU A 748 -39.96 -18.30 -1.43
N ALA A 749 -40.81 -18.94 -2.22
CA ALA A 749 -40.34 -20.01 -3.09
C ALA A 749 -39.32 -19.46 -4.09
N ILE A 750 -39.60 -18.30 -4.67
CA ILE A 750 -38.66 -17.71 -5.63
C ILE A 750 -37.37 -17.30 -4.93
N THR A 751 -37.45 -16.82 -3.69
CA THR A 751 -36.24 -16.46 -2.96
C THR A 751 -35.38 -17.69 -2.71
N ILE A 752 -35.99 -18.79 -2.28
CA ILE A 752 -35.23 -20.03 -2.08
C ILE A 752 -34.67 -20.52 -3.41
N CYS A 753 -35.42 -20.33 -4.49
CA CYS A 753 -34.93 -20.73 -5.81
C CYS A 753 -33.70 -19.92 -6.20
N ILE A 754 -33.70 -18.62 -5.93
CA ILE A 754 -32.55 -17.78 -6.22
C ILE A 754 -31.34 -18.24 -5.40
N VAL A 755 -31.55 -18.49 -4.10
CA VAL A 755 -30.44 -18.92 -3.25
C VAL A 755 -29.88 -20.25 -3.74
N LEU A 756 -30.75 -21.19 -4.08
CA LEU A 756 -30.30 -22.49 -4.56
C LEU A 756 -29.58 -22.37 -5.90
N ASN A 757 -30.05 -21.49 -6.79
CA ASN A 757 -29.37 -21.32 -8.07
C ASN A 757 -27.97 -20.76 -7.87
N THR A 758 -27.82 -19.78 -6.99
CA THR A 758 -26.49 -19.26 -6.71
C THR A 758 -25.59 -20.33 -6.10
N LEU A 759 -26.12 -21.10 -5.14
CA LEU A 759 -25.32 -22.17 -4.54
C LEU A 759 -24.90 -23.18 -5.61
N PHE A 760 -25.81 -23.51 -6.53
CA PHE A 760 -25.50 -24.44 -7.60
C PHE A 760 -24.40 -23.88 -8.50
N MET A 761 -24.46 -22.59 -8.81
CA MET A 761 -23.44 -21.99 -9.65
C MET A 761 -22.09 -21.92 -8.94
N ALA A 762 -22.10 -21.86 -7.60
CA ALA A 762 -20.85 -21.77 -6.85
C ALA A 762 -20.07 -23.08 -6.82
N MET A 763 -20.62 -24.16 -7.37
CA MET A 763 -19.96 -25.45 -7.31
C MET A 763 -19.01 -25.71 -8.48
N GLU A 764 -18.85 -24.76 -9.39
CA GLU A 764 -18.00 -24.96 -10.55
C GLU A 764 -16.52 -24.90 -10.14
N HIS A 765 -15.70 -25.72 -10.81
CA HIS A 765 -14.25 -25.72 -10.60
C HIS A 765 -13.59 -26.26 -11.85
N HIS A 766 -12.27 -26.13 -11.90
CA HIS A 766 -11.55 -26.43 -13.14
C HIS A 766 -11.58 -27.92 -13.48
N PRO A 767 -10.93 -28.79 -12.69
CA PRO A 767 -10.93 -30.21 -13.10
C PRO A 767 -12.28 -30.87 -12.84
N MET A 768 -13.24 -30.57 -13.72
CA MET A 768 -14.61 -31.01 -13.56
C MET A 768 -14.91 -32.12 -14.56
N THR A 769 -15.42 -33.24 -14.05
CA THR A 769 -15.72 -34.37 -14.92
C THR A 769 -16.98 -34.11 -15.73
N GLU A 770 -17.15 -34.91 -16.79
CA GLU A 770 -18.25 -34.68 -17.73
C GLU A 770 -19.60 -34.86 -17.04
N GLU A 771 -19.72 -35.84 -16.15
CA GLU A 771 -20.98 -36.04 -15.45
C GLU A 771 -21.33 -34.82 -14.60
N PHE A 772 -20.34 -34.25 -13.91
CA PHE A 772 -20.58 -33.05 -13.11
C PHE A 772 -20.98 -31.88 -14.00
N LYS A 773 -20.31 -31.73 -15.14
CA LYS A 773 -20.66 -30.65 -16.06
C LYS A 773 -22.11 -30.81 -16.55
N ASN A 774 -22.50 -32.04 -16.89
CA ASN A 774 -23.87 -32.28 -17.34
C ASN A 774 -24.87 -31.98 -16.24
N VAL A 775 -24.56 -32.37 -15.00
CA VAL A 775 -25.45 -32.06 -13.89
C VAL A 775 -25.62 -30.56 -13.73
N LEU A 776 -24.52 -29.82 -13.81
CA LEU A 776 -24.61 -28.37 -13.69
C LEU A 776 -25.45 -27.78 -14.81
N ALA A 777 -25.25 -28.25 -16.04
CA ALA A 777 -26.04 -27.73 -17.16
C ALA A 777 -27.53 -28.01 -16.98
N ILE A 778 -27.87 -29.23 -16.55
CA ILE A 778 -29.27 -29.59 -16.36
C ILE A 778 -29.90 -28.73 -15.26
N GLY A 779 -29.18 -28.55 -14.16
CA GLY A 779 -29.72 -27.71 -13.09
C GLY A 779 -29.92 -26.28 -13.52
N ASN A 780 -28.96 -25.73 -14.27
CA ASN A 780 -29.12 -24.37 -14.77
C ASN A 780 -30.32 -24.26 -15.70
N LEU A 781 -30.53 -25.26 -16.56
CA LEU A 781 -31.69 -25.25 -17.44
C LEU A 781 -32.97 -25.30 -16.63
N VAL A 782 -33.01 -26.12 -15.59
CA VAL A 782 -34.21 -26.22 -14.75
C VAL A 782 -34.50 -24.87 -14.10
N PHE A 783 -33.47 -24.22 -13.55
CA PHE A 783 -33.69 -22.97 -12.84
C PHE A 783 -34.13 -21.86 -13.80
N THR A 784 -33.50 -21.77 -14.98
CA THR A 784 -33.94 -20.76 -15.94
C THR A 784 -35.35 -21.04 -16.44
N GLY A 785 -35.70 -22.32 -16.58
CA GLY A 785 -37.08 -22.64 -16.95
C GLY A 785 -38.07 -22.19 -15.89
N ILE A 786 -37.75 -22.41 -14.62
CA ILE A 786 -38.64 -21.98 -13.55
C ILE A 786 -38.80 -20.46 -13.58
N PHE A 787 -37.70 -19.74 -13.74
CA PHE A 787 -37.78 -18.28 -13.73
C PHE A 787 -38.55 -17.75 -14.95
N ALA A 788 -38.34 -18.34 -16.12
CA ALA A 788 -39.12 -17.94 -17.29
C ALA A 788 -40.60 -18.25 -17.09
N ALA A 789 -40.91 -19.39 -16.49
CA ALA A 789 -42.29 -19.72 -16.20
C ALA A 789 -42.94 -18.67 -15.32
N GLU A 790 -42.27 -18.28 -14.23
CA GLU A 790 -42.86 -17.27 -13.37
C GLU A 790 -42.97 -15.93 -14.09
N MET A 791 -42.00 -15.61 -14.95
CA MET A 791 -42.12 -14.42 -15.79
C MET A 791 -43.42 -14.42 -16.57
N VAL A 792 -43.68 -15.50 -17.31
CA VAL A 792 -44.88 -15.56 -18.13
C VAL A 792 -46.13 -15.53 -17.27
N LEU A 793 -46.12 -16.26 -16.15
CA LEU A 793 -47.28 -16.30 -15.28
C LEU A 793 -47.63 -14.92 -14.76
N LYS A 794 -46.64 -14.19 -14.25
CA LYS A 794 -46.93 -12.86 -13.72
C LYS A 794 -47.38 -11.90 -14.81
N LEU A 795 -46.77 -11.97 -15.99
CA LEU A 795 -47.17 -11.06 -17.06
C LEU A 795 -48.61 -11.33 -17.48
N ILE A 796 -48.97 -12.61 -17.69
CA ILE A 796 -50.35 -12.91 -18.06
C ILE A 796 -51.30 -12.55 -16.91
N ALA A 797 -50.82 -12.64 -15.67
CA ALA A 797 -51.67 -12.31 -14.53
C ALA A 797 -52.05 -10.84 -14.53
N MET A 798 -51.08 -9.93 -14.64
CA MET A 798 -51.36 -8.46 -14.51
C MET A 798 -51.13 -7.70 -15.83
N ASP A 799 -50.68 -8.37 -16.90
CA ASP A 799 -50.41 -7.73 -18.22
C ASP A 799 -49.16 -6.85 -18.12
N PRO A 800 -48.57 -6.37 -19.24
CA PRO A 800 -47.33 -5.61 -19.21
C PRO A 800 -47.52 -4.10 -18.94
N TYR A 801 -48.76 -3.61 -18.91
CA TYR A 801 -49.05 -2.19 -18.58
C TYR A 801 -48.76 -2.02 -17.09
N GLU A 802 -49.32 -2.89 -16.25
CA GLU A 802 -49.07 -2.90 -14.82
C GLU A 802 -47.77 -3.58 -14.46
N TYR A 803 -47.25 -4.47 -15.32
CA TYR A 803 -46.00 -5.15 -15.00
C TYR A 803 -44.80 -4.22 -15.14
N PHE A 804 -44.76 -3.42 -16.20
CA PHE A 804 -43.60 -2.59 -16.47
C PHE A 804 -43.55 -1.33 -15.60
N GLN A 805 -44.34 -1.26 -14.54
CA GLN A 805 -44.33 -0.13 -13.62
C GLN A 805 -43.51 -0.37 -12.36
N VAL A 806 -42.84 -1.52 -12.25
CA VAL A 806 -42.13 -1.91 -11.04
C VAL A 806 -40.65 -2.07 -11.37
N GLY A 807 -39.80 -1.39 -10.58
CA GLY A 807 -38.37 -1.40 -10.86
C GLY A 807 -37.78 -2.79 -10.82
N TRP A 808 -38.09 -3.56 -9.77
CA TRP A 808 -37.60 -4.92 -9.69
C TRP A 808 -38.06 -5.74 -10.88
N ASN A 809 -39.32 -5.55 -11.30
CA ASN A 809 -39.84 -6.28 -12.44
C ASN A 809 -39.07 -5.96 -13.71
N ILE A 810 -38.68 -4.70 -13.90
CA ILE A 810 -37.95 -4.34 -15.12
C ILE A 810 -36.67 -5.14 -15.22
N PHE A 811 -35.86 -5.16 -14.16
CA PHE A 811 -34.57 -5.83 -14.26
C PHE A 811 -34.74 -7.34 -14.23
N ASP A 812 -35.79 -7.85 -13.58
CA ASP A 812 -36.06 -9.29 -13.64
C ASP A 812 -36.34 -9.69 -15.09
N SER A 813 -37.16 -8.90 -15.79
CA SER A 813 -37.42 -9.19 -17.20
C SER A 813 -36.15 -9.10 -18.02
N LEU A 814 -35.32 -8.08 -17.76
CA LEU A 814 -34.05 -7.98 -18.48
C LEU A 814 -33.21 -9.23 -18.29
N ILE A 815 -33.11 -9.70 -17.04
CA ILE A 815 -32.23 -10.83 -16.74
C ILE A 815 -32.78 -12.12 -17.36
N VAL A 816 -34.09 -12.34 -17.30
CA VAL A 816 -34.62 -13.57 -17.90
C VAL A 816 -34.46 -13.53 -19.41
N THR A 817 -34.63 -12.35 -20.02
CA THR A 817 -34.39 -12.24 -21.47
C THR A 817 -32.94 -12.55 -21.81
N LEU A 818 -31.99 -12.04 -21.01
CA LEU A 818 -30.59 -12.32 -21.27
C LEU A 818 -30.30 -13.80 -21.11
N SER A 819 -30.87 -14.44 -20.09
CA SER A 819 -30.66 -15.87 -19.89
C SER A 819 -31.21 -16.67 -21.06
N LEU A 820 -32.39 -16.29 -21.57
CA LEU A 820 -32.94 -16.96 -22.75
C LEU A 820 -32.03 -16.78 -23.96
N VAL A 821 -31.49 -15.57 -24.13
CA VAL A 821 -30.58 -15.32 -25.24
C VAL A 821 -29.35 -16.22 -25.12
N GLU A 822 -28.79 -16.31 -23.92
CA GLU A 822 -27.62 -17.17 -23.70
C GLU A 822 -27.95 -18.62 -24.00
N LEU A 823 -29.11 -19.09 -23.52
CA LEU A 823 -29.49 -20.47 -23.77
C LEU A 823 -29.61 -20.76 -25.26
N PHE A 824 -30.24 -19.84 -26.01
CA PHE A 824 -30.37 -20.04 -27.44
C PHE A 824 -29.01 -20.01 -28.12
N LEU A 825 -28.12 -19.12 -27.70
CA LEU A 825 -26.80 -19.01 -28.30
C LEU A 825 -25.90 -20.15 -27.84
N LEU A 831 -22.06 -15.84 -24.38
CA LEU A 831 -20.86 -16.66 -24.27
C LEU A 831 -20.61 -16.97 -22.78
N SER A 832 -19.39 -16.74 -22.28
CA SER A 832 -19.08 -17.05 -20.89
C SER A 832 -19.39 -15.89 -19.95
N VAL A 833 -19.87 -14.77 -20.47
CA VAL A 833 -20.28 -13.63 -19.65
C VAL A 833 -21.78 -13.63 -19.39
N LEU A 834 -22.58 -13.84 -20.45
CA LEU A 834 -24.02 -13.80 -20.30
C LEU A 834 -24.52 -14.84 -19.31
N ARG A 835 -23.75 -15.90 -19.07
CA ARG A 835 -24.14 -16.87 -18.04
C ARG A 835 -23.97 -16.32 -16.64
N SER A 836 -23.08 -15.35 -16.45
CA SER A 836 -22.84 -14.75 -15.15
C SER A 836 -23.76 -13.57 -14.86
N PHE A 837 -24.63 -13.19 -15.80
CA PHE A 837 -25.57 -12.11 -15.55
C PHE A 837 -26.78 -12.54 -14.74
N ARG A 838 -27.03 -13.85 -14.65
CA ARG A 838 -28.07 -14.33 -13.74
C ARG A 838 -27.66 -14.14 -12.28
N LEU A 839 -26.37 -13.93 -12.01
CA LEU A 839 -25.91 -13.75 -10.64
C LEU A 839 -26.49 -12.48 -10.02
N LEU A 840 -26.89 -11.51 -10.85
CA LEU A 840 -27.43 -10.26 -10.33
C LEU A 840 -28.78 -10.44 -9.67
N ARG A 841 -29.45 -11.58 -9.85
CA ARG A 841 -30.70 -11.82 -9.15
C ARG A 841 -30.53 -11.86 -7.65
N VAL A 842 -29.29 -12.02 -7.17
CA VAL A 842 -29.04 -12.06 -5.72
C VAL A 842 -29.49 -10.78 -5.07
N PHE A 843 -29.62 -9.69 -5.84
CA PHE A 843 -30.01 -8.41 -5.27
C PHE A 843 -31.51 -8.28 -5.06
N LYS A 844 -32.29 -9.30 -5.43
CA LYS A 844 -33.70 -9.31 -5.05
C LYS A 844 -33.87 -9.45 -3.56
N LEU A 845 -32.88 -10.03 -2.87
CA LEU A 845 -32.93 -10.18 -1.42
C LEU A 845 -32.78 -8.86 -0.69
N ALA A 846 -32.59 -7.75 -1.42
CA ALA A 846 -32.43 -6.46 -0.76
C ALA A 846 -33.69 -6.06 -0.01
N LYS A 847 -34.84 -6.43 -0.57
CA LYS A 847 -36.14 -6.08 0.05
C LYS A 847 -36.19 -6.61 1.49
N SER A 848 -35.87 -7.88 1.69
CA SER A 848 -35.90 -8.50 3.01
C SER A 848 -34.66 -8.20 3.83
N TRP A 849 -33.59 -7.74 3.19
CA TRP A 849 -32.30 -7.56 3.84
C TRP A 849 -32.03 -6.08 4.03
N PRO A 850 -32.23 -5.52 5.23
CA PRO A 850 -32.05 -4.06 5.38
C PRO A 850 -30.64 -3.59 5.05
N THR A 851 -29.61 -4.34 5.40
CA THR A 851 -28.24 -3.85 5.24
C THR A 851 -27.67 -4.10 3.85
N LEU A 852 -28.40 -4.80 2.98
CA LEU A 852 -28.04 -4.84 1.57
C LEU A 852 -28.68 -3.68 0.82
N ASN A 853 -29.84 -3.23 1.29
CA ASN A 853 -30.43 -2.02 0.74
C ASN A 853 -29.52 -0.82 0.96
N MET A 854 -28.73 -0.81 2.03
CA MET A 854 -27.76 0.27 2.20
C MET A 854 -26.72 0.26 1.10
N LEU A 855 -26.21 -0.92 0.74
CA LEU A 855 -25.25 -1.01 -0.35
C LEU A 855 -25.86 -0.55 -1.67
N ILE A 856 -27.09 -1.01 -1.95
CA ILE A 856 -27.76 -0.58 -3.18
C ILE A 856 -27.98 0.93 -3.16
N LYS A 857 -28.29 1.49 -2.00
CA LYS A 857 -28.50 2.93 -1.90
C LYS A 857 -27.21 3.69 -2.16
N ILE A 858 -26.09 3.18 -1.64
CA ILE A 858 -24.80 3.83 -1.89
C ILE A 858 -24.50 3.82 -3.39
N ILE A 859 -24.69 2.67 -4.03
CA ILE A 859 -24.42 2.56 -5.46
C ILE A 859 -25.32 3.51 -6.23
N GLY A 860 -26.59 3.58 -5.86
CA GLY A 860 -27.52 4.46 -6.55
C GLY A 860 -27.19 5.92 -6.36
N ASN A 861 -26.75 6.30 -5.16
CA ASN A 861 -26.34 7.68 -4.93
C ASN A 861 -25.12 8.03 -5.76
N SER A 862 -24.18 7.10 -5.90
CA SER A 862 -22.98 7.40 -6.66
C SER A 862 -23.28 7.79 -8.11
N VAL A 863 -24.45 7.39 -8.63
CA VAL A 863 -24.88 7.78 -9.97
C VAL A 863 -26.18 8.57 -9.92
N GLY A 864 -26.61 8.96 -8.73
CA GLY A 864 -27.83 9.73 -8.56
C GLY A 864 -27.55 11.16 -8.13
N ALA A 865 -27.68 11.40 -6.82
CA ALA A 865 -27.43 12.74 -6.30
C ALA A 865 -26.01 13.19 -6.59
N LEU A 866 -25.03 12.31 -6.38
CA LEU A 866 -23.62 12.63 -6.56
C LEU A 866 -23.11 12.25 -7.94
N GLY A 867 -24.01 12.11 -8.92
CA GLY A 867 -23.58 11.75 -10.25
C GLY A 867 -22.67 12.79 -10.87
N ASN A 868 -22.89 14.07 -10.56
CA ASN A 868 -21.99 15.10 -11.07
C ASN A 868 -20.57 14.93 -10.51
N LEU A 869 -20.46 14.60 -9.22
CA LEU A 869 -19.14 14.37 -8.64
C LEU A 869 -18.46 13.16 -9.27
N THR A 870 -19.21 12.08 -9.48
CA THR A 870 -18.63 10.92 -10.16
C THR A 870 -18.19 11.27 -11.59
N LEU A 871 -18.98 12.09 -12.28
CA LEU A 871 -18.61 12.49 -13.63
C LEU A 871 -17.35 13.34 -13.64
N VAL A 872 -17.20 14.23 -12.65
CA VAL A 872 -15.99 15.04 -12.56
C VAL A 872 -14.79 14.14 -12.29
N LEU A 873 -14.96 13.13 -11.44
CA LEU A 873 -13.86 12.19 -11.20
C LEU A 873 -13.48 11.48 -12.50
N ALA A 874 -14.47 11.05 -13.28
CA ALA A 874 -14.18 10.38 -14.53
C ALA A 874 -13.45 11.32 -15.50
N ILE A 875 -13.88 12.57 -15.58
CA ILE A 875 -13.25 13.53 -16.47
C ILE A 875 -11.81 13.77 -16.05
N ILE A 876 -11.56 13.90 -14.74
CA ILE A 876 -10.21 14.13 -14.26
C ILE A 876 -9.31 12.94 -14.60
N VAL A 877 -9.82 11.72 -14.40
CA VAL A 877 -9.01 10.55 -14.71
C VAL A 877 -8.71 10.49 -16.21
N PHE A 878 -9.70 10.80 -17.05
CA PHE A 878 -9.46 10.81 -18.49
C PHE A 878 -8.41 11.84 -18.86
N ILE A 879 -8.49 13.04 -18.27
CA ILE A 879 -7.51 14.08 -18.59
C ILE A 879 -6.11 13.63 -18.18
N PHE A 880 -5.99 13.02 -17.00
CA PHE A 880 -4.68 12.56 -16.56
C PHE A 880 -4.14 11.48 -17.49
N ALA A 881 -4.99 10.55 -17.92
CA ALA A 881 -4.53 9.51 -18.84
C ALA A 881 -4.04 10.11 -20.14
N VAL A 882 -4.80 11.05 -20.70
CA VAL A 882 -4.41 11.66 -21.98
C VAL A 882 -3.10 12.44 -21.81
N VAL A 883 -2.96 13.19 -20.72
CA VAL A 883 -1.74 13.97 -20.51
C VAL A 883 -0.55 13.05 -20.39
N GLY A 884 -0.67 11.98 -19.59
CA GLY A 884 0.42 11.04 -19.45
C GLY A 884 0.81 10.42 -20.78
N MET A 885 -0.19 9.99 -21.56
CA MET A 885 0.11 9.44 -22.88
C MET A 885 0.87 10.44 -23.72
N GLN A 886 0.31 11.64 -23.89
CA GLN A 886 0.94 12.62 -24.78
C GLN A 886 2.35 12.95 -24.34
N LEU A 887 2.60 13.01 -23.03
CA LEU A 887 3.92 13.40 -22.55
C LEU A 887 4.93 12.27 -22.71
N PHE A 888 4.59 11.07 -22.25
CA PHE A 888 5.60 10.03 -22.06
C PHE A 888 5.46 8.82 -22.96
N GLY A 889 4.49 8.77 -23.87
CA GLY A 889 4.33 7.58 -24.69
C GLY A 889 5.49 7.36 -25.64
N LYS A 890 5.94 8.42 -26.31
CA LYS A 890 7.05 8.29 -27.23
C LYS A 890 8.31 7.86 -26.49
N SER A 891 8.56 8.45 -25.33
CA SER A 891 9.75 8.10 -24.56
C SER A 891 9.69 6.65 -24.08
N TYR A 892 8.52 6.19 -23.63
CA TYR A 892 8.41 4.82 -23.14
C TYR A 892 8.85 3.82 -24.21
N LYS A 893 8.66 4.16 -25.48
CA LYS A 893 9.03 3.27 -26.57
C LYS A 893 10.47 3.49 -27.01
N GLU A 894 10.92 4.74 -27.07
CA GLU A 894 12.27 5.01 -27.54
C GLU A 894 13.33 4.55 -26.56
N CYS A 895 13.10 4.77 -25.25
CA CYS A 895 14.05 4.42 -24.22
C CYS A 895 13.71 3.11 -23.51
N VAL A 896 13.14 2.14 -24.23
CA VAL A 896 12.61 0.95 -23.58
C VAL A 896 13.72 0.12 -22.95
N CYS A 897 14.89 0.05 -23.59
CA CYS A 897 15.96 -0.78 -23.07
C CYS A 897 16.50 -0.28 -21.73
N LYS A 898 16.17 0.95 -21.34
CA LYS A 898 16.58 1.44 -20.02
C LYS A 898 15.74 0.85 -18.91
N ILE A 899 14.55 0.32 -19.22
CA ILE A 899 13.66 -0.22 -18.21
C ILE A 899 13.32 -1.69 -18.43
N ASN A 900 13.64 -2.26 -19.58
CA ASN A 900 13.42 -3.68 -19.84
C ASN A 900 14.56 -4.19 -20.71
N ASP A 901 15.34 -5.13 -20.17
CA ASP A 901 16.53 -5.59 -20.87
C ASP A 901 16.20 -6.30 -22.18
N ASP A 902 14.98 -6.81 -22.33
CA ASP A 902 14.56 -7.39 -23.61
C ASP A 902 14.30 -6.33 -24.66
N CYS A 903 14.42 -5.04 -24.32
CA CYS A 903 14.15 -3.95 -25.25
C CYS A 903 12.73 -4.04 -25.79
N THR A 904 11.80 -4.44 -24.93
CA THR A 904 10.38 -4.40 -25.24
C THR A 904 9.63 -3.84 -24.05
N LEU A 905 8.45 -3.30 -24.31
CA LEU A 905 7.77 -2.48 -23.31
C LEU A 905 7.45 -3.32 -22.07
N PRO A 906 7.54 -2.73 -20.87
CA PRO A 906 7.20 -3.49 -19.66
C PRO A 906 5.70 -3.68 -19.49
N ARG A 907 5.29 -4.26 -18.36
CA ARG A 907 3.86 -4.53 -18.15
C ARG A 907 3.08 -3.24 -17.98
N TRP A 908 3.61 -2.27 -17.24
CA TRP A 908 2.93 -1.01 -16.97
C TRP A 908 3.69 0.10 -17.69
N HIS A 909 3.05 0.69 -18.70
CA HIS A 909 3.65 1.76 -19.48
C HIS A 909 2.58 2.77 -19.86
N MET A 910 2.97 3.77 -20.65
CA MET A 910 2.10 4.88 -21.03
C MET A 910 2.04 5.05 -22.55
N ASN A 911 2.38 4.00 -23.30
CA ASN A 911 2.52 4.14 -24.75
C ASN A 911 1.18 4.22 -25.47
N ASP A 912 0.09 3.78 -24.82
CA ASP A 912 -1.23 3.88 -25.41
C ASP A 912 -2.23 4.25 -24.31
N PHE A 913 -3.43 4.65 -24.73
CA PHE A 913 -4.40 5.21 -23.80
C PHE A 913 -4.83 4.21 -22.74
N PHE A 914 -5.05 2.95 -23.11
CA PHE A 914 -5.52 1.99 -22.13
C PHE A 914 -4.49 1.80 -21.03
N HIS A 915 -3.22 1.70 -21.38
CA HIS A 915 -2.19 1.51 -20.35
C HIS A 915 -1.94 2.78 -19.56
N SER A 916 -2.06 3.96 -20.19
CA SER A 916 -1.99 5.20 -19.43
C SER A 916 -3.09 5.27 -18.39
N PHE A 917 -4.32 4.91 -18.79
CA PHE A 917 -5.43 4.89 -17.84
C PHE A 917 -5.19 3.86 -16.74
N LEU A 918 -4.63 2.70 -17.10
CA LEU A 918 -4.33 1.70 -16.08
C LEU A 918 -3.33 2.22 -15.07
N ILE A 919 -2.30 2.94 -15.54
CA ILE A 919 -1.33 3.51 -14.61
C ILE A 919 -1.99 4.54 -13.71
N VAL A 920 -2.87 5.37 -14.28
CA VAL A 920 -3.55 6.39 -13.46
C VAL A 920 -4.44 5.72 -12.41
N PHE A 921 -5.18 4.68 -12.80
CA PHE A 921 -6.02 3.97 -11.85
C PHE A 921 -5.18 3.31 -10.77
N ARG A 922 -4.02 2.76 -11.14
CA ARG A 922 -3.14 2.18 -10.14
C ARG A 922 -2.65 3.23 -9.15
N VAL A 923 -2.30 4.41 -9.65
CA VAL A 923 -1.89 5.49 -8.75
C VAL A 923 -3.03 5.84 -7.79
N LEU A 924 -4.26 5.88 -8.31
CA LEU A 924 -5.40 6.15 -7.43
C LEU A 924 -5.55 5.05 -6.38
N CYS A 925 -5.37 3.78 -6.79
CA CYS A 925 -5.41 2.68 -5.82
C CYS A 925 -4.33 2.82 -4.76
N GLY A 926 -3.20 3.43 -5.11
CA GLY A 926 -2.20 3.78 -4.12
C GLY A 926 -0.80 3.29 -4.38
N GLU A 927 -0.52 2.87 -5.62
CA GLU A 927 0.80 2.38 -6.02
C GLU A 927 1.36 3.31 -7.08
N TRP A 928 2.32 4.15 -6.70
CA TRP A 928 2.79 5.23 -7.56
C TRP A 928 4.31 5.30 -7.71
N ILE A 929 5.07 4.45 -7.03
CA ILE A 929 6.52 4.55 -7.03
C ILE A 929 7.15 3.59 -8.04
N GLU A 930 6.66 2.35 -8.11
CA GLU A 930 7.22 1.40 -9.06
C GLU A 930 7.02 1.87 -10.49
N THR A 931 5.82 2.35 -10.81
CA THR A 931 5.54 2.86 -12.15
C THR A 931 6.17 4.21 -12.42
N MET A 932 6.60 4.93 -11.38
CA MET A 932 7.24 6.22 -11.57
C MET A 932 8.75 6.11 -11.71
N TRP A 933 9.37 5.05 -11.17
CA TRP A 933 10.79 4.85 -11.40
C TRP A 933 11.08 4.69 -12.89
N ASP A 934 10.29 3.87 -13.58
CA ASP A 934 10.46 3.71 -15.02
C ASP A 934 10.15 5.01 -15.76
N CYS A 935 9.12 5.73 -15.33
CA CYS A 935 8.83 7.04 -15.90
C CYS A 935 10.06 7.92 -15.82
N MET A 936 10.68 8.00 -14.64
CA MET A 936 11.87 8.81 -14.49
C MET A 936 12.95 8.37 -15.46
N GLU A 937 13.25 7.06 -15.47
CA GLU A 937 14.33 6.56 -16.30
C GLU A 937 14.13 6.88 -17.76
N VAL A 938 12.88 6.87 -18.23
CA VAL A 938 12.63 7.07 -19.65
C VAL A 938 12.52 8.56 -20.00
N ALA A 939 11.90 9.36 -19.13
CA ALA A 939 11.50 10.70 -19.55
C ALA A 939 11.72 11.78 -18.49
N GLY A 940 12.74 11.68 -17.65
CA GLY A 940 13.11 12.83 -16.85
C GLY A 940 12.42 12.97 -15.50
N GLN A 941 13.25 13.22 -14.48
CA GLN A 941 12.77 13.27 -13.11
C GLN A 941 11.80 14.42 -12.89
N ALA A 942 12.13 15.62 -13.39
CA ALA A 942 11.28 16.77 -13.14
C ALA A 942 9.88 16.54 -13.71
N MET A 943 9.81 16.11 -14.97
CA MET A 943 8.51 15.90 -15.61
C MET A 943 7.72 14.82 -14.89
N CYS A 944 8.34 13.67 -14.66
CA CYS A 944 7.60 12.57 -14.04
C CYS A 944 7.15 12.94 -12.64
N LEU A 945 8.00 13.61 -11.86
CA LEU A 945 7.63 13.99 -10.51
C LEU A 945 6.47 14.97 -10.52
N ILE A 946 6.53 16.01 -11.37
CA ILE A 946 5.45 16.98 -11.42
C ILE A 946 4.13 16.29 -11.77
N VAL A 947 4.15 15.48 -12.83
CA VAL A 947 2.91 14.85 -13.29
C VAL A 947 2.36 13.91 -12.22
N TYR A 948 3.23 13.09 -11.63
CA TYR A 948 2.76 12.11 -10.65
C TYR A 948 2.24 12.79 -9.40
N MET A 949 2.90 13.85 -8.94
CA MET A 949 2.42 14.55 -7.76
C MET A 949 1.07 15.21 -8.02
N MET A 950 0.92 15.86 -9.18
CA MET A 950 -0.38 16.44 -9.49
C MET A 950 -1.46 15.38 -9.54
N VAL A 951 -1.20 14.28 -10.26
CA VAL A 951 -2.19 13.21 -10.37
C VAL A 951 -2.56 12.70 -8.98
N MET A 952 -1.56 12.36 -8.17
CA MET A 952 -1.82 11.79 -6.87
C MET A 952 -2.65 12.75 -6.03
N VAL A 953 -2.22 14.00 -5.90
CA VAL A 953 -2.89 14.93 -5.00
C VAL A 953 -4.32 15.18 -5.45
N ILE A 954 -4.50 15.54 -6.73
CA ILE A 954 -5.83 15.94 -7.18
C ILE A 954 -6.78 14.73 -7.21
N GLY A 955 -6.32 13.60 -7.74
CA GLY A 955 -7.16 12.43 -7.79
C GLY A 955 -7.55 11.94 -6.40
N ASN A 956 -6.61 11.96 -5.46
CA ASN A 956 -6.94 11.57 -4.10
C ASN A 956 -7.90 12.55 -3.46
N LEU A 957 -7.75 13.84 -3.73
CA LEU A 957 -8.69 14.82 -3.20
C LEU A 957 -10.10 14.53 -3.69
N VAL A 958 -10.25 14.29 -5.00
CA VAL A 958 -11.57 14.04 -5.55
C VAL A 958 -12.15 12.72 -5.03
N VAL A 959 -11.33 11.68 -4.95
CA VAL A 959 -11.81 10.38 -4.47
C VAL A 959 -12.23 10.50 -3.00
N LEU A 960 -11.45 11.21 -2.19
CA LEU A 960 -11.80 11.40 -0.79
C LEU A 960 -13.10 12.19 -0.66
N ASN A 961 -13.26 13.24 -1.47
CA ASN A 961 -14.50 14.01 -1.43
C ASN A 961 -15.68 13.12 -1.78
N LEU A 962 -15.56 12.31 -2.83
CA LEU A 962 -16.65 11.41 -3.21
C LEU A 962 -16.95 10.42 -2.10
N PHE A 963 -15.91 9.84 -1.50
CA PHE A 963 -16.11 8.84 -0.46
C PHE A 963 -16.85 9.44 0.72
N LEU A 964 -16.37 10.58 1.23
CA LEU A 964 -17.03 11.17 2.39
C LEU A 964 -18.43 11.65 2.05
N ALA A 965 -18.63 12.19 0.84
CA ALA A 965 -19.97 12.62 0.46
C ALA A 965 -20.93 11.44 0.47
N LEU A 966 -20.57 10.36 -0.23
CA LEU A 966 -21.43 9.18 -0.22
C LEU A 966 -21.69 8.71 1.21
N LEU A 967 -20.63 8.55 2.01
CA LEU A 967 -20.78 8.04 3.36
C LEU A 967 -21.77 8.88 4.16
N LEU A 968 -21.44 10.16 4.35
CA LEU A 968 -22.26 11.01 5.20
C LEU A 968 -23.67 11.16 4.65
N SER A 969 -23.82 11.41 3.35
CA SER A 969 -25.16 11.62 2.79
C SER A 969 -26.02 10.37 2.97
N SER A 970 -25.51 9.21 2.55
CA SER A 970 -26.32 8.00 2.65
C SER A 970 -26.65 7.65 4.09
N PHE A 971 -25.69 7.80 5.01
CA PHE A 971 -25.94 7.36 6.37
C PHE A 971 -26.61 8.43 7.23
N SER A 972 -26.82 9.63 6.70
CA SER A 972 -27.59 10.64 7.42
C SER A 972 -28.98 10.86 6.83
N SER A 973 -29.19 10.47 5.57
CA SER A 973 -30.48 10.71 4.94
C SER A 973 -31.60 9.96 5.65
N ASP A 974 -31.33 8.71 6.06
CA ASP A 974 -32.37 7.86 6.63
C ASP A 974 -32.58 8.10 8.12
N ASN A 975 -31.84 9.03 8.73
CA ASN A 975 -31.96 9.25 10.16
C ASN A 975 -33.36 9.70 10.58
N LEU A 976 -34.14 10.26 9.65
CA LEU A 976 -35.45 10.80 10.02
C LEU A 976 -36.50 9.70 10.22
N THR A 977 -36.27 8.50 9.71
CA THR A 977 -37.30 7.46 9.69
C THR A 977 -38.55 7.98 8.96
N ALA A 978 -38.32 8.56 7.79
CA ALA A 978 -39.36 9.29 7.08
C ALA A 978 -40.54 8.42 6.69
N ILE A 979 -40.36 7.11 6.61
CA ILE A 979 -41.42 6.19 6.22
C ILE A 979 -41.51 5.07 7.24
N GLU A 980 -42.73 4.58 7.44
CA GLU A 980 -42.96 3.52 8.43
C GLU A 980 -42.23 2.25 8.03
N GLU A 981 -41.97 1.42 9.02
CA GLU A 981 -41.29 0.14 8.80
C GLU A 981 -42.28 -0.85 8.20
N ASP A 982 -42.03 -1.25 6.95
CA ASP A 982 -42.87 -2.18 6.21
C ASP A 982 -44.35 -1.92 6.47
N PRO A 983 -44.89 -0.79 6.03
CA PRO A 983 -46.34 -0.59 6.19
C PRO A 983 -47.16 -1.68 5.54
N ASP A 984 -46.91 -1.94 4.25
CA ASP A 984 -47.45 -3.11 3.58
C ASP A 984 -46.43 -4.24 3.71
N ALA A 985 -46.74 -5.23 4.55
CA ALA A 985 -45.77 -6.27 4.88
C ALA A 985 -45.28 -6.96 3.61
N ASN A 986 -43.97 -7.18 3.54
CA ASN A 986 -43.39 -7.83 2.37
C ASN A 986 -43.89 -9.26 2.26
N ASN A 987 -43.98 -9.75 1.01
CA ASN A 987 -44.53 -11.08 0.78
C ASN A 987 -43.78 -12.14 1.56
N LEU A 988 -42.46 -12.00 1.70
CA LEU A 988 -41.70 -12.94 2.50
C LEU A 988 -42.14 -12.89 3.96
N GLN A 989 -42.35 -11.69 4.49
CA GLN A 989 -42.80 -11.56 5.88
C GLN A 989 -44.17 -12.21 6.06
N ILE A 990 -45.09 -11.99 5.12
CA ILE A 990 -46.41 -12.60 5.21
C ILE A 990 -46.30 -14.12 5.13
N ALA A 991 -45.43 -14.62 4.25
CA ALA A 991 -45.27 -16.06 4.12
C ALA A 991 -44.74 -16.67 5.41
N VAL A 992 -43.74 -16.04 6.03
CA VAL A 992 -43.22 -16.58 7.28
C VAL A 992 -44.28 -16.47 8.39
N THR A 993 -45.09 -15.42 8.37
CA THR A 993 -46.19 -15.31 9.33
C THR A 993 -47.15 -16.48 9.19
N ARG A 994 -47.55 -16.78 7.95
CA ARG A 994 -48.42 -17.93 7.71
C ARG A 994 -47.76 -19.22 8.14
N ILE A 995 -46.44 -19.35 7.90
CA ILE A 995 -45.74 -20.57 8.27
C ILE A 995 -45.76 -20.76 9.78
N LYS A 996 -45.50 -19.69 10.53
CA LYS A 996 -45.51 -19.82 11.99
C LYS A 996 -46.92 -20.07 12.51
N LYS A 997 -47.93 -19.46 11.90
CA LYS A 997 -49.30 -19.75 12.30
C LYS A 997 -49.63 -21.23 12.06
N GLY A 998 -49.22 -21.76 10.91
CA GLY A 998 -49.46 -23.18 10.64
C GLY A 998 -48.71 -24.08 11.60
N ILE A 999 -47.47 -23.71 11.94
CA ILE A 999 -46.71 -24.49 12.90
C ILE A 999 -47.40 -24.49 14.25
N ASN A 1000 -47.90 -23.33 14.69
CA ASN A 1000 -48.63 -23.26 15.95
C ASN A 1000 -49.88 -24.12 15.91
N TYR A 1001 -50.62 -24.07 14.80
CA TYR A 1001 -51.83 -24.88 14.69
C TYR A 1001 -51.50 -26.36 14.76
N VAL A 1002 -50.45 -26.79 14.03
CA VAL A 1002 -50.06 -28.19 14.05
C VAL A 1002 -49.63 -28.61 15.45
N LYS A 1003 -48.85 -27.76 16.12
CA LYS A 1003 -48.39 -28.09 17.47
C LYS A 1003 -49.56 -28.24 18.42
N GLN A 1004 -50.53 -27.31 18.35
CA GLN A 1004 -51.68 -27.39 19.23
C GLN A 1004 -52.50 -28.65 18.96
N THR A 1005 -52.74 -28.95 17.68
CA THR A 1005 -53.53 -30.14 17.35
C THR A 1005 -52.82 -31.40 17.84
N LEU A 1006 -51.51 -31.49 17.62
CA LEU A 1006 -50.77 -32.68 18.05
C LEU A 1006 -50.77 -32.80 19.57
N ARG A 1007 -50.60 -31.68 20.27
CA ARG A 1007 -50.62 -31.72 21.73
C ARG A 1007 -51.96 -32.21 22.24
N GLU A 1008 -53.06 -31.67 21.70
CA GLU A 1008 -54.38 -32.12 22.12
C GLU A 1008 -54.57 -33.60 21.83
N PHE A 1009 -54.15 -34.04 20.64
CA PHE A 1009 -54.34 -35.45 20.27
C PHE A 1009 -53.56 -36.37 21.20
N ILE A 1010 -52.30 -36.04 21.48
CA ILE A 1010 -51.50 -36.92 22.33
C ILE A 1010 -52.03 -36.91 23.76
N LEU A 1011 -52.47 -35.75 24.25
CA LEU A 1011 -53.03 -35.68 25.59
C LEU A 1011 -54.29 -36.52 25.70
N LYS A 1012 -55.16 -36.47 24.68
CA LYS A 1012 -56.36 -37.28 24.70
C LYS A 1012 -56.03 -38.76 24.61
N ALA A 1013 -55.09 -39.13 23.75
CA ALA A 1013 -54.76 -40.54 23.57
C ALA A 1013 -54.13 -41.13 24.83
N PHE A 1014 -53.20 -40.40 25.44
CA PHE A 1014 -52.51 -40.90 26.62
C PHE A 1014 -52.17 -39.75 27.57
N GLY A 1175 -21.26 -26.63 58.53
CA GLY A 1175 -21.43 -25.64 57.49
C GLY A 1175 -20.85 -24.29 57.88
N LYS A 1176 -20.82 -24.02 59.19
CA LYS A 1176 -20.23 -22.78 59.67
C LYS A 1176 -18.76 -22.69 59.29
N ILE A 1177 -18.01 -23.78 59.53
CA ILE A 1177 -16.59 -23.79 59.20
C ILE A 1177 -16.40 -23.74 57.68
N TRP A 1178 -17.27 -24.42 56.94
CA TRP A 1178 -17.18 -24.37 55.48
C TRP A 1178 -17.42 -22.97 54.97
N TRP A 1179 -18.42 -22.27 55.53
CA TRP A 1179 -18.67 -20.89 55.10
C TRP A 1179 -17.52 -19.98 55.45
N ASN A 1180 -16.94 -20.15 56.64
CA ASN A 1180 -15.78 -19.33 57.00
C ASN A 1180 -14.59 -19.60 56.09
N ILE A 1181 -14.40 -20.86 55.69
CA ILE A 1181 -13.33 -21.18 54.73
C ILE A 1181 -13.58 -20.48 53.41
N ARG A 1182 -14.83 -20.50 52.94
CA ARG A 1182 -15.16 -19.85 51.68
C ARG A 1182 -14.90 -18.35 51.76
N LYS A 1183 -15.27 -17.74 52.89
CA LYS A 1183 -15.00 -16.32 53.09
C LYS A 1183 -13.50 -16.04 53.11
N THR A 1184 -12.72 -16.92 53.74
CA THR A 1184 -11.28 -16.76 53.78
C THR A 1184 -10.68 -16.79 52.37
N CYS A 1185 -11.12 -17.75 51.56
CA CYS A 1185 -10.61 -17.82 50.19
C CYS A 1185 -11.02 -16.60 49.38
N TYR A 1186 -12.25 -16.11 49.58
CA TYR A 1186 -12.66 -14.86 48.94
C TYR A 1186 -11.71 -13.73 49.31
N LYS A 1187 -11.44 -13.58 50.61
CA LYS A 1187 -10.54 -12.54 51.08
C LYS A 1187 -9.18 -12.65 50.39
N ILE A 1188 -8.62 -13.85 50.36
CA ILE A 1188 -7.28 -14.03 49.79
C ILE A 1188 -7.27 -13.67 48.31
N VAL A 1189 -8.22 -14.23 47.55
CA VAL A 1189 -8.18 -14.07 46.09
C VAL A 1189 -8.57 -12.67 45.66
N GLU A 1190 -9.25 -11.90 46.52
CA GLU A 1190 -9.55 -10.51 46.19
C GLU A 1190 -8.41 -9.56 46.56
N HIS A 1191 -7.28 -10.07 47.03
CA HIS A 1191 -6.24 -9.21 47.57
C HIS A 1191 -5.36 -8.65 46.44
N SER A 1192 -4.90 -7.42 46.64
CA SER A 1192 -4.00 -6.79 45.67
C SER A 1192 -2.68 -7.54 45.58
N TRP A 1193 -2.15 -8.03 46.69
CA TRP A 1193 -0.93 -8.81 46.66
C TRP A 1193 -1.10 -10.05 45.79
N PHE A 1194 -2.20 -10.78 45.99
CA PHE A 1194 -2.46 -11.97 45.19
C PHE A 1194 -2.60 -11.62 43.72
N GLU A 1195 -3.35 -10.57 43.41
CA GLU A 1195 -3.54 -10.19 42.01
C GLU A 1195 -2.21 -9.83 41.36
N SER A 1196 -1.38 -9.05 42.04
CA SER A 1196 -0.10 -8.65 41.48
C SER A 1196 0.83 -9.84 41.30
N PHE A 1197 0.83 -10.76 42.27
CA PHE A 1197 1.66 -11.95 42.14
C PHE A 1197 1.23 -12.78 40.93
N ILE A 1198 -0.08 -12.95 40.74
CA ILE A 1198 -0.55 -13.74 39.61
C ILE A 1198 -0.25 -13.03 38.30
N VAL A 1199 -0.33 -11.70 38.29
CA VAL A 1199 -0.01 -10.97 37.07
C VAL A 1199 1.47 -11.13 36.72
N LEU A 1200 2.33 -11.07 37.73
CA LEU A 1200 3.76 -11.30 37.49
C LEU A 1200 3.99 -12.70 36.95
N MET A 1201 3.31 -13.69 37.52
CA MET A 1201 3.46 -15.05 37.03
C MET A 1201 2.98 -15.18 35.59
N ILE A 1202 1.88 -14.49 35.26
CA ILE A 1202 1.38 -14.51 33.89
C ILE A 1202 2.41 -13.93 32.94
N LEU A 1203 3.00 -12.79 33.32
CA LEU A 1203 4.01 -12.17 32.45
C LEU A 1203 5.21 -13.08 32.27
N LEU A 1204 5.68 -13.70 33.36
CA LEU A 1204 6.84 -14.59 33.25
C LEU A 1204 6.53 -15.79 32.36
N SER A 1205 5.36 -16.41 32.55
CA SER A 1205 5.03 -17.61 31.79
C SER A 1205 4.79 -17.28 30.32
N SER A 1206 4.30 -16.08 30.02
CA SER A 1206 4.13 -15.68 28.63
C SER A 1206 5.48 -15.35 27.99
N GLY A 1207 6.39 -14.73 28.76
CA GLY A 1207 7.69 -14.39 28.22
C GLY A 1207 8.57 -15.60 28.00
N ALA A 1208 8.41 -16.65 28.81
CA ALA A 1208 9.21 -17.85 28.65
C ALA A 1208 8.94 -18.56 27.33
N LEU A 1209 7.86 -18.21 26.63
CA LEU A 1209 7.55 -18.83 25.35
C LEU A 1209 8.42 -18.30 24.22
N ALA A 1210 9.08 -17.16 24.41
CA ALA A 1210 9.87 -16.54 23.35
C ALA A 1210 11.26 -17.14 23.21
N PHE A 1211 11.63 -18.08 24.07
CA PHE A 1211 12.95 -18.69 24.03
C PHE A 1211 13.01 -19.95 23.18
N GLU A 1212 11.88 -20.37 22.60
CA GLU A 1212 11.87 -21.60 21.82
C GLU A 1212 12.16 -21.31 20.35
N ASP A 1213 13.33 -20.74 20.07
CA ASP A 1213 13.75 -20.55 18.70
C ASP A 1213 14.20 -21.88 18.10
N ILE A 1214 14.68 -21.82 16.86
CA ILE A 1214 15.35 -22.99 16.28
C ILE A 1214 16.68 -23.21 16.96
N TYR A 1215 17.21 -22.19 17.64
CA TYR A 1215 18.49 -22.26 18.32
C TYR A 1215 18.38 -22.80 19.74
N ILE A 1216 17.22 -23.34 20.12
CA ILE A 1216 17.04 -23.79 21.50
C ILE A 1216 18.01 -24.91 21.85
N GLU A 1217 18.34 -25.76 20.87
CA GLU A 1217 19.24 -26.87 21.15
C GLU A 1217 20.63 -26.43 21.56
N ARG A 1218 21.06 -25.23 21.14
CA ARG A 1218 22.34 -24.71 21.61
C ARG A 1218 22.27 -24.25 23.06
N LYS A 1219 21.08 -23.85 23.52
CA LYS A 1219 20.88 -23.36 24.88
C LYS A 1219 20.38 -24.50 25.78
N LYS A 1220 21.31 -25.40 26.09
CA LYS A 1220 20.95 -26.65 26.75
C LYS A 1220 20.54 -26.45 28.20
N THR A 1221 21.14 -25.47 28.89
CA THR A 1221 20.71 -25.17 30.26
C THR A 1221 19.35 -24.49 30.28
N ILE A 1222 19.15 -23.51 29.39
CA ILE A 1222 17.89 -22.80 29.33
C ILE A 1222 16.75 -23.76 29.01
N LYS A 1223 17.00 -24.75 28.14
CA LYS A 1223 15.99 -25.76 27.86
C LYS A 1223 15.36 -26.31 29.14
N ILE A 1224 16.20 -26.93 29.98
CA ILE A 1224 15.70 -27.60 31.17
C ILE A 1224 15.15 -26.59 32.18
N ILE A 1225 15.80 -25.43 32.28
CA ILE A 1225 15.28 -24.41 33.19
C ILE A 1225 13.85 -24.07 32.82
N LEU A 1226 13.58 -23.90 31.52
CA LEU A 1226 12.24 -23.57 31.07
C LEU A 1226 11.28 -24.73 31.25
N GLU A 1227 11.73 -25.96 31.06
CA GLU A 1227 10.86 -27.11 31.34
C GLU A 1227 10.34 -27.07 32.78
N TYR A 1228 11.26 -26.95 33.73
CA TYR A 1228 10.85 -26.97 35.13
C TYR A 1228 10.04 -25.72 35.49
N ALA A 1229 10.36 -24.57 34.88
CA ALA A 1229 9.56 -23.38 35.09
C ALA A 1229 8.13 -23.58 34.59
N ASP A 1230 7.98 -24.26 33.46
CA ASP A 1230 6.65 -24.56 32.95
C ASP A 1230 5.87 -25.42 33.94
N LYS A 1231 6.53 -26.43 34.52
CA LYS A 1231 5.85 -27.24 35.51
C LYS A 1231 5.40 -26.41 36.70
N ILE A 1232 6.27 -25.52 37.18
CA ILE A 1232 5.93 -24.72 38.36
C ILE A 1232 4.77 -23.77 38.03
N PHE A 1233 4.76 -23.19 36.83
CA PHE A 1233 3.67 -22.30 36.46
C PHE A 1233 2.35 -23.06 36.39
N THR A 1234 2.37 -24.28 35.84
CA THR A 1234 1.15 -25.09 35.81
C THR A 1234 0.64 -25.31 37.23
N TYR A 1235 1.54 -25.65 38.16
CA TYR A 1235 1.09 -25.87 39.54
C TYR A 1235 0.49 -24.61 40.13
N ILE A 1236 1.15 -23.46 39.92
CA ILE A 1236 0.66 -22.21 40.50
C ILE A 1236 -0.73 -21.89 39.98
N PHE A 1237 -0.95 -22.05 38.68
CA PHE A 1237 -2.24 -21.69 38.11
C PHE A 1237 -3.32 -22.69 38.50
N ILE A 1238 -2.96 -23.97 38.68
CA ILE A 1238 -3.94 -24.94 39.19
C ILE A 1238 -4.40 -24.52 40.59
N LEU A 1239 -3.45 -24.14 41.44
CA LEU A 1239 -3.83 -23.69 42.79
C LEU A 1239 -4.68 -22.43 42.72
N GLU A 1240 -4.34 -21.51 41.83
CA GLU A 1240 -5.12 -20.28 41.71
C GLU A 1240 -6.56 -20.58 41.28
N MET A 1241 -6.73 -21.50 40.33
CA MET A 1241 -8.08 -21.85 39.89
C MET A 1241 -8.86 -22.54 41.00
N LEU A 1242 -8.20 -23.42 41.76
CA LEU A 1242 -8.88 -24.07 42.87
C LEU A 1242 -9.35 -23.04 43.91
N LEU A 1243 -8.50 -22.05 44.20
CA LEU A 1243 -8.91 -21.02 45.14
C LEU A 1243 -10.04 -20.16 44.57
N LYS A 1244 -9.99 -19.85 43.28
CA LYS A 1244 -11.09 -19.14 42.65
C LYS A 1244 -12.40 -19.90 42.82
N TRP A 1245 -12.37 -21.20 42.60
CA TRP A 1245 -13.54 -22.03 42.86
C TRP A 1245 -14.00 -21.87 44.31
N ILE A 1246 -13.14 -22.28 45.25
CA ILE A 1246 -13.52 -22.34 46.65
C ILE A 1246 -14.01 -21.00 47.16
N ALA A 1247 -13.61 -19.90 46.50
CA ALA A 1247 -14.06 -18.58 46.93
C ALA A 1247 -15.38 -18.20 46.29
N TYR A 1248 -15.41 -18.15 44.96
CA TYR A 1248 -16.59 -17.63 44.26
C TYR A 1248 -17.76 -18.60 44.30
N GLY A 1249 -17.53 -19.88 44.02
CA GLY A 1249 -18.62 -20.82 43.84
C GLY A 1249 -18.70 -21.31 42.40
N TYR A 1250 -19.19 -22.54 42.26
CA TYR A 1250 -19.23 -23.19 40.96
C TYR A 1250 -20.14 -22.48 39.97
N LYS A 1251 -21.03 -21.60 40.44
CA LYS A 1251 -21.90 -20.83 39.58
C LYS A 1251 -21.32 -19.45 39.28
N THR A 1252 -20.98 -18.69 40.32
CA THR A 1252 -20.39 -17.38 40.13
C THR A 1252 -19.10 -17.45 39.32
N TYR A 1253 -18.40 -18.59 39.36
CA TYR A 1253 -17.15 -18.70 38.63
C TYR A 1253 -17.39 -19.10 37.18
N PHE A 1254 -18.24 -20.10 36.95
CA PHE A 1254 -18.46 -20.64 35.62
C PHE A 1254 -19.49 -19.86 34.82
N THR A 1255 -20.09 -18.81 35.40
CA THR A 1255 -20.91 -17.89 34.63
C THR A 1255 -20.12 -16.64 34.26
N ASN A 1256 -18.82 -16.80 34.00
CA ASN A 1256 -17.93 -15.68 33.71
C ASN A 1256 -17.02 -16.06 32.55
N ALA A 1257 -16.95 -15.19 31.54
CA ALA A 1257 -16.17 -15.50 30.34
C ALA A 1257 -14.67 -15.49 30.62
N TRP A 1258 -14.21 -14.54 31.43
CA TRP A 1258 -12.79 -14.52 31.78
C TRP A 1258 -12.40 -15.79 32.53
N CYS A 1259 -13.24 -16.21 33.48
CA CYS A 1259 -12.99 -17.44 34.20
C CYS A 1259 -13.02 -18.65 33.27
N TRP A 1260 -13.92 -18.66 32.29
CA TRP A 1260 -13.94 -19.76 31.34
C TRP A 1260 -12.65 -19.80 30.52
N LEU A 1261 -12.15 -18.64 30.11
CA LEU A 1261 -10.89 -18.59 29.37
C LEU A 1261 -9.75 -19.16 30.21
N ASP A 1262 -9.63 -18.70 31.46
CA ASP A 1262 -8.56 -19.20 32.33
C ASP A 1262 -8.70 -20.70 32.55
N PHE A 1263 -9.93 -21.17 32.76
CA PHE A 1263 -10.18 -22.59 32.97
C PHE A 1263 -9.73 -23.40 31.76
N LEU A 1264 -10.08 -22.94 30.56
CA LEU A 1264 -9.70 -23.67 29.36
C LEU A 1264 -8.18 -23.73 29.20
N ILE A 1265 -7.51 -22.62 29.45
CA ILE A 1265 -6.05 -22.60 29.30
C ILE A 1265 -5.40 -23.56 30.29
N VAL A 1266 -5.82 -23.49 31.55
CA VAL A 1266 -5.20 -24.37 32.55
C VAL A 1266 -5.54 -25.82 32.28
N ASP A 1267 -6.74 -26.11 31.76
CA ASP A 1267 -7.08 -27.48 31.41
C ASP A 1267 -6.20 -28.01 30.29
N VAL A 1268 -5.95 -27.19 29.26
CA VAL A 1268 -5.05 -27.63 28.20
C VAL A 1268 -3.66 -27.90 28.77
N SER A 1269 -3.17 -27.01 29.63
CA SER A 1269 -1.85 -27.21 30.22
C SER A 1269 -1.81 -28.51 31.03
N LEU A 1270 -2.84 -28.76 31.83
CA LEU A 1270 -2.87 -29.97 32.65
C LEU A 1270 -2.92 -31.22 31.80
N VAL A 1271 -3.72 -31.20 30.73
CA VAL A 1271 -3.82 -32.38 29.86
C VAL A 1271 -2.46 -32.67 29.23
N THR A 1272 -1.81 -31.63 28.71
CA THR A 1272 -0.49 -31.83 28.10
C THR A 1272 0.51 -32.35 29.12
N LEU A 1273 0.50 -31.79 30.34
CA LEU A 1273 1.44 -32.25 31.36
C LEU A 1273 1.19 -33.70 31.72
N VAL A 1274 -0.07 -34.10 31.88
CA VAL A 1274 -0.38 -35.49 32.23
C VAL A 1274 0.08 -36.42 31.12
N ALA A 1275 -0.20 -36.06 29.87
CA ALA A 1275 0.22 -36.91 28.76
C ALA A 1275 1.74 -37.03 28.71
N ASN A 1276 2.45 -35.92 28.91
CA ASN A 1276 3.91 -35.96 28.89
C ASN A 1276 4.46 -36.83 30.02
N THR A 1277 3.89 -36.69 31.21
CA THR A 1277 4.39 -37.46 32.35
C THR A 1277 4.12 -38.95 32.17
N LEU A 1278 2.96 -39.30 31.60
CA LEU A 1278 2.60 -40.70 31.44
C LEU A 1278 3.37 -41.40 30.32
N GLY A 1279 4.16 -40.66 29.54
CA GLY A 1279 4.97 -41.26 28.51
C GLY A 1279 4.40 -41.18 27.11
N TYR A 1280 3.21 -40.61 26.94
CA TYR A 1280 2.57 -40.46 25.63
C TYR A 1280 2.79 -39.06 25.06
N SER A 1281 3.96 -38.47 25.30
CA SER A 1281 4.18 -37.08 24.90
C SER A 1281 4.05 -36.91 23.39
N ASP A 1282 4.62 -37.84 22.62
CA ASP A 1282 4.56 -37.80 21.16
C ASP A 1282 3.51 -38.79 20.71
N LEU A 1283 2.26 -38.34 20.66
CA LEU A 1283 1.12 -39.21 20.38
C LEU A 1283 0.15 -38.56 19.40
N GLY A 1284 0.68 -37.90 18.37
CA GLY A 1284 -0.15 -37.37 17.30
C GLY A 1284 -0.91 -36.12 17.73
N PRO A 1285 -2.23 -36.24 17.92
CA PRO A 1285 -2.98 -35.06 18.40
C PRO A 1285 -2.51 -34.56 19.75
N ILE A 1286 -2.03 -35.44 20.63
CA ILE A 1286 -1.50 -34.97 21.91
C ILE A 1286 -0.29 -34.07 21.69
N LYS A 1287 0.60 -34.47 20.78
CA LYS A 1287 1.75 -33.63 20.45
C LYS A 1287 1.30 -32.32 19.80
N SER A 1288 0.32 -32.39 18.90
CA SER A 1288 -0.18 -31.18 18.26
C SER A 1288 -0.86 -30.25 19.25
N LEU A 1289 -1.37 -30.78 20.37
CA LEU A 1289 -1.96 -29.95 21.41
C LEU A 1289 -0.94 -29.04 22.07
N ARG A 1290 0.33 -29.45 22.11
CA ARG A 1290 1.36 -28.61 22.72
C ARG A 1290 1.45 -27.26 22.04
N THR A 1291 1.11 -27.18 20.76
CA THR A 1291 1.18 -25.92 20.03
C THR A 1291 0.18 -24.89 20.53
N LEU A 1292 -0.79 -25.30 21.34
CA LEU A 1292 -1.76 -24.38 21.90
C LEU A 1292 -1.24 -23.63 23.12
N ARG A 1293 0.02 -23.86 23.51
CA ARG A 1293 0.62 -23.08 24.57
C ARG A 1293 0.85 -21.64 24.16
N ALA A 1294 0.66 -21.30 22.88
CA ALA A 1294 0.74 -19.92 22.44
C ALA A 1294 -0.43 -19.08 22.92
N LEU A 1295 -1.44 -19.69 23.53
CA LEU A 1295 -2.59 -18.96 24.06
C LEU A 1295 -2.42 -18.54 25.51
N ARG A 1296 -1.28 -18.87 26.13
CA ARG A 1296 -1.05 -18.40 27.50
C ARG A 1296 -1.12 -16.89 27.63
N PRO A 1297 -0.61 -16.09 26.70
CA PRO A 1297 -0.68 -14.62 26.87
C PRO A 1297 -2.11 -14.10 26.98
N LEU A 1298 -3.12 -14.87 26.58
CA LEU A 1298 -4.49 -14.40 26.64
C LEU A 1298 -4.97 -14.14 28.07
N ARG A 1299 -4.26 -14.65 29.07
CA ARG A 1299 -4.68 -14.49 30.46
C ARG A 1299 -4.51 -13.06 30.97
N ALA A 1300 -3.86 -12.19 30.20
CA ALA A 1300 -3.59 -10.82 30.64
C ALA A 1300 -4.70 -9.84 30.28
N LEU A 1301 -5.61 -10.21 29.39
CA LEU A 1301 -6.71 -9.31 29.05
C LEU A 1301 -7.57 -9.01 30.27
N SER A 1302 -7.90 -10.05 31.05
CA SER A 1302 -8.73 -9.85 32.23
C SER A 1302 -8.00 -9.09 33.33
N ARG A 1303 -6.67 -9.09 33.31
CA ARG A 1303 -5.88 -8.43 34.34
C ARG A 1303 -5.59 -6.98 34.03
N PHE A 1304 -5.42 -6.62 32.76
CA PHE A 1304 -5.08 -5.26 32.38
C PHE A 1304 -6.34 -4.53 31.93
N GLU A 1305 -6.73 -3.51 32.70
CA GLU A 1305 -7.97 -2.78 32.41
C GLU A 1305 -7.89 -2.05 31.08
N GLY A 1306 -6.70 -1.58 30.69
CA GLY A 1306 -6.58 -0.91 29.41
C GLY A 1306 -7.00 -1.79 28.25
N MET A 1307 -6.52 -3.03 28.23
CA MET A 1307 -6.93 -3.96 27.18
C MET A 1307 -8.37 -4.43 27.38
N ARG A 1308 -8.80 -4.59 28.64
CA ARG A 1308 -10.16 -5.04 28.89
C ARG A 1308 -11.19 -4.07 28.33
N VAL A 1309 -10.94 -2.77 28.48
CA VAL A 1309 -11.89 -1.76 28.01
C VAL A 1309 -12.04 -1.84 26.49
N VAL A 1310 -10.92 -1.96 25.76
CA VAL A 1310 -10.99 -2.02 24.30
C VAL A 1310 -11.62 -3.32 23.85
N VAL A 1311 -11.33 -4.43 24.54
CA VAL A 1311 -11.95 -5.70 24.21
C VAL A 1311 -13.46 -5.60 24.38
N ASN A 1312 -13.91 -4.88 25.40
CA ASN A 1312 -15.35 -4.69 25.58
C ASN A 1312 -15.96 -3.93 24.40
N ALA A 1313 -15.27 -2.90 23.90
CA ALA A 1313 -15.77 -2.16 22.75
C ALA A 1313 -15.88 -3.05 21.52
N LEU A 1314 -14.86 -3.87 21.28
CA LEU A 1314 -14.92 -4.78 20.12
C LEU A 1314 -16.05 -5.78 20.28
N ILE A 1315 -16.22 -6.36 21.48
CA ILE A 1315 -17.29 -7.31 21.70
C ILE A 1315 -18.64 -6.64 21.49
N GLY A 1316 -18.77 -5.38 21.89
CA GLY A 1316 -20.00 -4.66 21.66
C GLY A 1316 -20.27 -4.40 20.19
N ALA A 1317 -19.23 -4.12 19.41
CA ALA A 1317 -19.39 -3.81 18.00
C ALA A 1317 -19.51 -5.03 17.11
N ILE A 1318 -19.23 -6.22 17.62
CA ILE A 1318 -19.21 -7.43 16.79
C ILE A 1318 -20.47 -7.61 15.95
N PRO A 1319 -21.68 -7.45 16.48
CA PRO A 1319 -22.88 -7.78 15.68
C PRO A 1319 -22.98 -7.04 14.35
N SER A 1320 -22.82 -5.72 14.36
CA SER A 1320 -22.88 -4.97 13.11
C SER A 1320 -21.75 -5.36 12.18
N ILE A 1321 -20.58 -5.65 12.73
CA ILE A 1321 -19.47 -6.15 11.93
C ILE A 1321 -19.89 -7.43 11.22
N MET A 1322 -20.57 -8.34 11.92
CA MET A 1322 -21.00 -9.59 11.30
C MET A 1322 -22.02 -9.33 10.20
N ASN A 1323 -22.96 -8.40 10.42
CA ASN A 1323 -23.93 -8.08 9.37
C ASN A 1323 -23.23 -7.57 8.12
N VAL A 1324 -22.31 -6.62 8.29
CA VAL A 1324 -21.61 -6.05 7.14
C VAL A 1324 -20.75 -7.12 6.47
N LEU A 1325 -20.13 -7.99 7.26
CA LEU A 1325 -19.32 -9.07 6.69
C LEU A 1325 -20.17 -10.02 5.87
N LEU A 1326 -21.40 -10.28 6.33
CA LEU A 1326 -22.31 -11.13 5.57
C LEU A 1326 -22.64 -10.49 4.22
N VAL A 1327 -22.96 -9.21 4.22
CA VAL A 1327 -23.25 -8.54 2.96
C VAL A 1327 -22.02 -8.56 2.07
N CYS A 1328 -20.83 -8.34 2.65
CA CYS A 1328 -19.60 -8.36 1.87
C CYS A 1328 -19.36 -9.72 1.24
N LEU A 1329 -19.57 -10.79 2.01
CA LEU A 1329 -19.35 -12.14 1.48
C LEU A 1329 -20.31 -12.43 0.34
N ILE A 1330 -21.58 -12.05 0.50
CA ILE A 1330 -22.55 -12.30 -0.57
C ILE A 1330 -22.14 -11.52 -1.82
N PHE A 1331 -21.75 -10.26 -1.66
CA PHE A 1331 -21.38 -9.45 -2.81
C PHE A 1331 -20.13 -10.01 -3.50
N TRP A 1332 -19.15 -10.45 -2.73
CA TRP A 1332 -17.92 -11.01 -3.29
C TRP A 1332 -18.13 -12.39 -3.91
N LEU A 1333 -19.16 -13.12 -3.50
CA LEU A 1333 -19.44 -14.42 -4.11
C LEU A 1333 -19.73 -14.26 -5.60
N ILE A 1334 -20.44 -13.19 -5.97
CA ILE A 1334 -20.77 -12.96 -7.38
C ILE A 1334 -19.48 -12.81 -8.19
N PHE A 1335 -18.57 -11.97 -7.71
CA PHE A 1335 -17.32 -11.76 -8.44
C PHE A 1335 -16.45 -13.00 -8.42
N SER A 1336 -16.47 -13.77 -7.34
CA SER A 1336 -15.72 -15.01 -7.31
C SER A 1336 -16.24 -16.00 -8.34
N ILE A 1337 -17.56 -16.13 -8.47
CA ILE A 1337 -18.13 -17.04 -9.45
C ILE A 1337 -17.79 -16.56 -10.86
N MET A 1338 -17.91 -15.25 -11.09
CA MET A 1338 -17.58 -14.72 -12.42
C MET A 1338 -16.11 -14.96 -12.75
N GLY A 1339 -15.22 -14.76 -11.79
CA GLY A 1339 -13.82 -15.04 -12.02
C GLY A 1339 -13.56 -16.50 -12.27
N VAL A 1340 -14.28 -17.38 -11.58
CA VAL A 1340 -14.15 -18.81 -11.84
C VAL A 1340 -14.53 -19.13 -13.27
N ASN A 1341 -15.67 -18.59 -13.72
CA ASN A 1341 -16.15 -18.84 -15.10
C ASN A 1341 -15.17 -18.25 -16.12
N LEU A 1342 -14.49 -17.14 -15.77
CA LEU A 1342 -13.59 -16.50 -16.73
C LEU A 1342 -12.22 -17.15 -16.78
N PHE A 1343 -11.71 -17.62 -15.63
CA PHE A 1343 -10.30 -17.99 -15.50
C PHE A 1343 -10.06 -19.37 -14.90
N ALA A 1344 -11.04 -20.26 -14.87
CA ALA A 1344 -10.84 -21.55 -14.23
C ALA A 1344 -9.95 -22.45 -15.08
N GLY A 1345 -8.74 -22.69 -14.61
CA GLY A 1345 -7.82 -23.60 -15.26
C GLY A 1345 -6.96 -23.00 -16.34
N LYS A 1346 -6.98 -21.69 -16.53
CA LYS A 1346 -6.24 -21.03 -17.59
C LYS A 1346 -4.96 -20.36 -17.09
N PHE A 1347 -4.56 -20.64 -15.84
CA PHE A 1347 -3.35 -20.05 -15.28
C PHE A 1347 -2.14 -20.97 -15.39
N TYR A 1348 -2.30 -22.15 -15.98
CA TYR A 1348 -1.19 -23.06 -16.16
C TYR A 1348 -0.22 -22.53 -17.23
N GLU A 1349 1.03 -22.96 -17.13
CA GLU A 1349 2.03 -22.57 -18.11
C GLU A 1349 3.22 -23.54 -18.03
N CYS A 1350 3.97 -23.60 -19.12
CA CYS A 1350 5.16 -24.43 -19.22
C CYS A 1350 6.38 -23.53 -19.04
N ILE A 1351 7.09 -23.69 -17.93
CA ILE A 1351 8.18 -22.78 -17.56
C ILE A 1351 9.47 -23.56 -17.47
N ASN A 1352 10.57 -22.82 -17.65
CA ASN A 1352 11.92 -23.36 -17.50
C ASN A 1352 12.36 -23.11 -16.05
N THR A 1353 12.52 -24.19 -15.29
CA THR A 1353 12.72 -24.07 -13.84
C THR A 1353 14.02 -23.40 -13.46
N THR A 1354 14.98 -23.28 -14.38
CA THR A 1354 16.24 -22.63 -14.04
C THR A 1354 16.05 -21.14 -13.82
N ASP A 1355 15.62 -20.43 -14.87
CA ASP A 1355 15.34 -19.01 -14.78
C ASP A 1355 13.86 -18.71 -14.54
N GLY A 1356 13.02 -19.73 -14.46
CA GLY A 1356 11.59 -19.50 -14.24
C GLY A 1356 10.96 -18.64 -15.30
N SER A 1357 11.24 -18.93 -16.57
CA SER A 1357 10.76 -18.12 -17.68
C SER A 1357 9.80 -18.94 -18.53
N ARG A 1358 8.64 -18.35 -18.84
CA ARG A 1358 7.65 -19.01 -19.68
C ARG A 1358 8.21 -19.22 -21.08
N PHE A 1359 7.99 -20.41 -21.62
CA PHE A 1359 8.42 -20.70 -22.98
C PHE A 1359 7.56 -19.91 -23.97
N PRO A 1360 8.13 -19.44 -25.08
CA PRO A 1360 7.30 -18.80 -26.10
C PRO A 1360 6.27 -19.77 -26.65
N ALA A 1361 5.08 -19.26 -26.94
CA ALA A 1361 3.99 -20.10 -27.43
C ALA A 1361 4.24 -20.63 -28.84
N SER A 1362 5.24 -20.10 -29.56
CA SER A 1362 5.55 -20.65 -30.87
C SER A 1362 5.97 -22.11 -30.76
N GLN A 1363 6.80 -22.42 -29.78
CA GLN A 1363 7.08 -23.78 -29.36
C GLN A 1363 6.29 -24.09 -28.08
N VAL A 1364 6.13 -25.38 -27.79
CA VAL A 1364 5.32 -25.85 -26.67
C VAL A 1364 4.07 -24.99 -26.54
N PRO A 1365 3.14 -25.06 -27.50
CA PRO A 1365 1.91 -24.26 -27.41
C PRO A 1365 0.82 -24.81 -26.51
N ASN A 1366 0.92 -26.06 -26.05
CA ASN A 1366 -0.11 -26.65 -25.20
C ASN A 1366 0.53 -27.61 -24.20
N ARG A 1367 -0.31 -28.24 -23.38
CA ARG A 1367 0.21 -29.11 -22.32
C ARG A 1367 0.77 -30.40 -22.88
N SER A 1368 0.19 -30.92 -23.96
CA SER A 1368 0.75 -32.13 -24.58
C SER A 1368 2.17 -31.88 -25.06
N GLU A 1369 2.40 -30.72 -25.69
CA GLU A 1369 3.75 -30.38 -26.11
C GLU A 1369 4.65 -30.07 -24.92
N CYS A 1370 4.10 -29.49 -23.85
CA CYS A 1370 4.90 -29.28 -22.65
C CYS A 1370 5.39 -30.61 -22.09
N PHE A 1371 4.53 -31.63 -22.08
CA PHE A 1371 4.95 -32.94 -21.60
C PHE A 1371 5.93 -33.60 -22.55
N ALA A 1372 5.72 -33.45 -23.86
CA ALA A 1372 6.67 -33.98 -24.83
C ALA A 1372 8.04 -33.36 -24.64
N LEU A 1373 8.09 -32.07 -24.32
CA LEU A 1373 9.35 -31.39 -24.03
C LEU A 1373 9.90 -31.79 -22.67
N MET A 1374 9.04 -32.08 -21.70
CA MET A 1374 9.49 -32.62 -20.43
C MET A 1374 10.26 -33.91 -20.64
N ASN A 1375 9.73 -34.79 -21.47
CA ASN A 1375 10.37 -36.09 -21.68
C ASN A 1375 11.75 -35.95 -22.33
N VAL A 1376 12.01 -34.85 -23.03
CA VAL A 1376 13.31 -34.63 -23.65
C VAL A 1376 14.25 -33.91 -22.69
N SER A 1377 13.89 -32.70 -22.25
CA SER A 1377 14.70 -31.95 -21.31
C SER A 1377 14.42 -32.45 -19.90
N GLN A 1378 14.95 -31.73 -18.91
CA GLN A 1378 14.75 -32.11 -17.51
C GLN A 1378 14.21 -30.97 -16.66
N ASN A 1379 14.65 -29.74 -16.91
CA ASN A 1379 14.25 -28.60 -16.10
C ASN A 1379 13.10 -27.85 -16.76
N VAL A 1380 11.99 -28.56 -16.94
CA VAL A 1380 10.78 -28.03 -17.55
C VAL A 1380 9.59 -28.46 -16.71
N ARG A 1381 8.67 -27.53 -16.44
CA ARG A 1381 7.56 -27.78 -15.54
C ARG A 1381 6.29 -27.14 -16.07
N TRP A 1382 5.17 -27.86 -15.96
CA TRP A 1382 3.85 -27.34 -16.30
C TRP A 1382 3.21 -26.82 -15.02
N LYS A 1383 3.55 -25.58 -14.69
CA LYS A 1383 3.27 -25.00 -13.38
C LYS A 1383 1.92 -24.28 -13.37
N ASN A 1384 1.41 -24.04 -12.16
CA ASN A 1384 0.18 -23.32 -11.94
C ASN A 1384 0.36 -22.31 -10.82
N LEU A 1385 -0.40 -21.23 -10.89
CA LEU A 1385 -0.36 -20.22 -9.84
C LEU A 1385 -0.92 -20.80 -8.55
N LYS A 1386 -0.28 -20.46 -7.43
CA LYS A 1386 -0.73 -20.99 -6.14
C LYS A 1386 -2.01 -20.30 -5.67
N VAL A 1387 -2.20 -19.03 -6.02
CA VAL A 1387 -3.45 -18.32 -5.77
C VAL A 1387 -4.08 -18.03 -7.12
N ASN A 1388 -5.27 -18.56 -7.35
CA ASN A 1388 -5.88 -18.53 -8.68
C ASN A 1388 -7.40 -18.60 -8.51
N PHE A 1389 -8.09 -18.80 -9.64
CA PHE A 1389 -9.55 -18.88 -9.68
C PHE A 1389 -10.04 -20.27 -10.06
N ASP A 1390 -9.38 -21.32 -9.59
CA ASP A 1390 -9.79 -22.67 -9.98
C ASP A 1390 -11.12 -23.07 -9.35
N ASN A 1391 -11.43 -22.57 -8.15
CA ASN A 1391 -12.73 -22.80 -7.53
C ASN A 1391 -13.08 -21.56 -6.71
N VAL A 1392 -14.23 -21.62 -6.05
CA VAL A 1392 -14.75 -20.43 -5.39
C VAL A 1392 -13.93 -20.05 -4.17
N GLY A 1393 -13.36 -21.01 -3.46
CA GLY A 1393 -12.52 -20.68 -2.32
C GLY A 1393 -11.25 -19.95 -2.72
N LEU A 1394 -10.54 -20.50 -3.71
CA LEU A 1394 -9.36 -19.82 -4.21
C LEU A 1394 -9.73 -18.50 -4.88
N GLY A 1395 -10.93 -18.42 -5.46
CA GLY A 1395 -11.40 -17.14 -5.95
C GLY A 1395 -11.57 -16.12 -4.84
N TYR A 1396 -12.10 -16.56 -3.70
CA TYR A 1396 -12.20 -15.68 -2.54
C TYR A 1396 -10.82 -15.20 -2.09
N LEU A 1397 -9.86 -16.11 -2.05
CA LEU A 1397 -8.50 -15.71 -1.66
C LEU A 1397 -7.91 -14.71 -2.65
N SER A 1398 -8.08 -14.97 -3.94
CA SER A 1398 -7.56 -14.06 -4.96
C SER A 1398 -8.24 -12.70 -4.86
N LEU A 1399 -9.55 -12.68 -4.62
CA LEU A 1399 -10.25 -11.41 -4.49
C LEU A 1399 -9.80 -10.65 -3.25
N LEU A 1400 -9.50 -11.37 -2.16
CA LEU A 1400 -8.93 -10.71 -0.99
C LEU A 1400 -7.59 -10.06 -1.32
N GLN A 1401 -6.73 -10.81 -2.03
CA GLN A 1401 -5.43 -10.25 -2.41
C GLN A 1401 -5.59 -9.06 -3.34
N VAL A 1402 -6.59 -9.06 -4.21
CA VAL A 1402 -6.83 -7.93 -5.10
C VAL A 1402 -7.36 -6.73 -4.31
N ALA A 1403 -8.31 -6.96 -3.41
CA ALA A 1403 -8.92 -5.86 -2.66
C ALA A 1403 -7.91 -5.23 -1.72
N THR A 1404 -6.95 -5.99 -1.21
CA THR A 1404 -5.88 -5.42 -0.42
C THR A 1404 -4.69 -4.99 -1.26
N PHE A 1405 -4.70 -5.27 -2.57
CA PHE A 1405 -3.75 -4.75 -3.55
C PHE A 1405 -2.35 -5.34 -3.42
N LYS A 1406 -2.21 -6.58 -2.96
CA LYS A 1406 -0.88 -7.12 -2.71
C LYS A 1406 -0.45 -8.10 -3.81
N GLY A 1407 -1.20 -9.20 -3.98
CA GLY A 1407 -0.88 -10.15 -5.05
C GLY A 1407 -1.58 -9.85 -6.35
N TRP A 1408 -2.22 -8.69 -6.43
CA TRP A 1408 -3.11 -8.41 -7.55
C TRP A 1408 -2.36 -8.34 -8.86
N THR A 1409 -1.12 -7.85 -8.86
CA THR A 1409 -0.36 -7.82 -10.10
C THR A 1409 -0.05 -9.23 -10.60
N ILE A 1410 0.35 -10.13 -9.71
CA ILE A 1410 0.66 -11.49 -10.10
C ILE A 1410 -0.59 -12.17 -10.66
N ILE A 1411 -1.75 -11.91 -10.05
CA ILE A 1411 -2.98 -12.52 -10.57
C ILE A 1411 -3.38 -11.87 -11.90
N MET A 1412 -3.23 -10.55 -12.01
CA MET A 1412 -3.67 -9.83 -13.20
C MET A 1412 -2.86 -10.23 -14.42
N TYR A 1413 -1.55 -10.42 -14.26
CA TYR A 1413 -0.74 -10.81 -15.41
C TYR A 1413 -1.22 -12.13 -15.99
N ALA A 1414 -1.45 -13.13 -15.13
CA ALA A 1414 -1.97 -14.40 -15.60
C ALA A 1414 -3.35 -14.25 -16.21
N ALA A 1415 -4.21 -13.43 -15.59
CA ALA A 1415 -5.58 -13.27 -16.10
C ALA A 1415 -5.56 -12.69 -17.51
N VAL A 1416 -4.72 -11.68 -17.75
CA VAL A 1416 -4.69 -11.05 -19.07
C VAL A 1416 -3.92 -11.89 -20.07
N ASP A 1417 -3.02 -12.76 -19.62
CA ASP A 1417 -2.33 -13.68 -20.52
C ASP A 1417 -3.15 -14.91 -20.86
N SER A 1418 -4.18 -15.23 -20.09
CA SER A 1418 -4.88 -16.50 -20.25
C SER A 1418 -5.41 -16.67 -21.66
N VAL A 1419 -5.26 -17.88 -22.20
CA VAL A 1419 -5.75 -18.25 -23.52
C VAL A 1419 -6.94 -19.20 -23.43
N ASN A 1420 -6.73 -20.37 -22.85
CA ASN A 1420 -7.76 -21.40 -22.74
C ASN A 1420 -7.25 -22.45 -21.76
N VAL A 1421 -7.98 -23.56 -21.65
CA VAL A 1421 -7.60 -24.66 -20.78
C VAL A 1421 -6.72 -25.62 -21.57
N ASP A 1422 -5.56 -25.96 -21.00
CA ASP A 1422 -4.56 -26.81 -21.63
C ASP A 1422 -3.85 -26.10 -22.78
N LYS A 1423 -3.84 -24.77 -22.76
CA LYS A 1423 -3.16 -23.98 -23.78
C LYS A 1423 -2.15 -23.06 -23.11
N GLN A 1424 -1.02 -22.87 -23.76
CA GLN A 1424 0.04 -22.05 -23.18
C GLN A 1424 -0.36 -20.58 -23.24
N PRO A 1425 -0.25 -19.84 -22.13
CA PRO A 1425 -0.61 -18.41 -22.18
C PRO A 1425 0.25 -17.65 -23.17
N LYS A 1426 -0.37 -16.68 -23.84
CA LYS A 1426 0.32 -15.74 -24.70
C LYS A 1426 0.29 -14.35 -24.06
N TYR A 1427 1.29 -13.54 -24.38
CA TYR A 1427 1.46 -12.26 -23.72
C TYR A 1427 0.29 -11.34 -24.04
N GLU A 1428 -0.44 -10.92 -23.01
CA GLU A 1428 -1.55 -9.99 -23.14
C GLU A 1428 -2.51 -10.43 -24.25
N TYR A 1429 -2.74 -11.73 -24.34
CA TYR A 1429 -3.73 -12.26 -25.26
C TYR A 1429 -5.11 -11.72 -24.95
N SER A 1430 -5.40 -11.47 -23.67
CA SER A 1430 -6.71 -11.06 -23.22
C SER A 1430 -6.62 -9.71 -22.53
N LEU A 1431 -5.93 -8.77 -23.18
CA LEU A 1431 -5.50 -7.53 -22.53
C LEU A 1431 -6.63 -6.88 -21.75
N TYR A 1432 -7.84 -6.89 -22.30
CA TYR A 1432 -8.96 -6.16 -21.72
C TYR A 1432 -9.64 -6.92 -20.58
N MET A 1433 -8.99 -7.98 -20.06
CA MET A 1433 -9.42 -8.56 -18.80
C MET A 1433 -9.11 -7.64 -17.62
N TYR A 1434 -8.27 -6.63 -17.81
CA TYR A 1434 -8.01 -5.67 -16.73
C TYR A 1434 -9.29 -5.00 -16.26
N ILE A 1435 -10.30 -4.91 -17.15
CA ILE A 1435 -11.55 -4.25 -16.79
C ILE A 1435 -12.26 -5.01 -15.69
N TYR A 1436 -12.18 -6.35 -15.69
CA TYR A 1436 -12.80 -7.11 -14.61
C TYR A 1436 -12.24 -6.69 -13.26
N PHE A 1437 -10.91 -6.58 -13.16
CA PHE A 1437 -10.30 -6.22 -11.89
C PHE A 1437 -10.56 -4.76 -11.55
N VAL A 1438 -10.63 -3.89 -12.55
CA VAL A 1438 -10.98 -2.50 -12.30
C VAL A 1438 -12.38 -2.40 -11.70
N VAL A 1439 -13.35 -3.07 -12.34
CA VAL A 1439 -14.73 -3.01 -11.88
C VAL A 1439 -14.86 -3.63 -10.49
N PHE A 1440 -14.15 -4.72 -10.23
CA PHE A 1440 -14.19 -5.30 -8.89
C PHE A 1440 -13.60 -4.34 -7.87
N ILE A 1441 -12.41 -3.81 -8.15
CA ILE A 1441 -11.74 -2.93 -7.19
C ILE A 1441 -12.63 -1.73 -6.89
N ILE A 1442 -13.45 -1.31 -7.86
CA ILE A 1442 -14.41 -0.26 -7.56
C ILE A 1442 -15.50 -0.82 -6.67
N PHE A 1443 -16.30 -1.75 -7.18
CA PHE A 1443 -17.56 -2.10 -6.53
C PHE A 1443 -17.34 -2.80 -5.20
N GLY A 1444 -16.52 -3.84 -5.17
CA GLY A 1444 -16.35 -4.65 -3.99
C GLY A 1444 -15.28 -4.19 -3.03
N SER A 1445 -14.62 -3.05 -3.29
CA SER A 1445 -13.58 -2.54 -2.41
C SER A 1445 -13.67 -1.05 -2.14
N PHE A 1446 -14.62 -0.33 -2.76
CA PHE A 1446 -14.84 1.08 -2.44
C PHE A 1446 -16.23 1.30 -1.85
N PHE A 1447 -17.29 0.88 -2.54
CA PHE A 1447 -18.62 0.96 -1.97
C PHE A 1447 -18.76 0.06 -0.75
N THR A 1448 -18.16 -1.13 -0.79
CA THR A 1448 -18.20 -2.02 0.36
C THR A 1448 -17.51 -1.40 1.57
N LEU A 1449 -16.34 -0.81 1.37
CA LEU A 1449 -15.64 -0.16 2.46
C LEU A 1449 -16.43 1.04 2.97
N ASN A 1450 -17.07 1.78 2.07
CA ASN A 1450 -17.94 2.88 2.48
C ASN A 1450 -19.04 2.38 3.40
N LEU A 1451 -19.71 1.29 3.00
CA LEU A 1451 -20.79 0.75 3.81
C LEU A 1451 -20.28 0.32 5.18
N PHE A 1452 -19.15 -0.39 5.21
CA PHE A 1452 -18.62 -0.86 6.49
C PHE A 1452 -18.25 0.30 7.39
N ILE A 1453 -17.60 1.32 6.83
CA ILE A 1453 -17.18 2.47 7.63
C ILE A 1453 -18.39 3.17 8.22
N GLY A 1454 -19.42 3.39 7.40
CA GLY A 1454 -20.64 4.00 7.92
C GLY A 1454 -21.25 3.20 9.05
N VAL A 1455 -21.36 1.87 8.84
CA VAL A 1455 -22.00 1.03 9.84
C VAL A 1455 -21.22 1.06 11.15
N ILE A 1456 -19.89 0.93 11.07
CA ILE A 1456 -19.09 0.87 12.30
C ILE A 1456 -19.08 2.22 13.00
N ILE A 1457 -19.05 3.32 12.24
CA ILE A 1457 -19.10 4.64 12.86
C ILE A 1457 -20.41 4.81 13.61
N ASP A 1458 -21.52 4.43 12.98
CA ASP A 1458 -22.81 4.54 13.63
C ASP A 1458 -22.88 3.65 14.88
N ASN A 1459 -22.33 2.44 14.79
CA ASN A 1459 -22.37 1.54 15.94
C ASN A 1459 -21.58 2.08 17.11
N PHE A 1460 -20.38 2.63 16.85
CA PHE A 1460 -19.58 3.19 17.94
C PHE A 1460 -20.23 4.44 18.51
N ASN A 1461 -20.87 5.26 17.66
CA ASN A 1461 -21.63 6.39 18.18
C ASN A 1461 -22.76 5.90 19.09
N GLN A 1462 -23.45 4.83 18.69
CA GLN A 1462 -24.51 4.28 19.52
C GLN A 1462 -23.96 3.76 20.84
N GLN A 1463 -22.81 3.11 20.82
CA GLN A 1463 -22.19 2.62 22.05
C GLN A 1463 -21.86 3.78 22.99
N LYS A 1464 -21.27 4.85 22.44
CA LYS A 1464 -20.95 6.01 23.27
C LYS A 1464 -22.21 6.64 23.85
N LYS A 1465 -23.27 6.73 23.04
CA LYS A 1465 -24.53 7.27 23.53
C LYS A 1465 -25.10 6.40 24.65
N LYS A 1466 -25.01 5.08 24.49
CA LYS A 1466 -25.49 4.18 25.54
C LYS A 1466 -24.72 4.39 26.83
N LEU A 1467 -23.40 4.53 26.75
CA LEU A 1467 -22.62 4.82 27.95
C LEU A 1467 -22.96 6.18 28.54
N GLY A 1468 -23.61 7.06 27.78
CA GLY A 1468 -23.99 8.36 28.27
C GLY A 1468 -22.94 9.42 28.01
N GLY A 1469 -22.49 9.52 26.76
CA GLY A 1469 -21.49 10.51 26.42
C GLY A 1469 -20.17 10.29 27.12
N GLN A 1470 -19.74 9.04 27.25
CA GLN A 1470 -18.48 8.68 27.88
C GLN A 1470 -17.54 8.08 26.85
N ASP A 1471 -16.27 8.43 26.93
CA ASP A 1471 -15.29 7.84 26.03
C ASP A 1471 -15.21 6.33 26.29
N ILE A 1472 -15.26 5.56 25.21
CA ILE A 1472 -15.34 4.10 25.31
C ILE A 1472 -13.99 3.42 25.18
N PHE A 1473 -12.90 4.19 25.04
CA PHE A 1473 -11.56 3.64 24.93
C PHE A 1473 -10.66 4.05 26.08
N MET A 1474 -11.17 4.82 27.05
CA MET A 1474 -10.40 5.28 28.19
C MET A 1474 -10.88 4.59 29.45
N THR A 1475 -9.94 4.24 30.32
CA THR A 1475 -10.27 3.67 31.61
C THR A 1475 -10.70 4.77 32.58
N GLU A 1476 -11.27 4.36 33.70
CA GLU A 1476 -11.79 5.33 34.66
C GLU A 1476 -10.67 6.24 35.16
N GLU A 1477 -9.50 5.67 35.46
CA GLU A 1477 -8.38 6.49 35.91
C GLU A 1477 -7.91 7.45 34.83
N GLN A 1478 -7.78 6.97 33.59
CA GLN A 1478 -7.35 7.84 32.50
C GLN A 1478 -8.37 8.93 32.20
N LYS A 1479 -9.64 8.73 32.55
CA LYS A 1479 -10.64 9.76 32.27
C LYS A 1479 -10.33 11.06 33.00
N LYS A 1480 -9.94 10.97 34.27
CA LYS A 1480 -9.65 12.18 35.03
C LYS A 1480 -8.38 12.86 34.55
N TYR A 1481 -7.35 12.10 34.19
CA TYR A 1481 -6.15 12.71 33.62
C TYR A 1481 -6.46 13.39 32.29
N TYR A 1482 -7.32 12.77 31.47
CA TYR A 1482 -7.77 13.39 30.24
C TYR A 1482 -8.49 14.71 30.52
N ASN A 1483 -9.39 14.71 31.49
CA ASN A 1483 -10.10 15.93 31.84
C ASN A 1483 -9.14 17.01 32.31
N ALA A 1484 -8.16 16.64 33.14
CA ALA A 1484 -7.17 17.60 33.60
C ALA A 1484 -6.35 18.16 32.44
N MET A 1485 -5.94 17.30 31.50
CA MET A 1485 -5.21 17.77 30.33
C MET A 1485 -6.06 18.73 29.51
N LYS A 1486 -7.37 18.49 29.46
CA LYS A 1486 -8.23 19.33 28.62
C LYS A 1486 -8.13 20.80 29.00
N LYS A 1487 -7.82 21.10 30.27
CA LYS A 1487 -7.84 22.49 30.71
C LYS A 1487 -6.68 23.30 30.13
N LEU A 1488 -5.60 22.64 29.74
CA LEU A 1488 -4.48 23.36 29.15
C LEU A 1488 -4.84 23.98 27.80
N GLY A 1489 -5.93 23.55 27.19
CA GLY A 1489 -6.36 24.14 25.93
C GLY A 1489 -7.23 25.36 26.05
N SER A 1490 -7.63 25.74 27.26
CA SER A 1490 -8.50 26.88 27.47
C SER A 1490 -8.01 27.82 28.58
N LYS A 1491 -6.74 27.74 28.94
CA LYS A 1491 -6.21 28.63 29.97
C LYS A 1491 -6.24 30.07 29.50
N LYS A 1492 -6.67 30.97 30.39
CA LYS A 1492 -6.64 32.39 30.08
C LYS A 1492 -5.20 32.89 30.11
N PRO A 1493 -4.87 33.93 29.34
CA PRO A 1493 -3.52 34.49 29.41
C PRO A 1493 -3.21 35.01 30.80
N GLN A 1494 -1.97 34.81 31.21
CA GLN A 1494 -1.51 35.21 32.54
C GLN A 1494 -0.98 36.64 32.49
N LYS A 1495 -0.83 37.22 33.69
CA LYS A 1495 -0.39 38.60 33.78
C LYS A 1495 1.04 38.72 33.23
N PRO A 1496 1.36 39.84 32.58
CA PRO A 1496 2.73 40.04 32.13
C PRO A 1496 3.70 40.04 33.31
N ILE A 1497 4.89 39.49 33.09
CA ILE A 1497 5.87 39.43 34.17
C ILE A 1497 6.27 40.86 34.54
N PRO A 1498 6.27 41.23 35.82
CA PRO A 1498 6.66 42.59 36.18
C PRO A 1498 8.10 42.89 35.79
N ARG A 1499 8.34 44.15 35.41
CA ARG A 1499 9.65 44.54 34.94
C ARG A 1499 10.65 44.51 36.09
N PRO A 1500 11.94 44.31 35.81
CA PRO A 1500 12.95 44.40 36.87
C PRO A 1500 12.98 45.79 37.50
N GLY A 1501 13.35 45.83 38.79
CA GLY A 1501 13.58 47.09 39.47
C GLY A 1501 15.04 47.50 39.42
N ASN A 1502 15.69 47.27 38.28
CA ASN A 1502 17.10 47.61 38.10
C ASN A 1502 17.29 48.30 36.76
N LYS A 1503 18.26 49.22 36.73
CA LYS A 1503 18.38 50.12 35.58
C LYS A 1503 18.74 49.37 34.30
N ILE A 1504 19.64 48.40 34.38
CA ILE A 1504 20.04 47.64 33.19
C ILE A 1504 19.10 46.48 32.96
N GLN A 1505 18.69 45.81 34.04
CA GLN A 1505 17.82 44.66 33.91
C GLN A 1505 16.48 45.03 33.28
N GLY A 1506 15.95 46.21 33.59
CA GLY A 1506 14.71 46.63 32.98
C GLY A 1506 14.83 46.79 31.48
N CYS A 1507 15.91 47.41 31.02
CA CYS A 1507 16.12 47.55 29.58
C CYS A 1507 16.26 46.18 28.92
N ILE A 1508 16.98 45.26 29.57
CA ILE A 1508 17.16 43.93 28.99
C ILE A 1508 15.83 43.20 28.92
N PHE A 1509 15.00 43.33 29.95
CA PHE A 1509 13.65 42.75 29.91
C PHE A 1509 12.84 43.33 28.75
N ASP A 1510 12.85 44.65 28.62
CA ASP A 1510 12.08 45.28 27.54
C ASP A 1510 12.58 44.80 26.18
N LEU A 1511 13.88 44.56 26.05
CA LEU A 1511 14.42 44.09 24.77
C LEU A 1511 14.03 42.65 24.50
N VAL A 1512 14.08 41.78 25.52
CA VAL A 1512 13.85 40.36 25.31
C VAL A 1512 12.38 39.99 25.28
N THR A 1513 11.48 40.88 25.71
CA THR A 1513 10.05 40.62 25.68
C THR A 1513 9.38 41.21 24.44
N ASN A 1514 10.05 41.16 23.29
CA ASN A 1514 9.60 41.86 22.10
C ASN A 1514 9.21 40.88 20.99
N GLN A 1515 8.18 41.28 20.23
CA GLN A 1515 7.81 40.52 19.04
C GLN A 1515 8.94 40.50 18.03
N ALA A 1516 9.71 41.58 17.93
CA ALA A 1516 10.88 41.58 17.06
C ALA A 1516 11.88 40.52 17.49
N PHE A 1517 12.12 40.40 18.79
CA PHE A 1517 12.99 39.34 19.29
C PHE A 1517 12.46 37.96 18.94
N ASP A 1518 11.16 37.74 19.13
CA ASP A 1518 10.59 36.45 18.82
C ASP A 1518 10.75 36.11 17.34
N ILE A 1519 10.49 37.09 16.47
CA ILE A 1519 10.61 36.84 15.02
C ILE A 1519 12.06 36.59 14.65
N SER A 1520 13.00 37.31 15.27
CA SER A 1520 14.41 37.09 14.99
C SER A 1520 14.80 35.66 15.36
N ILE A 1521 14.36 35.20 16.54
CA ILE A 1521 14.69 33.84 16.94
C ILE A 1521 14.06 32.82 15.99
N MET A 1522 12.83 33.10 15.53
CA MET A 1522 12.19 32.18 14.61
C MET A 1522 12.96 32.07 13.29
N VAL A 1523 13.41 33.21 12.75
CA VAL A 1523 14.17 33.16 11.51
C VAL A 1523 15.53 32.49 11.73
N LEU A 1524 16.13 32.67 12.90
CA LEU A 1524 17.37 31.96 13.19
C LEU A 1524 17.15 30.45 13.23
N ILE A 1525 16.03 30.01 13.82
CA ILE A 1525 15.72 28.58 13.82
C ILE A 1525 15.52 28.08 12.39
N CYS A 1526 14.84 28.86 11.56
CA CYS A 1526 14.66 28.46 10.17
C CYS A 1526 15.99 28.34 9.44
N LEU A 1527 16.90 29.29 9.67
CA LEU A 1527 18.20 29.23 9.02
C LEU A 1527 18.99 28.01 9.50
N ASN A 1528 18.89 27.68 10.79
CA ASN A 1528 19.54 26.47 11.28
C ASN A 1528 18.95 25.23 10.62
N MET A 1529 17.64 25.21 10.42
CA MET A 1529 17.02 24.09 9.71
C MET A 1529 17.55 23.98 8.30
N VAL A 1530 17.71 25.11 7.61
CA VAL A 1530 18.26 25.08 6.25
C VAL A 1530 19.69 24.57 6.27
N THR A 1531 20.48 24.98 7.27
CA THR A 1531 21.84 24.48 7.38
C THR A 1531 21.85 22.97 7.59
N MET A 1532 20.91 22.45 8.36
CA MET A 1532 20.80 21.00 8.53
C MET A 1532 20.40 20.32 7.22
N MET A 1533 19.54 20.97 6.44
CA MET A 1533 19.07 20.37 5.20
C MET A 1533 20.14 20.37 4.12
N VAL A 1534 21.08 21.32 4.17
CA VAL A 1534 22.06 21.47 3.10
C VAL A 1534 23.14 20.38 3.16
N GLU A 1535 23.04 19.47 4.13
CA GLU A 1535 24.03 18.42 4.30
C GLU A 1535 23.65 17.20 3.48
N LYS A 1536 24.64 16.59 2.82
CA LYS A 1536 24.41 15.44 1.95
C LYS A 1536 25.59 14.48 2.09
N GLU A 1537 25.49 13.34 1.40
CA GLU A 1537 26.50 12.30 1.48
C GLU A 1537 27.56 12.51 0.41
N GLY A 1538 28.82 12.28 0.78
CA GLY A 1538 29.92 12.55 -0.12
C GLY A 1538 30.38 13.98 -0.15
N GLN A 1539 29.95 14.81 0.80
CA GLN A 1539 30.38 16.19 0.85
C GLN A 1539 31.86 16.29 1.18
N SER A 1540 32.48 17.39 0.78
CA SER A 1540 33.90 17.59 0.99
C SER A 1540 34.19 18.00 2.43
N GLN A 1541 35.45 17.84 2.82
CA GLN A 1541 35.86 18.18 4.17
C GLN A 1541 35.70 19.67 4.46
N HIS A 1542 35.92 20.53 3.45
CA HIS A 1542 35.68 21.95 3.63
C HIS A 1542 34.22 22.22 3.94
N MET A 1543 33.31 21.58 3.21
CA MET A 1543 31.88 21.73 3.48
C MET A 1543 31.56 21.25 4.89
N THR A 1544 32.13 20.12 5.29
CA THR A 1544 31.90 19.62 6.64
C THR A 1544 32.35 20.63 7.68
N GLU A 1545 33.53 21.21 7.50
CA GLU A 1545 34.05 22.16 8.48
C GLU A 1545 33.19 23.41 8.55
N VAL A 1546 32.79 23.96 7.41
CA VAL A 1546 31.98 25.18 7.43
C VAL A 1546 30.63 24.91 8.07
N LEU A 1547 30.02 23.76 7.78
CA LEU A 1547 28.75 23.42 8.41
C LEU A 1547 28.90 23.26 9.92
N TYR A 1548 29.99 22.61 10.36
CA TYR A 1548 30.23 22.45 11.78
C TYR A 1548 30.35 23.80 12.48
N TRP A 1549 31.09 24.73 11.87
CA TRP A 1549 31.27 26.04 12.50
C TRP A 1549 29.97 26.82 12.50
N ILE A 1550 29.17 26.72 11.44
CA ILE A 1550 27.88 27.39 11.41
C ILE A 1550 26.99 26.88 12.54
N ASN A 1551 26.97 25.55 12.73
CA ASN A 1551 26.17 24.99 13.81
C ASN A 1551 26.67 25.43 15.17
N VAL A 1552 27.99 25.54 15.35
CA VAL A 1552 28.52 26.03 16.61
C VAL A 1552 28.05 27.46 16.86
N VAL A 1553 28.06 28.30 15.82
CA VAL A 1553 27.60 29.67 15.97
C VAL A 1553 26.14 29.70 16.37
N PHE A 1554 25.32 28.85 15.74
CA PHE A 1554 23.91 28.80 16.11
C PHE A 1554 23.73 28.38 17.56
N ILE A 1555 24.54 27.42 18.01
CA ILE A 1555 24.46 26.97 19.40
C ILE A 1555 24.77 28.13 20.34
N ILE A 1556 25.82 28.90 20.04
CA ILE A 1556 26.16 29.99 20.94
C ILE A 1556 25.07 31.06 20.92
N LEU A 1557 24.45 31.30 19.77
CA LEU A 1557 23.37 32.28 19.73
C LEU A 1557 22.19 31.84 20.59
N PHE A 1558 21.82 30.58 20.51
CA PHE A 1558 20.70 30.11 21.32
C PHE A 1558 21.03 30.11 22.81
N THR A 1559 22.27 29.77 23.17
CA THR A 1559 22.68 29.89 24.57
C THR A 1559 22.62 31.36 25.02
N GLY A 1560 22.97 32.29 24.14
CA GLY A 1560 22.86 33.70 24.50
C GLY A 1560 21.43 34.11 24.73
N GLU A 1561 20.50 33.64 23.90
CA GLU A 1561 19.10 33.95 24.13
C GLU A 1561 18.62 33.36 25.45
N CYS A 1562 19.06 32.14 25.77
CA CYS A 1562 18.68 31.53 27.05
C CYS A 1562 19.18 32.37 28.21
N VAL A 1563 20.44 32.83 28.14
CA VAL A 1563 21.00 33.64 29.21
C VAL A 1563 20.22 34.95 29.34
N LEU A 1564 19.91 35.60 28.22
CA LEU A 1564 19.17 36.85 28.28
C LEU A 1564 17.82 36.64 28.94
N LYS A 1565 17.09 35.60 28.52
CA LYS A 1565 15.78 35.34 29.12
C LYS A 1565 15.92 35.03 30.60
N LEU A 1566 16.98 34.32 30.99
CA LEU A 1566 17.19 34.05 32.41
C LEU A 1566 17.34 35.36 33.19
N ILE A 1567 18.28 36.21 32.79
CA ILE A 1567 18.53 37.41 33.57
C ILE A 1567 17.36 38.38 33.50
N SER A 1568 16.49 38.23 32.51
CA SER A 1568 15.33 39.14 32.43
C SER A 1568 14.15 38.64 33.25
N LEU A 1569 13.82 37.34 33.17
CA LEU A 1569 12.63 36.83 33.82
C LEU A 1569 12.90 36.18 35.17
N ARG A 1570 14.16 36.15 35.63
CA ARG A 1570 14.47 35.66 36.97
C ARG A 1570 13.82 34.29 37.20
N HIS A 1571 13.22 34.09 38.37
CA HIS A 1571 12.64 32.78 38.69
C HIS A 1571 11.28 32.57 38.02
N TYR A 1572 10.66 33.62 37.49
CA TYR A 1572 9.42 33.43 36.75
C TYR A 1572 9.63 32.59 35.50
N TYR A 1573 10.88 32.50 35.04
CA TYR A 1573 11.18 31.86 33.75
C TYR A 1573 10.63 30.44 33.71
N PHE A 1574 10.91 29.66 34.76
CA PHE A 1574 10.62 28.23 34.76
C PHE A 1574 9.15 27.92 35.02
N THR A 1575 8.28 28.92 35.11
CA THR A 1575 6.85 28.67 35.24
C THR A 1575 6.17 28.38 33.91
N VAL A 1576 6.88 28.53 32.80
CA VAL A 1576 6.31 28.36 31.47
C VAL A 1576 6.87 27.08 30.86
N GLY A 1577 5.97 26.23 30.37
CA GLY A 1577 6.39 24.93 29.85
C GLY A 1577 7.24 25.04 28.60
N TRP A 1578 6.86 25.92 27.68
CA TRP A 1578 7.67 26.09 26.48
C TRP A 1578 9.06 26.61 26.83
N ASN A 1579 9.15 27.47 27.85
CA ASN A 1579 10.44 28.00 28.25
C ASN A 1579 11.32 26.94 28.91
N ILE A 1580 10.75 26.08 29.77
CA ILE A 1580 11.56 24.98 30.29
C ILE A 1580 11.95 24.02 29.18
N PHE A 1581 11.09 23.85 28.17
CA PHE A 1581 11.47 23.03 27.02
C PHE A 1581 12.65 23.65 26.27
N ASP A 1582 12.63 24.96 26.10
CA ASP A 1582 13.77 25.64 25.48
C ASP A 1582 15.03 25.44 26.30
N PHE A 1583 14.92 25.52 27.63
CA PHE A 1583 16.08 25.28 28.50
C PHE A 1583 16.65 23.89 28.29
N VAL A 1584 15.79 22.87 28.33
CA VAL A 1584 16.29 21.50 28.16
C VAL A 1584 16.90 21.34 26.77
N VAL A 1585 16.28 21.93 25.74
CA VAL A 1585 16.83 21.79 24.39
C VAL A 1585 18.21 22.43 24.30
N VAL A 1586 18.37 23.61 24.88
CA VAL A 1586 19.66 24.29 24.85
C VAL A 1586 20.72 23.45 25.55
N ILE A 1587 20.41 22.98 26.75
CA ILE A 1587 21.40 22.21 27.50
C ILE A 1587 21.74 20.91 26.76
N ILE A 1588 20.73 20.26 26.18
CA ILE A 1588 20.98 19.02 25.48
C ILE A 1588 21.80 19.25 24.22
N SER A 1589 21.58 20.37 23.53
CA SER A 1589 22.39 20.68 22.36
C SER A 1589 23.85 20.87 22.77
N ILE A 1590 24.09 21.60 23.85
CA ILE A 1590 25.48 21.80 24.29
C ILE A 1590 26.10 20.47 24.69
N VAL A 1591 25.37 19.65 25.45
CA VAL A 1591 25.92 18.37 25.89
C VAL A 1591 26.22 17.47 24.70
N GLY A 1592 25.32 17.40 23.73
CA GLY A 1592 25.56 16.60 22.55
C GLY A 1592 26.76 17.09 21.75
N MET A 1593 26.89 18.41 21.61
CA MET A 1593 28.04 18.95 20.90
C MET A 1593 29.35 18.57 21.59
N PHE A 1594 29.38 18.66 22.92
CA PHE A 1594 30.61 18.35 23.65
C PHE A 1594 30.87 16.85 23.74
N LEU A 1595 29.84 16.02 23.63
CA LEU A 1595 30.00 14.59 23.80
C LEU A 1595 30.26 13.87 22.48
N ALA A 1596 29.78 14.42 21.37
CA ALA A 1596 30.10 13.85 20.07
C ALA A 1596 31.59 13.92 19.79
N ASP A 1597 32.26 14.96 20.30
CA ASP A 1597 33.71 15.05 20.15
C ASP A 1597 34.40 13.88 20.86
N LEU A 1598 33.97 13.58 22.08
CA LEU A 1598 34.54 12.44 22.80
C LEU A 1598 34.27 11.14 22.06
N ILE A 1599 33.04 10.96 21.57
CA ILE A 1599 32.73 9.75 20.80
C ILE A 1599 33.47 9.71 19.47
N GLU A 1600 33.95 10.84 18.98
CA GLU A 1600 34.64 10.91 17.69
C GLU A 1600 36.14 11.12 17.82
N THR A 1601 36.68 11.21 19.04
CA THR A 1601 38.10 11.44 19.24
C THR A 1601 38.81 10.34 20.01
N TYR A 1602 38.17 9.73 21.00
CA TYR A 1602 38.75 8.62 21.75
C TYR A 1602 38.02 7.31 21.47
N PHE A 1603 36.72 7.27 21.69
CA PHE A 1603 35.93 6.08 21.40
C PHE A 1603 35.64 6.04 19.89
N VAL A 1604 35.47 4.83 19.37
CA VAL A 1604 35.13 4.62 17.98
C VAL A 1604 33.83 3.84 17.96
N SER A 1605 32.72 4.58 17.80
CA SER A 1605 31.38 3.98 17.74
C SER A 1605 30.53 4.82 16.81
N PRO A 1606 30.63 4.59 15.49
CA PRO A 1606 29.85 5.41 14.56
C PRO A 1606 28.35 5.39 14.83
N THR A 1607 27.81 4.24 15.24
CA THR A 1607 26.39 4.16 15.54
C THR A 1607 26.02 5.09 16.70
N LEU A 1608 26.82 5.07 17.76
CA LEU A 1608 26.56 5.95 18.89
C LEU A 1608 26.72 7.41 18.50
N PHE A 1609 27.71 7.72 17.67
CA PHE A 1609 27.89 9.09 17.21
C PHE A 1609 26.68 9.57 16.44
N ARG A 1610 26.18 8.74 15.52
CA ARG A 1610 25.02 9.12 14.72
C ARG A 1610 23.78 9.27 15.60
N VAL A 1611 23.63 8.40 16.59
CA VAL A 1611 22.46 8.46 17.45
C VAL A 1611 22.51 9.70 18.33
N ILE A 1612 23.69 10.07 18.82
CA ILE A 1612 23.79 11.23 19.70
C ILE A 1612 23.79 12.54 18.93
N ARG A 1613 24.09 12.52 17.64
CA ARG A 1613 23.95 13.74 16.85
C ARG A 1613 22.50 14.08 16.53
N LEU A 1614 21.55 13.25 16.96
CA LEU A 1614 20.13 13.56 16.79
C LEU A 1614 19.64 14.62 17.77
N ALA A 1615 20.46 15.03 18.73
CA ALA A 1615 20.06 16.06 19.68
C ALA A 1615 19.92 17.44 19.02
N ARG A 1616 20.39 17.61 17.78
CA ARG A 1616 20.24 18.89 17.11
C ARG A 1616 18.82 19.13 16.64
N ILE A 1617 18.05 18.08 16.36
CA ILE A 1617 16.68 18.25 15.90
C ILE A 1617 15.81 18.86 16.99
N GLY A 1618 16.24 18.82 18.25
CA GLY A 1618 15.55 19.54 19.29
C GLY A 1618 15.59 21.04 19.08
N ARG A 1619 16.57 21.54 18.32
CA ARG A 1619 16.64 22.96 18.02
C ARG A 1619 15.60 23.37 16.98
N ILE A 1620 15.30 22.49 16.02
CA ILE A 1620 14.29 22.80 15.00
C ILE A 1620 12.89 22.41 15.44
N LEU A 1621 12.76 21.56 16.45
CA LEU A 1621 11.42 21.28 16.99
C LEU A 1621 10.79 22.49 17.66
N ARG A 1622 11.57 23.54 17.92
CA ARG A 1622 11.04 24.73 18.58
C ARG A 1622 10.18 25.59 17.65
N LEU A 1623 10.14 25.27 16.35
CA LEU A 1623 9.27 26.02 15.43
C LEU A 1623 7.80 25.90 15.79
N VAL A 1624 7.42 24.86 16.54
CA VAL A 1624 6.02 24.65 16.89
C VAL A 1624 5.52 25.78 17.78
N LYS A 1625 6.40 26.34 18.62
CA LYS A 1625 5.96 27.30 19.63
C LYS A 1625 5.24 28.48 19.01
N GLY A 1626 5.70 28.96 17.85
CA GLY A 1626 5.09 30.13 17.25
C GLY A 1626 4.07 29.81 16.17
N ALA A 1627 3.66 28.55 16.09
CA ALA A 1627 2.69 28.10 15.09
C ALA A 1627 1.39 27.74 15.81
N LYS A 1628 0.51 28.72 15.95
CA LYS A 1628 -0.80 28.45 16.56
C LYS A 1628 -1.55 27.38 15.78
N GLY A 1629 -1.29 27.27 14.48
CA GLY A 1629 -2.05 26.34 13.66
C GLY A 1629 -1.77 24.90 14.00
N ILE A 1630 -0.49 24.53 14.09
CA ILE A 1630 -0.14 23.12 14.31
C ILE A 1630 -0.08 22.77 15.79
N ARG A 1631 0.03 23.75 16.67
CA ARG A 1631 0.00 23.47 18.11
C ARG A 1631 -1.32 22.83 18.50
N THR A 1632 -2.43 23.28 17.92
CA THR A 1632 -3.72 22.68 18.22
C THR A 1632 -3.76 21.22 17.79
N LEU A 1633 -3.21 20.91 16.62
CA LEU A 1633 -3.21 19.52 16.14
C LEU A 1633 -2.32 18.64 17.02
N LEU A 1634 -1.15 19.12 17.41
CA LEU A 1634 -0.31 18.33 18.31
C LEU A 1634 -0.97 18.18 19.69
N PHE A 1635 -1.72 19.19 20.13
CA PHE A 1635 -2.50 19.05 21.35
C PHE A 1635 -3.56 17.98 21.21
N ALA A 1636 -4.21 17.92 20.05
CA ALA A 1636 -5.16 16.84 19.79
C ALA A 1636 -4.48 15.47 19.88
N LEU A 1637 -3.28 15.37 19.32
CA LEU A 1637 -2.53 14.11 19.44
C LEU A 1637 -2.26 13.76 20.90
N MET A 1638 -1.81 14.76 21.67
CA MET A 1638 -1.50 14.51 23.08
C MET A 1638 -2.74 14.08 23.84
N MET A 1639 -3.89 14.67 23.50
CA MET A 1639 -5.15 14.28 24.14
C MET A 1639 -5.59 12.89 23.72
N SER A 1640 -5.27 12.47 22.49
CA SER A 1640 -5.65 11.16 22.02
C SER A 1640 -4.72 10.05 22.50
N LEU A 1641 -3.52 10.39 22.96
CA LEU A 1641 -2.57 9.36 23.37
C LEU A 1641 -3.15 8.36 24.38
N PRO A 1642 -3.87 8.77 25.43
CA PRO A 1642 -4.35 7.78 26.41
C PRO A 1642 -5.18 6.67 25.80
N ALA A 1643 -6.04 6.99 24.83
CA ALA A 1643 -6.85 5.95 24.19
C ALA A 1643 -5.98 5.07 23.29
N LEU A 1644 -5.03 5.68 22.57
CA LEU A 1644 -4.18 4.90 21.68
C LEU A 1644 -3.28 3.95 22.46
N PHE A 1645 -2.95 4.26 23.71
CA PHE A 1645 -2.10 3.38 24.49
C PHE A 1645 -2.78 2.03 24.71
N ASN A 1646 -4.06 2.03 25.04
CA ASN A 1646 -4.77 0.76 25.26
C ASN A 1646 -4.82 -0.06 23.99
N ILE A 1647 -5.11 0.57 22.86
CA ILE A 1647 -5.21 -0.16 21.61
C ILE A 1647 -3.84 -0.71 21.20
N GLY A 1648 -2.78 0.07 21.42
CA GLY A 1648 -1.44 -0.43 21.15
C GLY A 1648 -1.08 -1.60 22.04
N LEU A 1649 -1.48 -1.55 23.31
CA LEU A 1649 -1.23 -2.67 24.22
C LEU A 1649 -1.92 -3.94 23.73
N LEU A 1650 -3.20 -3.82 23.35
CA LEU A 1650 -3.93 -4.99 22.85
C LEU A 1650 -3.31 -5.50 21.56
N LEU A 1651 -2.90 -4.59 20.67
CA LEU A 1651 -2.29 -5.01 19.43
C LEU A 1651 -0.97 -5.73 19.68
N PHE A 1652 -0.19 -5.25 20.65
CA PHE A 1652 1.06 -5.94 20.98
C PHE A 1652 0.78 -7.34 21.53
N LEU A 1653 -0.25 -7.48 22.35
CA LEU A 1653 -0.59 -8.80 22.87
C LEU A 1653 -0.97 -9.76 21.74
N VAL A 1654 -1.79 -9.28 20.80
CA VAL A 1654 -2.20 -10.12 19.68
C VAL A 1654 -0.98 -10.47 18.83
N MET A 1655 -0.10 -9.50 18.59
CA MET A 1655 1.10 -9.76 17.81
C MET A 1655 1.99 -10.79 18.51
N PHE A 1656 2.09 -10.73 19.84
CA PHE A 1656 2.88 -11.71 20.58
C PHE A 1656 2.31 -13.11 20.41
N ILE A 1657 0.98 -13.25 20.54
CA ILE A 1657 0.37 -14.56 20.37
C ILE A 1657 0.65 -15.10 18.98
N TYR A 1658 0.45 -14.27 17.95
CA TYR A 1658 0.67 -14.74 16.59
C TYR A 1658 2.14 -15.00 16.31
N ALA A 1659 3.04 -14.25 16.95
CA ALA A 1659 4.47 -14.51 16.79
C ALA A 1659 4.83 -15.87 17.34
N ILE A 1660 4.30 -16.23 18.51
CA ILE A 1660 4.60 -17.55 19.06
C ILE A 1660 4.03 -18.63 18.16
N PHE A 1661 2.80 -18.45 17.67
CA PHE A 1661 2.22 -19.44 16.77
C PHE A 1661 3.05 -19.60 15.50
N GLY A 1662 3.51 -18.49 14.93
CA GLY A 1662 4.33 -18.55 13.74
C GLY A 1662 5.66 -19.24 14.00
N MET A 1663 6.27 -18.95 15.16
CA MET A 1663 7.51 -19.64 15.51
C MET A 1663 7.28 -21.14 15.58
N SER A 1664 6.17 -21.57 16.17
CA SER A 1664 5.92 -23.00 16.31
C SER A 1664 5.63 -23.65 14.96
N ASN A 1665 4.94 -22.95 14.07
CA ASN A 1665 4.47 -23.58 12.84
C ASN A 1665 5.43 -23.41 11.67
N PHE A 1666 5.76 -22.16 11.31
CA PHE A 1666 6.43 -21.86 10.05
C PHE A 1666 7.93 -21.65 10.20
N ALA A 1667 8.57 -22.31 11.16
CA ALA A 1667 9.98 -22.05 11.41
C ALA A 1667 10.89 -22.68 10.36
N TYR A 1668 10.41 -23.70 9.65
CA TYR A 1668 11.25 -24.49 8.77
C TYR A 1668 10.80 -24.48 7.31
N VAL A 1669 9.79 -23.69 6.94
CA VAL A 1669 9.32 -23.70 5.58
C VAL A 1669 10.44 -23.23 4.64
N LYS A 1670 10.30 -23.58 3.36
CA LYS A 1670 11.34 -23.26 2.39
C LYS A 1670 11.44 -21.75 2.21
N LYS A 1671 12.67 -21.25 2.09
CA LYS A 1671 12.94 -19.82 1.99
C LYS A 1671 12.83 -19.40 0.53
N GLU A 1672 11.67 -18.82 0.18
CA GLU A 1672 11.44 -18.28 -1.15
C GLU A 1672 10.43 -17.15 -1.03
N ASP A 1673 10.30 -16.37 -2.10
CA ASP A 1673 9.39 -15.23 -2.12
C ASP A 1673 9.75 -14.29 -0.96
N GLY A 1674 8.82 -14.09 -0.02
CA GLY A 1674 9.01 -13.08 1.02
C GLY A 1674 9.73 -13.55 2.26
N ILE A 1675 9.95 -14.85 2.41
CA ILE A 1675 10.65 -15.42 3.56
C ILE A 1675 12.12 -15.51 3.19
N ASN A 1676 12.98 -15.01 4.08
CA ASN A 1676 14.36 -14.70 3.74
C ASN A 1676 15.28 -15.24 4.83
N ASP A 1677 16.55 -14.86 4.76
CA ASP A 1677 17.47 -15.16 5.84
C ASP A 1677 17.24 -14.25 7.05
N MET A 1678 16.71 -13.05 6.81
CA MET A 1678 16.46 -12.08 7.87
C MET A 1678 14.99 -11.93 8.23
N PHE A 1679 14.08 -12.16 7.30
CA PHE A 1679 12.65 -11.98 7.51
C PHE A 1679 11.98 -13.34 7.42
N ASN A 1680 11.83 -13.99 8.58
CA ASN A 1680 11.30 -15.34 8.65
C ASN A 1680 10.80 -15.55 10.07
N PHE A 1681 10.35 -16.78 10.35
CA PHE A 1681 9.80 -17.14 11.65
C PHE A 1681 10.74 -18.02 12.47
N GLU A 1682 12.06 -17.90 12.25
CA GLU A 1682 13.01 -18.72 12.98
C GLU A 1682 13.22 -18.25 14.41
N THR A 1683 12.82 -17.02 14.74
CA THR A 1683 13.17 -16.43 16.03
C THR A 1683 12.08 -15.42 16.37
N PHE A 1684 11.99 -15.11 17.67
CA PHE A 1684 10.95 -14.19 18.12
C PHE A 1684 11.10 -12.81 17.49
N GLY A 1685 12.33 -12.30 17.42
CA GLY A 1685 12.55 -11.00 16.80
C GLY A 1685 12.14 -10.98 15.35
N ASN A 1686 12.54 -12.01 14.60
CA ASN A 1686 12.17 -12.08 13.19
C ASN A 1686 10.65 -12.18 13.02
N SER A 1687 10.01 -12.99 13.87
CA SER A 1687 8.56 -13.12 13.81
C SER A 1687 7.87 -11.79 14.08
N MET A 1688 8.34 -11.06 15.10
CA MET A 1688 7.74 -9.77 15.41
C MET A 1688 7.97 -8.77 14.27
N ILE A 1689 9.15 -8.81 13.65
CA ILE A 1689 9.40 -7.94 12.51
C ILE A 1689 8.41 -8.23 11.39
N CYS A 1690 8.24 -9.51 11.05
CA CYS A 1690 7.31 -9.87 9.98
C CYS A 1690 5.89 -9.46 10.33
N LEU A 1691 5.49 -9.70 11.59
CA LEU A 1691 4.11 -9.41 11.98
C LEU A 1691 3.84 -7.91 11.99
N PHE A 1692 4.80 -7.11 12.45
CA PHE A 1692 4.62 -5.66 12.36
C PHE A 1692 4.53 -5.22 10.90
N GLN A 1693 5.35 -5.82 10.04
CA GLN A 1693 5.27 -5.50 8.62
C GLN A 1693 3.87 -5.75 8.08
N ILE A 1694 3.30 -6.92 8.36
CA ILE A 1694 2.03 -7.30 7.75
C ILE A 1694 0.85 -6.72 8.53
N THR A 1695 1.12 -6.07 9.66
CA THR A 1695 0.05 -5.37 10.37
C THR A 1695 -0.57 -4.29 9.50
N THR A 1696 0.25 -3.63 8.68
CA THR A 1696 -0.24 -2.66 7.70
C THR A 1696 -0.67 -3.33 6.40
N SER A 1697 -0.72 -4.67 6.37
CA SER A 1697 -1.16 -5.44 5.22
C SER A 1697 -0.17 -5.41 4.08
N ALA A 1698 1.12 -5.29 4.38
CA ALA A 1698 2.16 -5.18 3.36
C ALA A 1698 2.95 -6.48 3.26
N GLY A 1699 2.95 -7.08 2.08
CA GLY A 1699 3.76 -8.27 1.86
C GLY A 1699 3.18 -9.55 2.45
N TRP A 1700 1.92 -9.53 2.89
CA TRP A 1700 1.35 -10.73 3.47
C TRP A 1700 1.20 -11.83 2.43
N ASP A 1701 0.98 -11.48 1.16
CA ASP A 1701 0.97 -12.50 0.12
C ASP A 1701 2.34 -13.14 -0.02
N GLY A 1702 3.40 -12.33 0.03
CA GLY A 1702 4.75 -12.85 -0.06
C GLY A 1702 5.13 -13.73 1.11
N LEU A 1703 4.62 -13.43 2.31
CA LEU A 1703 4.85 -14.31 3.44
C LEU A 1703 3.99 -15.57 3.38
N LEU A 1704 2.81 -15.48 2.77
CA LEU A 1704 1.92 -16.63 2.69
C LEU A 1704 2.37 -17.61 1.61
N ALA A 1705 2.98 -17.11 0.53
CA ALA A 1705 3.28 -17.96 -0.61
C ALA A 1705 4.17 -19.14 -0.26
N PRO A 1706 5.27 -18.99 0.48
CA PRO A 1706 6.11 -20.16 0.79
C PRO A 1706 5.40 -21.21 1.61
N ILE A 1707 4.31 -20.85 2.29
CA ILE A 1707 3.60 -21.80 3.14
C ILE A 1707 2.58 -22.61 2.35
N LEU A 1708 2.25 -22.19 1.12
CA LEU A 1708 1.31 -22.93 0.30
C LEU A 1708 1.95 -24.12 -0.41
N ASN A 1709 3.26 -24.29 -0.29
CA ASN A 1709 3.93 -25.48 -0.81
C ASN A 1709 3.70 -26.63 0.16
N SER A 1710 3.09 -27.71 -0.31
CA SER A 1710 2.82 -28.86 0.54
C SER A 1710 3.07 -30.20 -0.14
N LYS A 1711 3.54 -30.20 -1.39
CA LYS A 1711 3.80 -31.42 -2.13
C LYS A 1711 5.04 -31.24 -2.98
N PRO A 1712 5.74 -32.32 -3.32
CA PRO A 1712 6.87 -32.19 -4.25
C PRO A 1712 6.36 -31.86 -5.65
N PRO A 1713 7.20 -31.23 -6.48
CA PRO A 1713 8.59 -30.83 -6.25
C PRO A 1713 8.71 -29.48 -5.57
N ASP A 1714 7.59 -28.89 -5.14
CA ASP A 1714 7.65 -27.57 -4.50
C ASP A 1714 8.41 -27.62 -3.19
N CYS A 1715 8.28 -28.71 -2.42
CA CYS A 1715 8.94 -28.83 -1.14
C CYS A 1715 9.41 -30.27 -0.95
N ASP A 1716 10.36 -30.45 -0.03
CA ASP A 1716 10.93 -31.76 0.24
C ASP A 1716 10.44 -32.25 1.60
N PRO A 1717 9.47 -33.17 1.65
CA PRO A 1717 8.90 -33.54 2.96
C PRO A 1717 9.89 -34.19 3.91
N LYS A 1718 10.99 -34.75 3.41
CA LYS A 1718 11.97 -35.44 4.26
C LYS A 1718 13.33 -34.78 4.21
N LYS A 1719 13.36 -33.44 4.15
CA LYS A 1719 14.61 -32.71 4.23
C LYS A 1719 15.17 -32.77 5.65
N VAL A 1720 16.49 -32.87 5.76
CA VAL A 1720 17.17 -32.94 7.04
C VAL A 1720 17.74 -31.57 7.36
N HIS A 1721 17.43 -31.06 8.55
CA HIS A 1721 17.94 -29.78 9.01
C HIS A 1721 19.06 -30.02 10.01
N PRO A 1722 20.31 -29.65 9.71
CA PRO A 1722 21.39 -29.89 10.68
C PRO A 1722 21.10 -29.19 12.00
N GLY A 1723 21.43 -29.88 13.10
CA GLY A 1723 21.23 -29.34 14.42
C GLY A 1723 19.84 -29.50 14.99
N SER A 1724 18.92 -30.12 14.26
CA SER A 1724 17.56 -30.33 14.75
C SER A 1724 17.02 -31.63 14.19
N SER A 1725 16.02 -32.17 14.89
CA SER A 1725 15.39 -33.43 14.49
C SER A 1725 14.20 -33.23 13.56
N VAL A 1726 13.76 -32.00 13.35
CA VAL A 1726 12.62 -31.75 12.47
C VAL A 1726 13.00 -32.13 11.05
N GLU A 1727 12.03 -32.72 10.33
CA GLU A 1727 12.24 -33.16 8.96
C GLU A 1727 11.22 -32.49 8.04
N GLY A 1728 11.68 -32.02 6.91
CA GLY A 1728 10.80 -31.48 5.88
C GLY A 1728 10.67 -29.97 5.96
N ASP A 1729 10.72 -29.33 4.80
CA ASP A 1729 10.53 -27.89 4.69
C ASP A 1729 9.22 -27.54 4.01
N CYS A 1730 8.20 -28.38 4.16
CA CYS A 1730 6.90 -28.13 3.57
C CYS A 1730 6.04 -27.29 4.51
N GLY A 1731 5.11 -26.53 3.92
CA GLY A 1731 4.16 -25.76 4.70
C GLY A 1731 2.78 -26.40 4.72
N ASN A 1732 1.94 -25.89 5.61
CA ASN A 1732 0.57 -26.38 5.74
C ASN A 1732 -0.37 -25.35 5.15
N PRO A 1733 -0.94 -25.58 3.97
CA PRO A 1733 -1.74 -24.52 3.33
C PRO A 1733 -2.90 -24.02 4.17
N SER A 1734 -3.64 -24.92 4.82
CA SER A 1734 -4.81 -24.49 5.57
C SER A 1734 -4.42 -23.62 6.77
N VAL A 1735 -3.42 -24.06 7.53
CA VAL A 1735 -2.97 -23.28 8.67
C VAL A 1735 -2.43 -21.93 8.21
N GLY A 1736 -1.66 -21.93 7.12
CA GLY A 1736 -1.14 -20.66 6.62
C GLY A 1736 -2.24 -19.70 6.22
N ILE A 1737 -3.25 -20.20 5.49
CA ILE A 1737 -4.34 -19.33 5.06
C ILE A 1737 -5.08 -18.78 6.26
N PHE A 1738 -5.43 -19.64 7.22
CA PHE A 1738 -6.13 -19.17 8.41
C PHE A 1738 -5.32 -18.10 9.14
N TYR A 1739 -4.04 -18.39 9.38
CA TYR A 1739 -3.17 -17.47 10.08
C TYR A 1739 -3.15 -16.10 9.40
N PHE A 1740 -2.84 -16.08 8.10
CA PHE A 1740 -2.56 -14.82 7.42
C PHE A 1740 -3.83 -14.09 7.02
N VAL A 1741 -5.00 -14.74 7.05
CA VAL A 1741 -6.24 -14.02 6.83
C VAL A 1741 -6.76 -13.45 8.15
N SER A 1742 -6.80 -14.27 9.19
CA SER A 1742 -7.31 -13.80 10.47
C SER A 1742 -6.47 -12.66 11.02
N TYR A 1743 -5.14 -12.73 10.87
CA TYR A 1743 -4.33 -11.65 11.41
C TYR A 1743 -4.65 -10.32 10.73
N ILE A 1744 -4.79 -10.31 9.41
CA ILE A 1744 -5.06 -9.06 8.72
C ILE A 1744 -6.44 -8.53 9.07
N ILE A 1745 -7.42 -9.43 9.23
CA ILE A 1745 -8.75 -8.96 9.62
C ILE A 1745 -8.72 -8.31 11.00
N ILE A 1746 -8.04 -8.95 11.96
CA ILE A 1746 -7.98 -8.39 13.31
C ILE A 1746 -7.26 -7.05 13.30
N SER A 1747 -6.15 -6.95 12.57
CA SER A 1747 -5.44 -5.68 12.48
C SER A 1747 -6.29 -4.61 11.83
N PHE A 1748 -7.11 -4.98 10.84
CA PHE A 1748 -8.01 -4.00 10.23
C PHE A 1748 -9.01 -3.46 11.25
N LEU A 1749 -9.58 -4.35 12.07
CA LEU A 1749 -10.50 -3.88 13.10
C LEU A 1749 -9.80 -2.93 14.07
N VAL A 1750 -8.59 -3.28 14.49
CA VAL A 1750 -7.87 -2.40 15.42
C VAL A 1750 -7.55 -1.06 14.76
N VAL A 1751 -7.23 -1.06 13.46
CA VAL A 1751 -6.91 0.18 12.77
C VAL A 1751 -8.13 1.07 12.69
N VAL A 1752 -9.31 0.50 12.41
CA VAL A 1752 -10.50 1.35 12.42
C VAL A 1752 -10.80 1.85 13.83
N ASN A 1753 -10.47 1.07 14.86
CA ASN A 1753 -10.59 1.59 16.23
C ASN A 1753 -9.73 2.84 16.42
N MET A 1754 -8.48 2.79 15.94
CA MET A 1754 -7.61 3.96 16.04
C MET A 1754 -8.19 5.13 15.25
N TYR A 1755 -8.74 4.92 14.08
CA TYR A 1755 -9.33 6.11 13.42
C TYR A 1755 -10.54 6.62 14.19
N ILE A 1756 -11.31 5.76 14.87
CA ILE A 1756 -12.39 6.31 15.69
C ILE A 1756 -11.82 7.23 16.77
N ALA A 1757 -10.79 6.75 17.48
CA ALA A 1757 -10.24 7.54 18.57
C ALA A 1757 -9.71 8.88 18.05
N VAL A 1758 -8.94 8.84 16.96
CA VAL A 1758 -8.38 10.07 16.41
C VAL A 1758 -9.46 11.03 15.95
N ILE A 1759 -10.49 10.53 15.27
CA ILE A 1759 -11.57 11.40 14.81
C ILE A 1759 -12.28 12.05 15.98
N LEU A 1760 -12.58 11.28 17.02
CA LEU A 1760 -13.27 11.84 18.18
C LEU A 1760 -12.44 12.95 18.82
N GLU A 1761 -11.14 12.69 19.02
CA GLU A 1761 -10.30 13.72 19.64
C GLU A 1761 -10.17 14.95 18.76
N ASN A 1762 -10.05 14.75 17.44
CA ASN A 1762 -9.93 15.90 16.55
C ASN A 1762 -11.19 16.76 16.60
N PHE A 1763 -12.36 16.12 16.60
CA PHE A 1763 -13.60 16.90 16.68
C PHE A 1763 -13.68 17.64 18.01
N SER A 1764 -13.33 16.97 19.11
CA SER A 1764 -13.39 17.63 20.42
C SER A 1764 -12.49 18.86 20.45
N VAL A 1765 -11.24 18.72 19.99
CA VAL A 1765 -10.31 19.83 20.05
C VAL A 1765 -10.72 20.95 19.09
N ALA A 1766 -11.22 20.60 17.92
CA ALA A 1766 -11.65 21.64 16.97
C ALA A 1766 -12.84 22.42 17.52
N THR A 1767 -13.78 21.75 18.16
CA THR A 1767 -14.98 22.43 18.64
C THR A 1767 -14.70 23.20 19.95
N GLU A 1768 -14.32 22.49 21.00
CA GLU A 1768 -14.15 23.12 22.31
C GLU A 1768 -12.85 23.93 22.35
N GLY B 20 16.87 -24.89 7.56
CA GLY B 20 17.64 -24.33 8.70
C GLY B 20 18.99 -25.00 8.88
N CYS B 21 19.84 -24.39 9.70
CA CYS B 21 21.14 -24.96 10.01
C CYS B 21 21.63 -24.32 11.30
N VAL B 22 21.76 -25.13 12.35
CA VAL B 22 22.17 -24.66 13.66
C VAL B 22 23.42 -25.43 14.05
N GLU B 23 24.47 -24.71 14.46
CA GLU B 23 25.74 -25.31 14.85
C GLU B 23 25.66 -25.75 16.30
N VAL B 24 25.08 -26.93 16.51
CA VAL B 24 24.97 -27.49 17.85
C VAL B 24 26.31 -28.08 18.26
N ASP B 25 26.82 -27.65 19.42
CA ASP B 25 28.10 -28.14 19.89
C ASP B 25 28.00 -29.60 20.32
N SER B 26 29.09 -30.33 20.12
CA SER B 26 29.08 -31.76 20.38
C SER B 26 29.09 -32.04 21.88
N GLU B 27 28.55 -33.21 22.23
CA GLU B 27 28.65 -33.69 23.60
C GLU B 27 30.09 -34.10 23.90
N THR B 28 30.40 -34.21 25.19
CA THR B 28 31.77 -34.46 25.64
C THR B 28 31.85 -35.62 26.61
N GLU B 29 30.88 -36.53 26.59
CA GLU B 29 30.86 -37.64 27.54
C GLU B 29 30.32 -38.88 26.84
N ALA B 30 31.15 -39.92 26.78
CA ALA B 30 30.77 -41.20 26.19
C ALA B 30 30.87 -42.29 27.25
N VAL B 31 29.94 -43.25 27.22
CA VAL B 31 29.90 -44.32 28.20
C VAL B 31 30.49 -45.58 27.56
N TYR B 32 31.43 -46.20 28.27
CA TYR B 32 32.15 -47.35 27.72
C TYR B 32 31.19 -48.45 27.32
N GLY B 33 31.39 -48.99 26.12
CA GLY B 33 30.62 -50.10 25.62
C GLY B 33 29.43 -49.73 24.77
N MET B 34 28.92 -48.51 24.89
CA MET B 34 27.76 -48.08 24.13
C MET B 34 28.22 -47.37 22.86
N THR B 35 27.30 -46.68 22.20
CA THR B 35 27.58 -45.95 20.97
C THR B 35 27.48 -44.45 21.21
N PHE B 36 28.44 -43.70 20.68
CA PHE B 36 28.49 -42.25 20.85
C PHE B 36 28.59 -41.59 19.47
N LYS B 37 27.86 -40.48 19.30
CA LYS B 37 27.88 -39.70 18.08
C LYS B 37 28.64 -38.40 18.33
N ILE B 38 29.72 -38.21 17.59
CA ILE B 38 30.55 -37.01 17.71
C ILE B 38 30.04 -35.98 16.70
N LEU B 39 29.66 -34.81 17.19
CA LEU B 39 28.99 -33.80 16.37
C LEU B 39 29.99 -32.79 15.81
N CYS B 40 29.84 -32.48 14.52
CA CYS B 40 30.62 -31.41 13.90
C CYS B 40 29.74 -30.82 12.79
N ILE B 41 29.07 -29.72 13.10
CA ILE B 41 28.19 -29.04 12.15
C ILE B 41 28.86 -27.74 11.75
N SER B 42 28.90 -27.48 10.44
CA SER B 42 29.47 -26.25 9.90
C SER B 42 28.52 -25.70 8.85
N CYS B 43 27.85 -24.59 9.18
CA CYS B 43 26.87 -23.98 8.30
C CYS B 43 27.49 -22.80 7.57
N LYS B 44 27.11 -22.63 6.32
CA LYS B 44 27.67 -21.53 5.52
C LYS B 44 26.95 -20.23 5.85
N ARG B 45 27.62 -19.12 5.57
CA ARG B 45 27.08 -17.81 5.92
C ARG B 45 25.76 -17.54 5.20
N ARG B 46 25.68 -17.90 3.92
CA ARG B 46 24.47 -17.75 3.13
C ARG B 46 24.05 -19.12 2.65
N SER B 47 22.82 -19.53 3.00
CA SER B 47 22.38 -20.88 2.70
C SER B 47 22.09 -21.11 1.22
N GLU B 48 21.96 -20.04 0.44
CA GLU B 48 21.61 -20.19 -0.97
C GLU B 48 22.83 -20.38 -1.87
N THR B 49 24.04 -20.35 -1.32
CA THR B 49 25.23 -20.57 -2.12
C THR B 49 25.44 -22.06 -2.36
N ASN B 50 26.29 -22.37 -3.33
CA ASN B 50 26.65 -23.73 -3.67
C ASN B 50 28.06 -24.01 -3.19
N ALA B 51 28.35 -25.29 -2.93
CA ALA B 51 29.62 -25.68 -2.36
C ALA B 51 29.92 -27.13 -2.71
N GLU B 52 31.17 -27.53 -2.47
CA GLU B 52 31.61 -28.91 -2.63
C GLU B 52 32.56 -29.21 -1.48
N THR B 53 32.04 -29.76 -0.40
CA THR B 53 32.76 -29.92 0.85
C THR B 53 33.31 -31.34 1.00
N PHE B 54 34.42 -31.44 1.73
CA PHE B 54 34.93 -32.72 2.19
C PHE B 54 35.65 -32.48 3.51
N THR B 55 35.86 -33.55 4.26
CA THR B 55 36.28 -33.42 5.66
C THR B 55 37.42 -34.38 5.98
N GLU B 56 38.13 -34.04 7.06
CA GLU B 56 39.19 -34.88 7.60
C GLU B 56 39.13 -34.80 9.11
N TRP B 57 39.22 -35.94 9.78
CA TRP B 57 39.19 -36.01 11.24
C TRP B 57 40.55 -36.45 11.75
N THR B 58 40.99 -35.84 12.85
CA THR B 58 42.23 -36.18 13.51
C THR B 58 41.97 -36.37 14.99
N PHE B 59 42.71 -37.29 15.60
CA PHE B 59 42.46 -37.70 16.98
C PHE B 59 43.77 -37.76 17.74
N ARG B 60 43.82 -37.09 18.89
CA ARG B 60 44.97 -37.12 19.78
C ARG B 60 44.55 -37.81 21.06
N GLN B 61 44.92 -39.07 21.21
CA GLN B 61 44.53 -39.84 22.38
C GLN B 61 45.13 -39.25 23.64
N LYS B 62 44.38 -39.34 24.74
CA LYS B 62 44.88 -38.87 26.02
C LYS B 62 46.20 -39.56 26.36
N GLY B 63 47.16 -38.78 26.83
CA GLY B 63 48.51 -39.27 27.05
C GLY B 63 49.40 -39.21 25.83
N THR B 64 48.88 -38.78 24.69
CA THR B 64 49.65 -38.61 23.47
C THR B 64 49.66 -37.13 23.10
N GLU B 65 50.62 -36.74 22.26
CA GLU B 65 50.81 -35.34 21.88
C GLU B 65 50.76 -35.13 20.38
N GLU B 66 50.39 -36.14 19.59
CA GLU B 66 50.36 -36.02 18.14
C GLU B 66 48.95 -36.29 17.63
N PHE B 67 48.49 -35.46 16.71
CA PHE B 67 47.19 -35.62 16.07
C PHE B 67 47.37 -36.50 14.84
N VAL B 68 46.82 -37.71 14.89
CA VAL B 68 46.94 -38.69 13.81
C VAL B 68 45.63 -38.75 13.06
N LYS B 69 45.68 -38.56 11.74
CA LYS B 69 44.49 -38.62 10.92
C LYS B 69 43.87 -40.01 11.00
N ILE B 70 42.55 -40.07 11.14
CA ILE B 70 41.84 -41.33 11.31
C ILE B 70 40.85 -41.62 10.19
N LEU B 71 40.32 -40.61 9.51
CA LEU B 71 39.36 -40.86 8.45
C LEU B 71 39.27 -39.64 7.55
N ARG B 72 38.70 -39.86 6.35
CA ARG B 72 38.45 -38.79 5.40
C ARG B 72 37.23 -39.16 4.59
N TYR B 73 36.35 -38.19 4.35
CA TYR B 73 35.08 -38.42 3.66
C TYR B 73 34.94 -37.42 2.53
N GLU B 74 34.67 -37.93 1.33
CA GLU B 74 34.55 -37.09 0.15
C GLU B 74 33.77 -37.84 -0.91
N ASN B 75 32.88 -37.13 -1.60
CA ASN B 75 32.12 -37.71 -2.71
C ASN B 75 31.36 -38.97 -2.29
N GLU B 76 30.76 -38.93 -1.10
CA GLU B 76 29.88 -39.99 -0.62
C GLU B 76 30.62 -41.32 -0.46
N VAL B 77 31.87 -41.29 0.00
CA VAL B 77 32.58 -42.52 0.32
C VAL B 77 33.55 -42.25 1.47
N LEU B 78 33.39 -43.01 2.56
CA LEU B 78 34.21 -42.84 3.74
C LEU B 78 35.48 -43.69 3.61
N GLN B 79 36.63 -43.05 3.76
CA GLN B 79 37.93 -43.70 3.62
C GLN B 79 38.59 -43.73 5.00
N LEU B 80 38.48 -44.87 5.67
CA LEU B 80 38.99 -45.02 7.03
C LEU B 80 40.46 -45.41 6.99
N GLU B 81 41.26 -44.78 7.84
CA GLU B 81 42.67 -45.12 7.94
C GLU B 81 42.84 -46.47 8.64
N GLU B 82 44.06 -47.02 8.54
CA GLU B 82 44.38 -48.31 9.14
C GLU B 82 44.77 -48.06 10.60
N ASP B 83 43.76 -47.74 11.41
CA ASP B 83 43.94 -47.48 12.83
C ASP B 83 43.26 -48.60 13.61
N GLU B 84 44.02 -49.24 14.49
CA GLU B 84 43.49 -50.36 15.26
C GLU B 84 42.40 -49.90 16.22
N ARG B 85 42.58 -48.72 16.81
CA ARG B 85 41.62 -48.24 17.80
C ARG B 85 40.26 -47.93 17.19
N PHE B 86 40.20 -47.63 15.90
CA PHE B 86 38.96 -47.24 15.24
C PHE B 86 38.51 -48.20 14.15
N GLU B 87 39.25 -49.29 13.92
CA GLU B 87 38.86 -50.23 12.87
C GLU B 87 37.50 -50.85 13.20
N GLY B 88 36.58 -50.80 12.24
CA GLY B 88 35.28 -51.39 12.42
C GLY B 88 34.47 -50.81 13.56
N ARG B 89 34.75 -49.56 13.95
CA ARG B 89 34.01 -48.90 15.02
C ARG B 89 33.55 -47.50 14.65
N VAL B 90 33.64 -47.10 13.39
CA VAL B 90 33.26 -45.76 12.96
C VAL B 90 32.36 -45.88 11.73
N VAL B 91 31.26 -45.12 11.73
CA VAL B 91 30.39 -45.00 10.57
C VAL B 91 29.96 -43.55 10.45
N TRP B 92 29.73 -43.13 9.20
CA TRP B 92 29.42 -41.74 8.91
C TRP B 92 28.04 -41.38 9.43
N ASN B 93 27.92 -40.21 10.06
CA ASN B 93 26.66 -39.70 10.56
C ASN B 93 26.43 -38.25 10.12
N GLY B 94 26.98 -37.88 8.97
CA GLY B 94 26.87 -36.53 8.47
C GLY B 94 25.81 -36.39 7.40
N SER B 95 25.95 -35.35 6.59
CA SER B 95 25.03 -35.13 5.48
C SER B 95 25.22 -36.20 4.41
N ARG B 96 24.11 -36.66 3.85
CA ARG B 96 24.11 -37.79 2.93
C ARG B 96 23.45 -37.39 1.61
N GLY B 97 23.93 -38.00 0.53
CA GLY B 97 23.31 -37.80 -0.77
C GLY B 97 23.63 -36.49 -1.45
N THR B 98 24.66 -35.78 -0.99
CA THR B 98 25.02 -34.50 -1.60
C THR B 98 26.51 -34.27 -1.42
N LYS B 99 27.06 -33.40 -2.27
CA LYS B 99 28.44 -32.97 -2.14
C LYS B 99 28.59 -31.70 -1.32
N ASP B 100 27.48 -31.05 -0.96
CA ASP B 100 27.50 -29.85 -0.13
C ASP B 100 27.18 -30.25 1.30
N LEU B 101 28.18 -30.78 1.99
CA LEU B 101 28.00 -31.26 3.36
C LEU B 101 27.98 -30.08 4.32
N GLN B 102 27.00 -30.07 5.21
CA GLN B 102 26.98 -29.16 6.35
C GLN B 102 27.02 -29.88 7.69
N ASP B 103 26.72 -31.17 7.73
CA ASP B 103 26.86 -32.00 8.92
C ASP B 103 27.96 -33.01 8.67
N LEU B 104 28.97 -33.02 9.54
CA LEU B 104 30.17 -33.82 9.34
C LEU B 104 30.43 -34.74 10.52
N SER B 105 29.37 -35.15 11.20
CA SER B 105 29.50 -35.98 12.39
C SER B 105 30.06 -37.35 12.03
N ILE B 106 30.46 -38.09 13.07
CA ILE B 106 30.78 -39.50 12.94
C ILE B 106 30.20 -40.24 14.13
N PHE B 107 30.08 -41.56 13.98
CA PHE B 107 29.42 -42.42 14.95
C PHE B 107 30.39 -43.49 15.38
N ILE B 108 30.52 -43.68 16.69
CA ILE B 108 31.29 -44.80 17.24
C ILE B 108 30.30 -45.88 17.63
N THR B 109 30.42 -47.04 16.99
CA THR B 109 29.48 -48.13 17.23
C THR B 109 29.83 -48.95 18.46
N ASN B 110 31.04 -48.80 19.01
CA ASN B 110 31.44 -49.55 20.20
C ASN B 110 32.54 -48.75 20.88
N VAL B 111 32.19 -48.03 21.95
CA VAL B 111 33.09 -47.08 22.58
C VAL B 111 33.97 -47.81 23.59
N THR B 112 35.28 -47.61 23.48
CA THR B 112 36.26 -48.15 24.41
C THR B 112 37.00 -47.00 25.08
N TYR B 113 38.02 -47.35 25.86
CA TYR B 113 38.80 -46.33 26.58
C TYR B 113 39.85 -45.66 25.71
N ASN B 114 40.10 -46.17 24.51
CA ASN B 114 41.04 -45.54 23.60
C ASN B 114 40.42 -44.40 22.80
N HIS B 115 39.12 -44.16 22.95
CA HIS B 115 38.43 -43.10 22.23
C HIS B 115 38.31 -41.83 23.04
N SER B 116 39.14 -41.67 24.08
CA SER B 116 39.12 -40.52 24.95
C SER B 116 40.28 -39.60 24.60
N GLY B 117 39.98 -38.38 24.18
CA GLY B 117 41.01 -37.44 23.80
C GLY B 117 40.41 -36.29 23.01
N ASP B 118 41.30 -35.46 22.48
CA ASP B 118 40.90 -34.29 21.72
C ASP B 118 40.74 -34.67 20.25
N TYR B 119 39.58 -34.34 19.69
CA TYR B 119 39.31 -34.56 18.28
C TYR B 119 39.39 -33.24 17.51
N GLU B 120 39.40 -33.34 16.18
CA GLU B 120 39.49 -32.18 15.33
C GLU B 120 38.78 -32.48 14.02
N CYS B 121 37.79 -31.67 13.68
CA CYS B 121 36.95 -31.87 12.49
C CYS B 121 37.31 -30.80 11.46
N HIS B 122 38.15 -31.15 10.51
CA HIS B 122 38.53 -30.23 9.44
C HIS B 122 37.46 -30.23 8.36
N VAL B 123 37.05 -29.05 7.93
CA VAL B 123 36.05 -28.89 6.88
C VAL B 123 36.67 -28.07 5.76
N TYR B 124 36.69 -28.62 4.55
CA TYR B 124 37.25 -27.97 3.38
C TYR B 124 36.12 -27.67 2.40
N ARG B 125 35.60 -26.45 2.45
CA ARG B 125 34.46 -26.03 1.66
C ARG B 125 34.91 -25.18 0.49
N LEU B 126 34.37 -25.46 -0.69
CA LEU B 126 34.75 -24.79 -1.94
C LEU B 126 33.49 -24.17 -2.54
N LEU B 127 33.28 -22.88 -2.29
CA LEU B 127 32.11 -22.20 -2.83
C LEU B 127 32.27 -21.97 -4.33
N PHE B 128 31.18 -22.13 -5.07
CA PHE B 128 31.15 -21.91 -6.50
C PHE B 128 30.30 -20.67 -6.77
N PHE B 129 30.97 -19.55 -7.07
CA PHE B 129 30.32 -18.29 -7.36
C PHE B 129 30.38 -18.02 -8.86
N GLU B 130 29.89 -16.84 -9.25
CA GLU B 130 29.87 -16.43 -10.65
C GLU B 130 31.25 -15.89 -11.03
N ASN B 131 31.97 -16.65 -11.87
CA ASN B 131 33.32 -16.27 -12.26
C ASN B 131 34.21 -16.05 -11.05
N TYR B 132 34.05 -16.92 -10.05
CA TYR B 132 34.77 -16.79 -8.78
C TYR B 132 34.65 -18.09 -8.02
N GLU B 133 35.78 -18.58 -7.51
CA GLU B 133 35.83 -19.79 -6.69
C GLU B 133 36.61 -19.50 -5.43
N HIS B 134 36.03 -19.81 -4.28
CA HIS B 134 36.65 -19.56 -2.98
C HIS B 134 36.87 -20.88 -2.26
N ASN B 135 38.12 -21.17 -1.92
CA ASN B 135 38.49 -22.36 -1.18
C ASN B 135 38.70 -21.96 0.27
N THR B 136 37.74 -22.31 1.12
CA THR B 136 37.78 -21.98 2.54
C THR B 136 37.96 -23.24 3.37
N SER B 137 38.23 -23.04 4.66
CA SER B 137 38.47 -24.16 5.56
C SER B 137 38.05 -23.77 6.97
N VAL B 138 37.62 -24.76 7.74
CA VAL B 138 37.24 -24.57 9.14
C VAL B 138 37.81 -25.72 9.94
N VAL B 139 37.97 -25.49 11.25
CA VAL B 139 38.44 -26.51 12.18
C VAL B 139 37.61 -26.42 13.45
N LYS B 140 37.05 -27.54 13.88
CA LYS B 140 36.25 -27.62 15.10
C LYS B 140 36.87 -28.68 16.00
N LYS B 141 37.04 -28.34 17.27
CA LYS B 141 37.72 -29.20 18.23
C LYS B 141 36.70 -29.77 19.22
N ILE B 142 36.70 -31.10 19.37
CA ILE B 142 35.79 -31.81 20.26
C ILE B 142 36.64 -32.62 21.23
N HIS B 143 36.40 -32.41 22.53
CA HIS B 143 37.08 -33.16 23.58
C HIS B 143 36.11 -34.17 24.17
N ILE B 144 36.49 -35.44 24.12
CA ILE B 144 35.63 -36.54 24.54
C ILE B 144 36.29 -37.27 25.69
N GLU B 145 35.55 -37.45 26.78
CA GLU B 145 35.99 -38.23 27.93
C GLU B 145 35.08 -39.43 28.08
N VAL B 146 35.67 -40.61 28.27
CA VAL B 146 34.92 -41.86 28.35
C VAL B 146 34.76 -42.23 29.81
N VAL B 147 33.54 -42.57 30.21
CA VAL B 147 33.23 -42.93 31.59
C VAL B 147 32.44 -44.24 31.56
N ASP B 148 32.34 -44.87 32.74
CA ASP B 148 31.61 -46.13 32.85
C ASP B 148 30.12 -45.94 33.09
N LYS B 149 29.73 -44.83 33.72
CA LYS B 149 28.33 -44.53 33.98
C LYS B 149 28.03 -43.11 33.50
N ALA B 150 26.78 -42.91 33.10
CA ALA B 150 26.36 -41.61 32.56
C ALA B 150 25.99 -40.69 33.71
N ASN B 151 26.85 -39.71 33.98
CA ASN B 151 26.57 -38.74 35.03
C ASN B 151 25.36 -37.88 34.66
N ARG B 152 24.63 -37.45 35.68
CA ARG B 152 23.46 -36.60 35.48
C ARG B 152 23.89 -35.13 35.44
N ASP B 153 23.13 -34.34 34.69
CA ASP B 153 23.48 -32.95 34.47
C ASP B 153 23.29 -32.13 35.74
N MET B 154 24.34 -31.37 36.10
CA MET B 154 24.26 -30.51 37.27
C MET B 154 23.16 -29.47 37.12
N ALA B 155 22.96 -28.98 35.90
CA ALA B 155 21.87 -28.04 35.66
C ALA B 155 20.53 -28.69 35.96
N SER B 156 20.35 -29.96 35.55
CA SER B 156 19.12 -30.67 35.89
C SER B 156 18.98 -30.83 37.39
N ILE B 157 20.08 -31.16 38.09
CA ILE B 157 20.01 -31.34 39.53
C ILE B 157 19.52 -30.06 40.19
N VAL B 158 20.17 -28.93 39.87
CA VAL B 158 19.81 -27.68 40.52
C VAL B 158 18.42 -27.24 40.11
N SER B 159 18.03 -27.45 38.85
CA SER B 159 16.70 -27.04 38.42
C SER B 159 15.62 -27.81 39.17
N GLU B 160 15.78 -29.13 39.29
CA GLU B 160 14.78 -29.93 39.99
C GLU B 160 14.71 -29.54 41.46
N ILE B 161 15.87 -29.37 42.11
CA ILE B 161 15.86 -29.02 43.52
C ILE B 161 15.21 -27.65 43.72
N MET B 162 15.53 -26.68 42.86
CA MET B 162 14.94 -25.36 42.96
C MET B 162 13.44 -25.42 42.75
N MET B 163 12.98 -26.21 41.77
CA MET B 163 11.54 -26.32 41.55
C MET B 163 10.85 -26.87 42.78
N TYR B 164 11.41 -27.93 43.38
CA TYR B 164 10.74 -28.53 44.53
C TYR B 164 10.73 -27.58 45.73
N VAL B 165 11.85 -26.89 45.99
CA VAL B 165 11.86 -25.98 47.12
C VAL B 165 10.89 -24.83 46.88
N LEU B 166 10.80 -24.33 45.65
CA LEU B 166 9.86 -23.26 45.36
C LEU B 166 8.42 -23.73 45.52
N ILE B 167 8.11 -24.95 45.08
CA ILE B 167 6.76 -25.46 45.21
C ILE B 167 6.38 -25.59 46.67
N VAL B 168 7.26 -26.19 47.47
CA VAL B 168 6.94 -26.38 48.89
C VAL B 168 6.86 -25.01 49.59
N VAL B 169 7.71 -24.07 49.22
CA VAL B 169 7.66 -22.73 49.82
C VAL B 169 6.33 -22.06 49.51
N LEU B 170 5.89 -22.14 48.25
CA LEU B 170 4.62 -21.51 47.89
C LEU B 170 3.46 -22.16 48.64
N THR B 171 3.47 -23.49 48.73
CA THR B 171 2.38 -24.16 49.44
C THR B 171 2.36 -23.77 50.91
N ILE B 172 3.53 -23.73 51.55
CA ILE B 172 3.60 -23.35 52.96
C ILE B 172 3.12 -21.92 53.15
N TRP B 173 3.55 -21.01 52.28
CA TRP B 173 3.15 -19.61 52.41
C TRP B 173 1.63 -19.46 52.25
N LEU B 174 1.06 -20.13 51.25
CA LEU B 174 -0.38 -20.05 51.05
C LEU B 174 -1.12 -20.63 52.25
N VAL B 175 -0.65 -21.75 52.78
CA VAL B 175 -1.33 -22.36 53.93
C VAL B 175 -1.25 -21.45 55.14
N ALA B 176 -0.10 -20.83 55.37
CA ALA B 176 0.02 -19.89 56.49
C ALA B 176 -0.93 -18.71 56.32
N GLU B 177 -1.01 -18.16 55.12
CA GLU B 177 -1.93 -17.05 54.88
C GLU B 177 -3.37 -17.48 55.09
N MET B 178 -3.74 -18.68 54.63
CA MET B 178 -5.10 -19.17 54.82
C MET B 178 -5.40 -19.32 56.31
N ILE B 179 -4.48 -19.89 57.07
CA ILE B 179 -4.71 -20.08 58.50
C ILE B 179 -4.90 -18.73 59.20
N TYR B 180 -4.01 -17.78 58.90
CA TYR B 180 -4.11 -16.47 59.56
C TYR B 180 -5.43 -15.78 59.20
N CYS B 181 -5.77 -15.76 57.91
CA CYS B 181 -7.00 -15.10 57.49
C CYS B 181 -8.22 -15.77 58.09
N TYR B 182 -8.22 -17.10 58.16
CA TYR B 182 -9.36 -17.81 58.75
C TYR B 182 -9.49 -17.52 60.23
N LYS B 183 -8.36 -17.49 60.95
CA LYS B 183 -8.45 -17.19 62.39
C LYS B 183 -8.97 -15.77 62.61
N LYS B 184 -8.52 -14.83 61.78
CA LYS B 184 -9.04 -13.47 61.89
C LYS B 184 -10.53 -13.44 61.57
N ILE B 185 -10.95 -14.18 60.55
CA ILE B 185 -12.37 -14.19 60.16
C ILE B 185 -13.22 -14.78 61.27
N ALA B 186 -12.77 -15.87 61.89
CA ALA B 186 -13.51 -16.47 62.98
C ALA B 186 -13.58 -15.53 64.17
N ALA B 187 -12.47 -14.84 64.49
CA ALA B 187 -12.49 -13.89 65.59
C ALA B 187 -13.46 -12.76 65.32
N ALA B 188 -13.46 -12.22 64.10
CA ALA B 188 -14.40 -11.15 63.76
C ALA B 188 -15.83 -11.63 63.82
N THR B 189 -16.09 -12.85 63.34
CA THR B 189 -17.45 -13.38 63.38
C THR B 189 -17.93 -13.58 64.82
N GLU B 190 -17.07 -14.10 65.69
CA GLU B 190 -17.46 -14.26 67.09
C GLU B 190 -17.65 -12.90 67.76
N THR B 191 -16.87 -11.89 67.35
CA THR B 191 -17.12 -10.54 67.83
C THR B 191 -18.50 -10.05 67.39
N ALA B 192 -18.88 -10.34 66.15
CA ALA B 192 -20.18 -9.93 65.63
C ALA B 192 -21.29 -10.79 66.22
N MET C 30 16.42 5.21 -35.10
CA MET C 30 16.74 6.61 -34.71
C MET C 30 16.48 7.56 -35.87
N GLU C 31 16.10 8.79 -35.56
CA GLU C 31 15.96 9.82 -36.57
C GLU C 31 17.31 10.47 -36.84
N VAL C 32 17.58 10.76 -38.11
CA VAL C 32 18.81 11.40 -38.54
C VAL C 32 18.45 12.69 -39.26
N THR C 33 19.11 13.78 -38.88
CA THR C 33 18.87 15.10 -39.47
C THR C 33 20.06 15.45 -40.35
N VAL C 34 19.83 15.47 -41.66
CA VAL C 34 20.87 15.83 -42.64
C VAL C 34 20.26 16.81 -43.65
N PRO C 35 21.06 17.71 -44.23
CA PRO C 35 20.53 18.55 -45.30
C PRO C 35 20.38 17.77 -46.60
N ALA C 36 19.21 17.88 -47.22
CA ALA C 36 18.98 17.18 -48.49
C ALA C 36 19.93 17.66 -49.57
N THR C 37 20.14 18.97 -49.64
CA THR C 37 21.03 19.58 -50.63
C THR C 37 22.07 20.43 -49.91
N LEU C 38 23.31 20.35 -50.37
CA LEU C 38 24.42 21.11 -49.80
C LEU C 38 25.23 21.70 -50.94
N ASN C 39 25.11 23.01 -51.14
CA ASN C 39 25.86 23.72 -52.17
C ASN C 39 27.11 24.33 -51.55
N VAL C 40 28.27 23.92 -52.05
CA VAL C 40 29.56 24.40 -51.57
C VAL C 40 30.34 24.96 -52.75
N LEU C 41 30.87 26.17 -52.59
CA LEU C 41 31.65 26.78 -53.66
C LEU C 41 32.93 26.00 -53.91
N ASN C 42 33.38 26.03 -55.15
CA ASN C 42 34.64 25.37 -55.51
C ASN C 42 35.81 26.10 -54.87
N GLY C 43 36.85 25.33 -54.54
CA GLY C 43 38.00 25.91 -53.88
C GLY C 43 37.77 26.28 -52.43
N SER C 44 36.76 25.68 -51.79
CA SER C 44 36.43 25.98 -50.41
C SER C 44 36.19 24.68 -49.66
N ASP C 45 36.36 24.73 -48.35
CA ASP C 45 36.24 23.57 -47.48
C ASP C 45 34.76 23.29 -47.22
N ALA C 46 34.33 22.06 -47.49
CA ALA C 46 32.95 21.67 -47.27
C ALA C 46 32.82 20.93 -45.93
N ARG C 47 31.59 20.90 -45.42
CA ARG C 47 31.29 20.16 -44.19
C ARG C 47 29.92 19.53 -44.34
N LEU C 48 29.81 18.26 -43.96
CA LEU C 48 28.58 17.49 -44.12
C LEU C 48 27.90 17.35 -42.76
N PRO C 49 26.78 18.03 -42.51
CA PRO C 49 26.09 17.86 -41.22
C PRO C 49 25.28 16.57 -41.20
N CYS C 50 25.58 15.70 -40.25
CA CYS C 50 24.84 14.45 -40.05
C CYS C 50 24.68 14.25 -38.55
N THR C 51 23.45 14.40 -38.07
CA THR C 51 23.14 14.26 -36.66
C THR C 51 21.98 13.30 -36.48
N PHE C 52 22.01 12.55 -35.37
CA PHE C 52 20.99 11.58 -35.05
C PHE C 52 20.68 11.66 -33.56
N ASN C 53 19.46 11.29 -33.20
CA ASN C 53 19.01 11.31 -31.81
C ASN C 53 18.67 9.89 -31.38
N SER C 54 19.36 9.42 -30.34
CA SER C 54 19.11 8.10 -29.77
C SER C 54 19.16 8.22 -28.26
N CYS C 55 18.18 7.62 -27.59
CA CYS C 55 17.99 7.84 -26.16
C CYS C 55 19.16 7.30 -25.34
N TYR C 56 19.95 6.40 -25.90
CA TYR C 56 21.00 5.74 -25.13
C TYR C 56 22.33 6.46 -25.31
N THR C 57 23.06 6.61 -24.20
CA THR C 57 24.38 7.22 -24.26
C THR C 57 25.26 6.45 -25.23
N VAL C 58 25.93 7.17 -26.11
CA VAL C 58 26.77 6.52 -27.12
C VAL C 58 27.92 5.81 -26.42
N ASN C 59 28.14 4.55 -26.76
CA ASN C 59 29.24 3.77 -26.23
C ASN C 59 30.25 3.54 -27.35
N HIS C 60 31.48 3.99 -27.14
CA HIS C 60 32.49 3.90 -28.18
C HIS C 60 32.95 2.48 -28.44
N LYS C 61 32.65 1.55 -27.53
CA LYS C 61 33.04 0.16 -27.71
C LYS C 61 32.02 -0.62 -28.53
N GLN C 62 30.89 -0.01 -28.90
CA GLN C 62 29.82 -0.70 -29.61
C GLN C 62 29.27 0.07 -30.80
N PHE C 63 29.56 1.36 -30.92
CA PHE C 63 29.06 2.16 -32.03
C PHE C 63 29.60 1.62 -33.35
N SER C 64 28.70 1.48 -34.32
CA SER C 64 29.05 1.09 -35.69
C SER C 64 28.63 2.22 -36.63
N LEU C 65 29.56 2.64 -37.49
CA LEU C 65 29.38 3.80 -38.35
C LEU C 65 29.89 3.48 -39.74
N ASN C 66 29.14 3.88 -40.76
CA ASN C 66 29.52 3.68 -42.16
C ASN C 66 29.26 4.96 -42.95
N TRP C 67 30.34 5.68 -43.28
CA TRP C 67 30.29 6.77 -44.25
C TRP C 67 30.56 6.18 -45.62
N THR C 68 29.63 6.37 -46.55
CA THR C 68 29.78 5.87 -47.91
C THR C 68 29.44 6.97 -48.91
N TYR C 69 30.10 6.92 -50.06
CA TYR C 69 29.87 7.86 -51.15
C TYR C 69 29.47 7.07 -52.39
N GLN C 70 28.46 7.58 -53.10
CA GLN C 70 28.01 7.00 -54.36
C GLN C 70 27.84 8.11 -55.38
N GLU C 71 28.19 7.82 -56.64
CA GLU C 71 28.08 8.81 -57.70
C GLU C 71 26.63 9.16 -58.00
N CYS C 72 25.68 8.31 -57.60
CA CYS C 72 24.26 8.54 -57.88
C CYS C 72 23.44 7.65 -56.98
N ASN C 73 22.12 7.79 -57.09
CA ASN C 73 21.22 6.98 -56.27
C ASN C 73 21.36 5.49 -56.59
N ASN C 74 21.49 5.15 -57.87
CA ASN C 74 21.61 3.76 -58.30
C ASN C 74 23.06 3.32 -58.45
N CYS C 75 24.02 4.19 -58.14
CA CYS C 75 25.43 3.85 -58.27
C CYS C 75 25.92 3.12 -57.03
N SER C 76 27.05 2.43 -57.18
CA SER C 76 27.64 1.71 -56.07
C SER C 76 28.16 2.69 -55.02
N GLU C 77 28.01 2.31 -53.75
CA GLU C 77 28.46 3.12 -52.63
C GLU C 77 29.84 2.70 -52.21
N GLU C 78 30.75 3.67 -52.10
CA GLU C 78 32.13 3.43 -51.68
C GLU C 78 32.31 3.93 -50.26
N MET C 79 32.80 3.05 -49.38
CA MET C 79 33.03 3.39 -47.98
C MET C 79 34.36 4.13 -47.89
N PHE C 80 34.36 5.27 -47.21
CA PHE C 80 35.57 6.08 -47.08
C PHE C 80 35.90 6.46 -45.64
N LEU C 81 34.95 6.36 -44.70
CA LEU C 81 35.21 6.63 -43.31
C LEU C 81 34.35 5.73 -42.44
N GLN C 82 34.92 5.20 -41.35
CA GLN C 82 34.25 4.22 -40.52
C GLN C 82 34.69 4.41 -39.07
N PHE C 83 33.80 4.06 -38.14
CA PHE C 83 34.10 4.06 -36.70
C PHE C 83 33.74 2.68 -36.18
N ARG C 84 34.76 1.88 -35.87
CA ARG C 84 34.56 0.62 -35.17
C ARG C 84 34.92 0.78 -33.69
N MET C 85 36.13 1.26 -33.40
CA MET C 85 36.53 1.59 -32.05
C MET C 85 37.11 3.00 -32.00
N LYS C 86 37.72 3.42 -33.10
CA LYS C 86 38.26 4.78 -33.23
C LYS C 86 38.06 5.24 -34.66
N ILE C 87 38.07 6.56 -34.83
CA ILE C 87 37.90 7.14 -36.17
C ILE C 87 39.01 6.62 -37.07
N ILE C 88 38.63 5.87 -38.10
CA ILE C 88 39.56 5.34 -39.08
C ILE C 88 39.12 5.81 -40.45
N ASN C 89 40.02 6.49 -41.16
CA ASN C 89 39.77 6.96 -42.52
C ASN C 89 40.60 6.12 -43.49
N LEU C 90 39.92 5.51 -44.45
CA LEU C 90 40.56 4.58 -45.38
C LEU C 90 41.30 5.29 -46.50
N LYS C 91 41.16 6.61 -46.62
CA LYS C 91 41.95 7.39 -47.56
C LYS C 91 41.82 6.86 -48.98
N LEU C 92 40.60 6.89 -49.51
CA LEU C 92 40.39 6.52 -50.91
C LEU C 92 41.09 7.52 -51.82
N GLU C 93 41.57 7.02 -52.97
CA GLU C 93 42.34 7.87 -53.86
C GLU C 93 41.52 9.04 -54.40
N ARG C 94 40.23 8.82 -54.65
CA ARG C 94 39.40 9.89 -55.20
C ARG C 94 39.22 11.04 -54.22
N PHE C 95 39.48 10.83 -52.93
CA PHE C 95 39.42 11.89 -51.93
C PHE C 95 40.78 12.28 -51.38
N GLN C 96 41.83 11.51 -51.66
CA GLN C 96 43.16 11.80 -51.14
C GLN C 96 43.11 11.92 -49.62
N ASP C 97 43.85 12.88 -49.06
CA ASP C 97 43.84 13.13 -47.62
C ASP C 97 43.00 14.35 -47.26
N ARG C 98 42.06 14.73 -48.11
CA ARG C 98 41.24 15.91 -47.90
C ARG C 98 40.04 15.65 -46.99
N VAL C 99 39.83 14.40 -46.58
CA VAL C 99 38.69 14.07 -45.72
C VAL C 99 39.13 14.09 -44.27
N GLU C 100 38.40 14.84 -43.44
CA GLU C 100 38.68 14.94 -42.01
C GLU C 100 37.38 14.76 -41.23
N PHE C 101 37.46 14.09 -40.09
CA PHE C 101 36.33 14.01 -39.18
C PHE C 101 36.21 15.31 -38.39
N SER C 102 34.98 15.78 -38.22
CA SER C 102 34.75 17.07 -37.57
C SER C 102 33.64 17.01 -36.51
N GLY C 103 33.06 15.84 -36.26
CA GLY C 103 32.02 15.68 -35.28
C GLY C 103 32.53 15.10 -33.98
N ASN C 104 31.59 14.64 -33.16
CA ASN C 104 31.93 13.99 -31.90
C ASN C 104 30.80 13.04 -31.52
N PRO C 105 30.99 11.73 -31.64
CA PRO C 105 29.89 10.81 -31.28
C PRO C 105 29.38 11.00 -29.87
N SER C 106 30.26 11.35 -28.91
CA SER C 106 29.81 11.58 -27.54
C SER C 106 28.68 12.60 -27.51
N LYS C 107 28.80 13.67 -28.30
CA LYS C 107 27.75 14.66 -28.44
C LYS C 107 26.86 14.40 -29.65
N TYR C 108 26.96 13.22 -30.24
CA TYR C 108 26.05 12.75 -31.30
C TYR C 108 26.24 13.49 -32.61
N ASP C 109 27.40 14.12 -32.80
CA ASP C 109 27.73 14.79 -34.05
C ASP C 109 28.74 13.94 -34.80
N VAL C 110 28.37 13.48 -36.00
CA VAL C 110 29.24 12.66 -36.82
C VAL C 110 29.56 13.33 -38.16
N SER C 111 29.51 14.66 -38.18
CA SER C 111 29.73 15.40 -39.41
C SER C 111 31.15 15.20 -39.92
N VAL C 112 31.31 15.30 -41.25
CA VAL C 112 32.60 15.19 -41.90
C VAL C 112 32.91 16.51 -42.59
N MET C 113 34.09 17.06 -42.33
CA MET C 113 34.55 18.28 -42.96
C MET C 113 35.59 17.94 -44.02
N LEU C 114 35.76 18.83 -44.99
CA LEU C 114 36.54 18.58 -46.18
C LEU C 114 37.50 19.74 -46.44
N ARG C 115 38.48 19.49 -47.30
CA ARG C 115 39.36 20.52 -47.82
C ARG C 115 38.95 20.89 -49.24
N ASN C 116 39.55 21.98 -49.74
CA ASN C 116 39.08 22.60 -50.97
C ASN C 116 38.93 21.57 -52.09
N VAL C 117 38.10 21.92 -53.06
CA VAL C 117 37.51 20.94 -53.97
C VAL C 117 37.63 21.39 -55.42
N GLN C 118 37.63 20.41 -56.32
CA GLN C 118 37.33 20.58 -57.73
C GLN C 118 36.02 19.84 -58.05
N PRO C 119 35.31 20.24 -59.10
CA PRO C 119 33.90 19.81 -59.25
C PRO C 119 33.66 18.31 -59.18
N GLU C 120 34.71 17.48 -59.32
CA GLU C 120 34.50 16.04 -59.38
C GLU C 120 33.94 15.47 -58.08
N ASP C 121 34.08 16.17 -56.95
CA ASP C 121 33.57 15.67 -55.69
C ASP C 121 32.05 15.64 -55.62
N GLU C 122 31.36 16.28 -56.55
CA GLU C 122 29.90 16.32 -56.51
C GLU C 122 29.33 14.91 -56.53
N GLY C 123 28.31 14.67 -55.70
CA GLY C 123 27.71 13.37 -55.61
C GLY C 123 26.79 13.26 -54.43
N ILE C 124 26.64 12.04 -53.93
CA ILE C 124 25.75 11.73 -52.80
C ILE C 124 26.59 11.13 -51.69
N TYR C 125 26.37 11.62 -50.46
CA TYR C 125 27.09 11.16 -49.28
C TYR C 125 26.08 10.57 -48.31
N ASN C 126 26.46 9.47 -47.65
CA ASN C 126 25.58 8.76 -46.72
C ASN C 126 26.30 8.51 -45.40
N CYS C 127 25.55 8.59 -44.30
CA CYS C 127 26.07 8.31 -42.97
C CYS C 127 25.12 7.32 -42.29
N TYR C 128 25.45 6.03 -42.37
CA TYR C 128 24.70 4.99 -41.67
C TYR C 128 25.18 4.93 -40.22
N ILE C 129 24.24 4.83 -39.29
CA ILE C 129 24.54 4.88 -37.86
C ILE C 129 23.84 3.72 -37.19
N MET C 130 24.54 3.07 -36.25
CA MET C 130 23.97 2.00 -35.43
C MET C 130 24.50 2.17 -34.01
N ASN C 131 23.60 2.49 -33.08
CA ASN C 131 23.97 2.82 -31.70
C ASN C 131 23.27 1.85 -30.76
N PRO C 132 23.90 0.70 -30.45
CA PRO C 132 23.24 -0.26 -29.59
C PRO C 132 23.12 0.26 -28.17
N PRO C 133 22.18 -0.28 -27.38
CA PRO C 133 21.27 -1.38 -27.68
C PRO C 133 20.07 -0.99 -28.53
N ASP C 134 20.10 0.17 -29.17
CA ASP C 134 19.00 0.55 -30.06
C ASP C 134 18.83 -0.48 -31.16
N ARG C 135 17.57 -0.81 -31.47
CA ARG C 135 17.29 -1.83 -32.47
C ARG C 135 17.45 -1.28 -33.88
N HIS C 136 16.73 -0.21 -34.19
CA HIS C 136 16.61 0.28 -35.55
C HIS C 136 17.94 0.83 -36.07
N ARG C 137 18.09 0.83 -37.39
CA ARG C 137 19.24 1.41 -38.06
C ARG C 137 18.81 2.62 -38.86
N GLY C 138 19.69 3.62 -38.91
CA GLY C 138 19.41 4.88 -39.57
C GLY C 138 20.23 5.08 -40.84
N HIS C 139 19.86 6.13 -41.58
CA HIS C 139 20.57 6.50 -42.79
C HIS C 139 20.20 7.93 -43.16
N GLY C 140 21.19 8.79 -43.26
CA GLY C 140 20.98 10.16 -43.68
C GLY C 140 21.70 10.45 -44.98
N LYS C 141 21.02 11.09 -45.92
CA LYS C 141 21.54 11.32 -47.26
C LYS C 141 21.78 12.80 -47.49
N ILE C 142 22.95 13.14 -48.04
CA ILE C 142 23.30 14.50 -48.40
C ILE C 142 23.70 14.50 -49.87
N HIS C 143 23.13 15.41 -50.64
CA HIS C 143 23.43 15.54 -52.07
C HIS C 143 24.35 16.75 -52.24
N LEU C 144 25.64 16.52 -52.08
CA LEU C 144 26.62 17.59 -52.17
C LEU C 144 26.66 18.16 -53.59
N GLN C 145 26.80 19.48 -53.68
CA GLN C 145 26.90 20.18 -54.94
C GLN C 145 28.07 21.16 -54.88
N VAL C 146 28.84 21.22 -55.97
CA VAL C 146 30.00 22.09 -56.07
C VAL C 146 29.64 23.23 -57.02
N LEU C 147 29.65 24.45 -56.50
CA LEU C 147 29.34 25.63 -57.29
C LEU C 147 30.62 26.23 -57.87
N MET C 148 30.45 27.00 -58.94
CA MET C 148 31.58 27.66 -59.60
C MET C 148 32.15 28.76 -58.72
#